data_2CH2
#
_entry.id   2CH2
#
_cell.length_a   87.940
_cell.length_b   83.747
_cell.length_c   118.655
_cell.angle_alpha   90.00
_cell.angle_beta   100.09
_cell.angle_gamma   90.00
#
_symmetry.space_group_name_H-M   'P 1 21 1'
#
loop_
_entity.id
_entity.type
_entity.pdbx_description
1 polymer '3-HYDROXYKYNURENINE TRANSAMINASE'
2 non-polymer "PYRIDOXAL-5'-PHOSPHATE"
3 non-polymer '4-(2-AMINOPHENYL)-4-OXOBUTANOIC ACID'
4 water water
#
_entity_poly.entity_id   1
_entity_poly.type   'polypeptide(L)'
_entity_poly.pdbx_seq_one_letter_code
;MKFTPPPASLRNPLIIPEKIMMGPGPSNCSKRVLTAMTNTVLSNFHAELFRTMDEVKDGLRYIFQTENRATMCVSGSAHA
GMEAMLSNLLEEGDRVLIAVNGIWAERAVEMSERYGADVRTIEGPPDRPFSLETLARAIELHQPKCLFLTHGDSSSGLLQ
PLEGVGQICHQHDCLLIVDAVASLCGVPFYMDKWEIDAVYTGAQKVLGAPPGITPISISPKALDVIRNRRTKSKVFYWDL
LLLGNYWGCYDEPKRYHHTVASNLIFALREALAQIAEEGLENQIKRRIECAQILYEGLGKMGLDIFVKDPRHRLPTVTGI
MIPKGVDWWKVSQYAMNNFSLEVQGGLGPTFGKAWRVGIMGECSTVQKIQFYLYGFKESLKATHPDYIFEESNGFH
;
_entity_poly.pdbx_strand_id   A,B,C,D
#
loop_
_chem_comp.id
_chem_comp.type
_chem_comp.name
_chem_comp.formula
KY1 non-polymer '4-(2-AMINOPHENYL)-4-OXOBUTANOIC ACID' 'C10 H11 N O3'
PLP non-polymer PYRIDOXAL-5'-PHOSPHATE 'C8 H10 N O6 P'
#
# COMPACT_ATOMS: atom_id res chain seq x y z
N PHE A 3 -43.34 -10.02 21.77
CA PHE A 3 -43.28 -8.88 20.78
C PHE A 3 -44.51 -7.96 20.81
N THR A 4 -44.34 -6.76 21.39
CA THR A 4 -45.45 -5.77 21.48
C THR A 4 -45.85 -5.30 20.08
N PRO A 5 -47.16 -5.34 19.77
CA PRO A 5 -47.76 -5.26 18.43
C PRO A 5 -47.23 -4.22 17.43
N PRO A 6 -47.27 -4.55 16.11
CA PRO A 6 -46.88 -3.63 15.02
C PRO A 6 -47.80 -2.41 15.03
N PRO A 7 -47.30 -1.21 14.66
CA PRO A 7 -48.18 -0.04 14.67
C PRO A 7 -49.12 -0.03 13.46
N ALA A 8 -50.30 0.56 13.65
CA ALA A 8 -51.35 0.53 12.64
C ALA A 8 -51.02 1.46 11.49
N SER A 9 -50.39 2.59 11.82
CA SER A 9 -49.98 3.59 10.80
C SER A 9 -49.28 3.00 9.57
N LEU A 10 -48.50 1.94 9.77
CA LEU A 10 -47.77 1.32 8.68
C LEU A 10 -48.63 0.47 7.73
N ARG A 11 -49.89 0.33 8.02
CA ARG A 11 -50.68 -0.54 7.18
C ARG A 11 -51.26 0.15 5.94
N ASN A 12 -51.33 1.47 5.93
CA ASN A 12 -51.74 2.17 4.73
C ASN A 12 -50.60 2.29 3.76
N PRO A 13 -50.91 2.30 2.45
CA PRO A 13 -49.84 2.59 1.49
C PRO A 13 -49.29 4.01 1.65
N LEU A 14 -48.05 4.18 1.21
CA LEU A 14 -47.41 5.48 1.19
C LEU A 14 -47.90 6.24 -0.03
N ILE A 15 -48.46 7.42 0.22
CA ILE A 15 -48.91 8.27 -0.88
C ILE A 15 -48.29 9.66 -0.76
N ILE A 16 -47.42 9.97 -1.72
CA ILE A 16 -46.77 11.25 -1.77
C ILE A 16 -47.21 11.97 -3.01
N PRO A 17 -47.91 13.08 -2.82
CA PRO A 17 -48.47 13.85 -3.94
C PRO A 17 -47.40 14.59 -4.75
N GLU A 18 -47.69 14.91 -6.00
CA GLU A 18 -46.77 15.71 -6.77
C GLU A 18 -46.92 17.15 -6.40
N LYS A 19 -45.79 17.83 -6.32
CA LYS A 19 -45.79 19.22 -5.92
C LYS A 19 -44.93 20.06 -6.88
N ILE A 20 -45.26 21.32 -7.01
CA ILE A 20 -44.41 22.22 -7.79
C ILE A 20 -43.49 22.92 -6.82
N MET A 21 -42.28 22.41 -6.72
CA MET A 21 -41.38 22.81 -5.63
C MET A 21 -40.56 24.03 -5.99
N MET A 22 -41.15 25.20 -5.75
CA MET A 22 -40.55 26.46 -6.11
C MET A 22 -40.23 27.34 -4.92
N GLY A 23 -39.88 26.68 -3.81
CA GLY A 23 -39.31 27.33 -2.68
C GLY A 23 -37.83 27.38 -2.97
N PRO A 24 -37.05 27.86 -2.03
CA PRO A 24 -35.63 27.83 -2.21
C PRO A 24 -35.07 26.51 -1.74
N GLY A 25 -35.79 25.42 -2.01
CA GLY A 25 -35.30 24.07 -1.72
C GLY A 25 -36.23 23.30 -0.83
N PRO A 26 -36.36 21.98 -1.03
CA PRO A 26 -35.72 21.25 -2.13
C PRO A 26 -36.43 21.49 -3.46
N SER A 27 -35.74 21.23 -4.54
CA SER A 27 -36.32 21.49 -5.83
C SER A 27 -36.85 20.21 -6.47
N ASN A 28 -37.57 20.35 -7.57
CA ASN A 28 -38.00 19.22 -8.32
C ASN A 28 -36.84 18.56 -9.07
N CYS A 29 -36.70 17.27 -8.88
CA CYS A 29 -35.74 16.45 -9.60
C CYS A 29 -36.40 15.98 -10.87
N SER A 30 -35.64 15.90 -11.97
CA SER A 30 -36.19 15.31 -13.18
C SER A 30 -36.55 13.86 -12.88
N LYS A 31 -37.44 13.32 -13.70
CA LYS A 31 -37.79 11.89 -13.67
C LYS A 31 -36.55 11.00 -13.82
N ARG A 32 -35.60 11.41 -14.65
CA ARG A 32 -34.41 10.63 -14.87
C ARG A 32 -33.57 10.50 -13.59
N VAL A 33 -33.41 11.62 -12.90
CA VAL A 33 -32.67 11.67 -11.68
C VAL A 33 -33.38 10.82 -10.63
N LEU A 34 -34.68 11.04 -10.45
CA LEU A 34 -35.44 10.25 -9.51
C LEU A 34 -35.35 8.76 -9.79
N THR A 35 -35.54 8.32 -11.02
CA THR A 35 -35.50 6.88 -11.23
C THR A 35 -34.13 6.23 -11.09
N ALA A 36 -33.06 6.99 -11.28
CA ALA A 36 -31.68 6.51 -11.02
C ALA A 36 -31.55 5.99 -9.62
N MET A 37 -32.41 6.44 -8.74
CA MET A 37 -32.29 5.98 -7.37
C MET A 37 -32.74 4.59 -7.25
N THR A 38 -33.55 4.10 -8.18
CA THR A 38 -34.07 2.75 -8.02
C THR A 38 -33.13 1.65 -8.49
N ASN A 39 -31.87 2.00 -8.79
CA ASN A 39 -30.87 1.03 -9.19
C ASN A 39 -30.44 0.24 -7.98
N THR A 40 -29.79 -0.90 -8.21
CA THR A 40 -29.27 -1.75 -7.13
C THR A 40 -28.27 -1.04 -6.20
N VAL A 41 -28.48 -1.13 -4.89
CA VAL A 41 -27.53 -0.66 -3.90
C VAL A 41 -26.26 -1.48 -4.05
N LEU A 42 -25.11 -0.82 -4.17
CA LEU A 42 -23.88 -1.56 -4.46
C LEU A 42 -23.01 -1.61 -3.26
N SER A 43 -22.13 -2.60 -3.24
CA SER A 43 -21.15 -2.76 -2.17
C SER A 43 -20.16 -1.64 -2.31
N ASN A 44 -19.55 -1.26 -1.20
CA ASN A 44 -18.56 -0.18 -1.24
C ASN A 44 -17.37 -0.39 -2.18
N PHE A 45 -17.09 -1.64 -2.50
CA PHE A 45 -16.01 -1.92 -3.44
C PHE A 45 -16.36 -2.43 -4.82
N HIS A 46 -17.65 -2.41 -5.18
CA HIS A 46 -18.02 -2.75 -6.55
C HIS A 46 -17.38 -1.81 -7.54
N ALA A 47 -16.77 -2.36 -8.59
CA ALA A 47 -16.24 -1.55 -9.68
C ALA A 47 -17.20 -0.44 -10.17
N GLU A 48 -18.49 -0.74 -10.22
CA GLU A 48 -19.47 0.15 -10.90
C GLU A 48 -19.85 1.30 -9.98
N LEU A 49 -19.79 1.09 -8.68
CA LEU A 49 -19.82 2.25 -7.76
C LEU A 49 -18.62 3.19 -7.94
N PHE A 50 -17.40 2.64 -7.92
CA PHE A 50 -16.20 3.47 -8.18
C PHE A 50 -16.26 4.21 -9.51
N ARG A 51 -16.72 3.52 -10.56
CA ARG A 51 -16.86 4.13 -11.87
C ARG A 51 -17.77 5.34 -11.71
N THR A 52 -18.87 5.16 -10.99
CA THR A 52 -19.88 6.18 -10.90
C THR A 52 -19.39 7.33 -10.09
N MET A 53 -18.73 6.99 -8.99
CA MET A 53 -18.06 7.95 -8.14
C MET A 53 -17.07 8.80 -8.88
N ASP A 54 -16.43 8.24 -9.90
CA ASP A 54 -15.47 9.03 -10.66
C ASP A 54 -16.15 10.01 -11.60
N GLU A 55 -17.18 9.52 -12.30
CA GLU A 55 -18.03 10.39 -13.11
C GLU A 55 -18.56 11.55 -12.28
N VAL A 56 -18.92 11.26 -11.04
CA VAL A 56 -19.36 12.34 -10.12
C VAL A 56 -18.27 13.38 -9.85
N LYS A 57 -17.06 12.92 -9.52
CA LYS A 57 -15.92 13.83 -9.30
C LYS A 57 -15.64 14.70 -10.52
N ASP A 58 -15.70 14.11 -11.71
CA ASP A 58 -15.54 14.89 -12.93
C ASP A 58 -16.65 15.92 -13.04
N GLY A 59 -17.90 15.50 -12.84
CA GLY A 59 -19.02 16.46 -12.84
C GLY A 59 -18.90 17.58 -11.79
N LEU A 60 -18.38 17.25 -10.61
CA LEU A 60 -18.08 18.25 -9.61
C LEU A 60 -17.02 19.26 -10.06
N ARG A 61 -15.91 18.77 -10.61
CA ARG A 61 -14.89 19.69 -11.13
C ARG A 61 -15.45 20.62 -12.17
N TYR A 62 -16.36 20.11 -13.00
CA TYR A 62 -17.04 20.94 -13.98
C TYR A 62 -17.88 21.99 -13.32
N ILE A 63 -18.76 21.62 -12.40
CA ILE A 63 -19.60 22.65 -11.81
C ILE A 63 -18.86 23.61 -10.89
N PHE A 64 -17.91 23.11 -10.11
CA PHE A 64 -17.10 23.98 -9.25
C PHE A 64 -16.06 24.84 -10.03
N GLN A 65 -15.72 24.36 -11.25
CA GLN A 65 -14.67 24.91 -12.11
C GLN A 65 -13.32 24.89 -11.40
N THR A 66 -12.89 23.70 -11.00
CA THR A 66 -11.66 23.47 -10.29
C THR A 66 -11.00 22.26 -10.90
N GLU A 67 -9.70 22.11 -10.59
CA GLU A 67 -9.00 20.90 -10.95
C GLU A 67 -8.59 20.11 -9.74
N ASN A 68 -9.11 20.51 -8.59
CA ASN A 68 -8.77 19.89 -7.34
C ASN A 68 -8.90 18.39 -7.41
N ARG A 69 -7.86 17.68 -6.98
CA ARG A 69 -7.96 16.25 -6.86
C ARG A 69 -8.81 15.91 -5.66
N ALA A 70 -8.76 16.73 -4.62
CA ALA A 70 -9.58 16.49 -3.43
C ALA A 70 -11.02 17.06 -3.62
N THR A 71 -11.73 16.48 -4.59
CA THR A 71 -13.12 16.75 -4.85
C THR A 71 -13.86 15.47 -4.57
N MET A 72 -14.92 15.57 -3.78
CA MET A 72 -15.62 14.39 -3.29
C MET A 72 -17.02 14.73 -2.74
N CYS A 73 -17.67 13.81 -2.04
CA CYS A 73 -18.91 14.11 -1.38
C CYS A 73 -18.86 13.76 0.06
N VAL A 74 -19.42 14.60 0.92
CA VAL A 74 -19.76 14.19 2.28
C VAL A 74 -21.09 13.44 2.31
N SER A 75 -21.20 12.44 3.15
CA SER A 75 -22.46 11.73 3.27
C SER A 75 -23.36 12.38 4.34
N GLY A 76 -24.03 13.46 3.95
CA GLY A 76 -25.01 14.13 4.77
C GLY A 76 -25.53 15.32 3.99
N SER A 77 -26.41 16.13 4.57
CA SER A 77 -26.96 17.24 3.84
C SER A 77 -25.95 18.40 3.91
N ALA A 78 -26.25 19.56 3.35
CA ALA A 78 -25.24 20.60 3.17
C ALA A 78 -24.64 21.02 4.50
N HIS A 79 -25.43 21.07 5.55
CA HIS A 79 -24.87 21.33 6.86
C HIS A 79 -23.63 20.48 7.08
N ALA A 80 -23.64 19.25 6.57
CA ALA A 80 -22.58 18.31 6.86
C ALA A 80 -21.33 18.70 6.09
N GLY A 81 -21.50 19.34 4.95
CA GLY A 81 -20.38 19.90 4.25
C GLY A 81 -19.80 21.04 5.07
N MET A 82 -20.67 21.85 5.67
CA MET A 82 -20.22 22.93 6.56
C MET A 82 -19.46 22.35 7.76
N GLU A 83 -20.02 21.32 8.39
CA GLU A 83 -19.39 20.70 9.51
C GLU A 83 -18.02 20.25 9.04
N ALA A 84 -17.97 19.65 7.87
CA ALA A 84 -16.75 19.00 7.43
C ALA A 84 -15.63 20.03 7.28
N MET A 85 -15.91 21.11 6.57
CA MET A 85 -14.92 22.15 6.38
C MET A 85 -14.39 22.60 7.71
N LEU A 86 -15.29 22.89 8.64
CA LEU A 86 -14.88 23.44 9.92
C LEU A 86 -14.13 22.45 10.78
N SER A 87 -14.51 21.19 10.82
CA SER A 87 -13.77 20.28 11.69
C SER A 87 -12.40 19.94 11.07
N ASN A 88 -12.31 19.93 9.76
CA ASN A 88 -11.07 19.55 9.18
C ASN A 88 -10.09 20.69 9.20
N LEU A 89 -10.56 21.91 8.98
CA LEU A 89 -9.66 23.01 8.84
C LEU A 89 -9.35 23.73 10.12
N LEU A 90 -10.02 23.39 11.21
CA LEU A 90 -9.74 24.10 12.48
C LEU A 90 -9.31 23.19 13.61
N GLU A 91 -8.33 23.65 14.39
CA GLU A 91 -7.94 23.00 15.65
C GLU A 91 -8.33 23.90 16.77
N GLU A 92 -8.42 23.35 17.98
CA GLU A 92 -8.79 24.10 19.17
C GLU A 92 -7.97 25.39 19.24
N GLY A 93 -8.67 26.51 19.42
CA GLY A 93 -7.97 27.76 19.58
C GLY A 93 -7.66 28.50 18.29
N ASP A 94 -7.78 27.84 17.13
CA ASP A 94 -7.57 28.55 15.85
C ASP A 94 -8.57 29.68 15.64
N ARG A 95 -8.13 30.75 15.01
CA ARG A 95 -8.99 31.88 14.74
C ARG A 95 -9.67 31.72 13.40
N VAL A 96 -11.01 31.78 13.43
CA VAL A 96 -11.84 31.76 12.22
C VAL A 96 -12.67 33.03 12.13
N LEU A 97 -12.59 33.67 10.98
CA LEU A 97 -13.38 34.82 10.67
C LEU A 97 -14.64 34.43 9.90
N ILE A 98 -15.80 34.72 10.46
CA ILE A 98 -17.05 34.52 9.77
C ILE A 98 -17.72 35.85 9.58
N ALA A 99 -18.01 36.20 8.33
CA ALA A 99 -18.84 37.37 8.06
C ALA A 99 -20.32 36.99 8.17
N VAL A 100 -21.03 37.54 9.16
CA VAL A 100 -22.39 37.13 9.44
C VAL A 100 -23.42 38.13 8.97
N ASN A 101 -24.25 37.72 8.03
CA ASN A 101 -25.42 38.52 7.62
C ASN A 101 -26.58 37.66 7.13
N GLY A 102 -26.61 36.40 7.52
CA GLY A 102 -27.66 35.51 7.10
C GLY A 102 -27.69 34.31 8.02
N ILE A 103 -28.59 33.38 7.80
CA ILE A 103 -28.67 32.30 8.76
C ILE A 103 -27.49 31.32 8.66
N TRP A 104 -26.90 31.17 7.49
CA TRP A 104 -25.89 30.13 7.28
C TRP A 104 -24.58 30.44 7.98
N ALA A 105 -24.20 31.70 7.95
CA ALA A 105 -23.04 32.17 8.63
C ALA A 105 -23.25 32.03 10.12
N GLU A 106 -24.49 32.17 10.57
CA GLU A 106 -24.78 31.94 11.95
C GLU A 106 -24.57 30.51 12.34
N ARG A 107 -24.96 29.59 11.47
CA ARG A 107 -24.77 28.17 11.69
C ARG A 107 -23.29 27.83 11.73
N ALA A 108 -22.52 28.46 10.87
CA ALA A 108 -21.06 28.29 10.85
C ALA A 108 -20.42 28.79 12.16
N VAL A 109 -20.94 29.90 12.69
CA VAL A 109 -20.61 30.37 14.05
C VAL A 109 -20.91 29.28 15.07
N GLU A 110 -22.12 28.76 15.04
CA GLU A 110 -22.47 27.74 16.01
C GLU A 110 -21.52 26.52 15.92
N MET A 111 -21.10 26.15 14.71
CA MET A 111 -20.32 24.93 14.54
C MET A 111 -18.88 25.17 14.98
N SER A 112 -18.34 26.32 14.63
CA SER A 112 -17.01 26.65 14.99
C SER A 112 -16.85 26.75 16.49
N GLU A 113 -17.85 27.30 17.17
CA GLU A 113 -17.78 27.37 18.62
C GLU A 113 -17.65 25.97 19.17
N ARG A 114 -18.51 25.07 18.70
CA ARG A 114 -18.55 23.69 19.21
C ARG A 114 -17.24 22.95 18.96
N TYR A 115 -16.59 23.25 17.86
CA TYR A 115 -15.31 22.64 17.56
C TYR A 115 -14.15 23.29 18.35
N GLY A 116 -14.45 24.30 19.16
CA GLY A 116 -13.50 24.88 20.07
C GLY A 116 -12.59 25.88 19.38
N ALA A 117 -13.01 26.39 18.25
CA ALA A 117 -12.30 27.49 17.61
C ALA A 117 -12.55 28.79 18.37
N ASP A 118 -11.76 29.80 18.05
CA ASP A 118 -11.94 31.13 18.58
C ASP A 118 -12.58 31.96 17.46
N VAL A 119 -13.87 32.26 17.64
CA VAL A 119 -14.64 32.78 16.54
C VAL A 119 -14.63 34.30 16.51
N ARG A 120 -14.23 34.87 15.38
CA ARG A 120 -14.33 36.27 15.15
C ARG A 120 -15.38 36.53 14.07
N THR A 121 -16.22 37.53 14.28
CA THR A 121 -17.27 37.83 13.31
C THR A 121 -17.26 39.28 12.89
N ILE A 122 -17.91 39.58 11.78
CA ILE A 122 -18.28 40.96 11.49
C ILE A 122 -19.72 40.92 11.04
N GLU A 123 -20.52 41.85 11.56
CA GLU A 123 -21.93 42.00 11.19
C GLU A 123 -22.12 42.76 9.89
N GLY A 124 -23.21 42.47 9.20
CA GLY A 124 -23.54 43.12 7.95
C GLY A 124 -25.03 43.15 7.83
N PRO A 125 -25.55 44.12 7.07
CA PRO A 125 -27.00 44.11 6.88
C PRO A 125 -27.37 42.89 6.03
N PRO A 126 -28.52 42.27 6.31
CA PRO A 126 -28.92 41.08 5.56
C PRO A 126 -29.11 41.31 4.05
N ASP A 127 -29.28 42.56 3.64
CA ASP A 127 -29.63 42.88 2.26
C ASP A 127 -28.52 43.57 1.47
N ARG A 128 -27.30 43.57 1.99
CA ARG A 128 -26.20 44.26 1.33
C ARG A 128 -24.95 43.41 1.54
N PRO A 129 -24.19 43.15 0.48
CA PRO A 129 -23.02 42.31 0.62
C PRO A 129 -21.92 43.00 1.38
N PHE A 130 -20.93 42.23 1.82
CA PHE A 130 -19.73 42.75 2.48
C PHE A 130 -18.78 43.16 1.40
N SER A 131 -18.27 44.38 1.51
CA SER A 131 -17.37 44.95 0.52
C SER A 131 -15.98 44.34 0.67
N LEU A 132 -15.21 44.38 -0.41
CA LEU A 132 -13.84 43.93 -0.39
C LEU A 132 -13.04 44.57 0.73
N GLU A 133 -13.18 45.89 0.90
CA GLU A 133 -12.45 46.64 1.92
C GLU A 133 -12.88 46.21 3.31
N THR A 134 -14.19 46.08 3.53
CA THR A 134 -14.67 45.61 4.84
C THR A 134 -14.00 44.28 5.21
N LEU A 135 -13.93 43.34 4.26
CA LEU A 135 -13.39 42.01 4.51
C LEU A 135 -11.90 42.07 4.74
N ALA A 136 -11.20 42.81 3.86
CA ALA A 136 -9.76 43.00 3.93
C ALA A 136 -9.37 43.55 5.27
N ARG A 137 -10.11 44.56 5.71
CA ARG A 137 -9.89 45.18 7.03
C ARG A 137 -10.04 44.21 8.20
N ALA A 138 -11.10 43.42 8.15
CA ALA A 138 -11.37 42.37 9.12
C ALA A 138 -10.30 41.27 9.15
N ILE A 139 -9.76 40.91 7.99
CA ILE A 139 -8.71 39.91 7.93
C ILE A 139 -7.43 40.40 8.62
N GLU A 140 -6.94 41.59 8.22
CA GLU A 140 -5.82 42.26 8.91
C GLU A 140 -6.06 42.35 10.41
N LEU A 141 -7.25 42.77 10.80
CA LEU A 141 -7.55 42.92 12.19
C LEU A 141 -7.40 41.62 12.96
N HIS A 142 -7.91 40.53 12.41
CA HIS A 142 -8.00 39.26 13.17
C HIS A 142 -6.99 38.17 12.84
N GLN A 143 -6.18 38.33 11.80
CA GLN A 143 -5.22 37.27 11.43
C GLN A 143 -5.82 35.85 11.50
N PRO A 144 -6.94 35.62 10.75
CA PRO A 144 -7.60 34.34 10.93
C PRO A 144 -6.91 33.22 10.18
N LYS A 145 -7.23 31.98 10.53
CA LYS A 145 -6.81 30.84 9.75
C LYS A 145 -7.74 30.64 8.57
N CYS A 146 -9.04 30.81 8.79
CA CYS A 146 -10.07 30.71 7.74
C CYS A 146 -11.03 31.85 7.73
N LEU A 147 -11.47 32.22 6.55
CA LEU A 147 -12.58 33.11 6.40
C LEU A 147 -13.70 32.29 5.82
N PHE A 148 -14.88 32.41 6.41
CA PHE A 148 -16.07 31.75 5.87
C PHE A 148 -17.01 32.77 5.22
N LEU A 149 -17.33 32.60 3.94
CA LEU A 149 -18.38 33.42 3.34
C LEU A 149 -19.53 32.62 2.75
N THR A 150 -20.75 33.06 3.00
CA THR A 150 -21.89 32.55 2.25
C THR A 150 -21.79 33.20 0.87
N HIS A 151 -21.87 32.43 -0.19
CA HIS A 151 -21.91 33.03 -1.52
C HIS A 151 -23.34 33.49 -1.83
N GLY A 152 -24.23 32.54 -2.07
CA GLY A 152 -25.62 32.87 -2.26
C GLY A 152 -26.36 32.53 -1.00
N ASP A 153 -27.05 33.50 -0.43
CA ASP A 153 -27.82 33.28 0.80
C ASP A 153 -29.29 33.03 0.56
N SER A 154 -29.74 31.80 0.83
CA SER A 154 -31.12 31.46 0.59
C SER A 154 -32.06 31.97 1.64
N SER A 155 -31.53 32.59 2.69
CA SER A 155 -32.41 33.22 3.67
C SER A 155 -32.81 34.66 3.32
N SER A 156 -32.11 35.26 2.36
CA SER A 156 -32.30 36.66 1.98
C SER A 156 -32.50 36.87 0.49
N GLY A 157 -31.78 36.09 -0.32
CA GLY A 157 -31.71 36.32 -1.76
C GLY A 157 -30.50 37.17 -2.13
N LEU A 158 -29.56 37.31 -1.19
CA LEU A 158 -28.37 38.11 -1.39
C LEU A 158 -27.24 37.34 -2.03
N LEU A 159 -26.62 37.89 -3.07
CA LEU A 159 -25.46 37.26 -3.68
C LEU A 159 -24.20 38.05 -3.36
N GLN A 160 -23.27 37.40 -2.69
CA GLN A 160 -22.01 38.00 -2.23
C GLN A 160 -20.89 37.90 -3.31
N PRO A 161 -20.42 39.04 -3.85
CA PRO A 161 -19.31 38.98 -4.80
C PRO A 161 -18.08 38.35 -4.16
N LEU A 162 -17.29 37.62 -4.95
CA LEU A 162 -16.16 36.88 -4.38
C LEU A 162 -14.82 37.21 -5.02
N GLU A 163 -14.85 37.89 -6.15
CA GLU A 163 -13.65 38.25 -6.90
C GLU A 163 -12.74 39.04 -5.94
N GLY A 164 -11.47 38.63 -5.87
CA GLY A 164 -10.49 39.37 -5.10
C GLY A 164 -10.33 38.93 -3.67
N VAL A 165 -11.38 38.27 -3.13
CA VAL A 165 -11.41 37.84 -1.72
C VAL A 165 -10.36 36.80 -1.37
N GLY A 166 -10.18 35.81 -2.22
CA GLY A 166 -9.23 34.75 -1.96
C GLY A 166 -7.80 35.24 -1.92
N GLN A 167 -7.50 36.08 -2.89
CA GLN A 167 -6.20 36.67 -3.05
C GLN A 167 -5.74 37.38 -1.80
N ILE A 168 -6.67 38.10 -1.18
CA ILE A 168 -6.44 38.80 0.06
C ILE A 168 -6.17 37.80 1.17
N CYS A 169 -6.97 36.75 1.24
CA CYS A 169 -6.78 35.76 2.26
C CYS A 169 -5.44 35.13 2.11
N HIS A 170 -4.99 34.95 0.88
CA HIS A 170 -3.73 34.27 0.64
C HIS A 170 -2.54 35.10 1.11
N GLN A 171 -2.59 36.41 0.84
CA GLN A 171 -1.62 37.35 1.37
C GLN A 171 -1.47 37.27 2.88
N HIS A 172 -2.55 37.04 3.61
CA HIS A 172 -2.47 36.98 5.06
C HIS A 172 -2.50 35.58 5.60
N ASP A 173 -2.16 34.63 4.75
CA ASP A 173 -2.07 33.22 5.15
C ASP A 173 -3.37 32.63 5.70
N CYS A 174 -4.46 32.89 4.98
CA CYS A 174 -5.77 32.52 5.44
C CYS A 174 -6.43 31.66 4.35
N LEU A 175 -7.20 30.64 4.73
CA LEU A 175 -7.97 29.86 3.76
C LEU A 175 -9.31 30.53 3.49
N LEU A 176 -9.76 30.50 2.24
CA LEU A 176 -11.11 30.96 1.94
C LEU A 176 -12.10 29.79 1.84
N ILE A 177 -13.07 29.73 2.76
CA ILE A 177 -14.17 28.75 2.73
C ILE A 177 -15.45 29.41 2.23
N VAL A 178 -16.05 28.88 1.19
CA VAL A 178 -17.25 29.43 0.60
C VAL A 178 -18.40 28.42 0.65
N ASP A 179 -19.58 28.90 1.02
CA ASP A 179 -20.79 28.10 0.94
C ASP A 179 -21.50 28.46 -0.38
N ALA A 180 -21.40 27.56 -1.36
CA ALA A 180 -22.11 27.79 -2.62
C ALA A 180 -23.41 26.95 -2.74
N VAL A 181 -24.03 26.58 -1.62
CA VAL A 181 -25.21 25.73 -1.68
C VAL A 181 -26.34 26.29 -2.57
N ALA A 182 -26.52 27.59 -2.59
CA ALA A 182 -27.64 28.13 -3.30
C ALA A 182 -27.30 28.82 -4.60
N SER A 183 -26.00 28.99 -4.87
CA SER A 183 -25.54 29.73 -6.04
C SER A 183 -25.12 28.85 -7.19
N LEU A 184 -24.46 27.75 -6.89
CA LEU A 184 -23.83 26.99 -7.94
C LEU A 184 -24.85 26.58 -9.00
N CYS A 185 -24.50 26.79 -10.28
CA CYS A 185 -25.31 26.52 -11.48
C CYS A 185 -26.37 27.53 -11.68
N GLY A 186 -26.35 28.55 -10.84
CA GLY A 186 -27.29 29.64 -10.98
C GLY A 186 -26.60 30.95 -11.27
N VAL A 187 -25.34 31.06 -10.87
CA VAL A 187 -24.52 32.22 -11.18
C VAL A 187 -23.11 31.73 -11.56
N PRO A 188 -22.33 32.54 -12.32
CA PRO A 188 -20.98 32.04 -12.60
C PRO A 188 -20.26 31.75 -11.32
N PHE A 189 -19.46 30.69 -11.29
CA PHE A 189 -18.63 30.40 -10.15
C PHE A 189 -17.33 29.76 -10.59
N TYR A 190 -16.21 30.32 -10.16
CA TYR A 190 -14.90 29.78 -10.55
C TYR A 190 -14.05 29.49 -9.35
N MET A 191 -14.15 28.30 -8.81
CA MET A 191 -13.37 27.99 -7.63
C MET A 191 -11.88 28.38 -7.75
N ASP A 192 -11.22 28.00 -8.84
CA ASP A 192 -9.77 28.24 -8.98
C ASP A 192 -9.43 29.69 -9.33
N LYS A 193 -10.03 30.25 -10.38
CA LYS A 193 -9.80 31.65 -10.72
C LYS A 193 -9.98 32.56 -9.51
N TRP A 194 -11.01 32.32 -8.69
CA TRP A 194 -11.32 33.16 -7.54
C TRP A 194 -10.52 32.75 -6.31
N GLU A 195 -9.65 31.75 -6.48
CA GLU A 195 -8.64 31.43 -5.45
C GLU A 195 -9.27 30.96 -4.13
N ILE A 196 -10.32 30.15 -4.24
CA ILE A 196 -11.08 29.66 -3.11
C ILE A 196 -10.50 28.30 -2.70
N ASP A 197 -10.39 28.04 -1.41
CA ASP A 197 -9.73 26.81 -0.94
C ASP A 197 -10.66 25.66 -0.52
N ALA A 198 -11.90 25.99 -0.20
CA ALA A 198 -12.81 24.97 0.26
C ALA A 198 -14.17 25.47 -0.14
N VAL A 199 -14.98 24.63 -0.79
CA VAL A 199 -16.37 24.97 -1.19
C VAL A 199 -17.30 23.77 -0.99
N TYR A 200 -18.56 24.00 -0.72
CA TYR A 200 -19.53 22.90 -0.82
C TYR A 200 -20.79 23.41 -1.53
N THR A 201 -21.54 22.53 -2.18
CA THR A 201 -22.94 22.85 -2.51
C THR A 201 -23.89 21.83 -1.92
N GLY A 202 -25.16 21.99 -2.25
CA GLY A 202 -26.14 21.00 -1.93
C GLY A 202 -26.74 20.37 -3.16
N ALA A 203 -27.14 19.11 -3.00
CA ALA A 203 -27.88 18.36 -4.02
C ALA A 203 -29.21 18.99 -4.38
N GLN A 204 -29.99 19.36 -3.38
CA GLN A 204 -31.41 19.58 -3.57
C GLN A 204 -31.77 21.02 -3.87
N LYS A 205 -30.76 21.87 -4.04
CA LYS A 205 -30.98 23.21 -4.45
C LYS A 205 -30.89 23.25 -5.97
N VAL A 206 -29.97 24.03 -6.53
CA VAL A 206 -30.02 24.33 -7.95
C VAL A 206 -29.90 23.11 -8.85
N LEU A 207 -29.14 22.10 -8.41
CA LEU A 207 -28.88 20.89 -9.21
C LEU A 207 -30.04 20.00 -9.52
N GLY A 208 -31.06 19.98 -8.67
CA GLY A 208 -32.21 19.10 -8.86
C GLY A 208 -31.83 17.65 -8.60
N ALA A 209 -31.11 17.45 -7.49
CA ALA A 209 -30.73 16.12 -7.02
C ALA A 209 -31.34 15.94 -5.65
N PRO A 210 -31.61 14.67 -5.27
CA PRO A 210 -32.27 14.44 -3.99
C PRO A 210 -31.32 14.70 -2.86
N PRO A 211 -31.84 15.17 -1.71
CA PRO A 211 -31.01 15.54 -0.55
C PRO A 211 -30.31 14.40 0.17
N GLY A 212 -29.25 14.72 0.89
CA GLY A 212 -28.57 13.71 1.71
C GLY A 212 -27.10 13.47 1.39
N ILE A 213 -26.62 14.14 0.34
CA ILE A 213 -25.24 14.00 -0.08
C ILE A 213 -24.69 15.34 -0.55
N THR A 214 -23.45 15.62 -0.17
CA THR A 214 -22.97 16.98 -0.28
C THR A 214 -21.66 17.04 -1.03
N PRO A 215 -21.69 17.57 -2.25
CA PRO A 215 -20.43 17.75 -2.97
C PRO A 215 -19.55 18.82 -2.34
N ILE A 216 -18.27 18.51 -2.16
CA ILE A 216 -17.31 19.47 -1.66
C ILE A 216 -16.04 19.39 -2.49
N SER A 217 -15.21 20.40 -2.36
CA SER A 217 -13.87 20.38 -2.95
C SER A 217 -12.89 21.16 -2.08
N ILE A 218 -11.69 20.61 -1.85
CA ILE A 218 -10.64 21.43 -1.23
C ILE A 218 -9.38 21.58 -2.08
N SER A 219 -8.72 22.73 -1.95
CA SER A 219 -7.51 23.08 -2.69
C SER A 219 -6.32 22.32 -2.11
N PRO A 220 -5.20 22.26 -2.87
CA PRO A 220 -3.97 21.61 -2.41
C PRO A 220 -3.46 22.30 -1.16
N LYS A 221 -3.68 23.60 -1.11
CA LYS A 221 -3.37 24.44 0.01
C LYS A 221 -4.17 24.02 1.25
N ALA A 222 -5.48 23.79 1.09
CA ALA A 222 -6.30 23.41 2.22
C ALA A 222 -6.02 21.97 2.59
N LEU A 223 -5.78 21.16 1.58
CA LEU A 223 -5.51 19.76 1.83
C LEU A 223 -4.28 19.58 2.73
N ASP A 224 -3.27 20.40 2.41
CA ASP A 224 -2.06 20.47 3.17
C ASP A 224 -2.26 20.95 4.60
N VAL A 225 -3.03 22.03 4.83
CA VAL A 225 -3.39 22.39 6.22
C VAL A 225 -3.92 21.21 7.03
N ILE A 226 -4.69 20.34 6.39
CA ILE A 226 -5.28 19.21 7.09
C ILE A 226 -4.22 18.17 7.38
N ARG A 227 -3.33 17.95 6.42
CA ARG A 227 -2.23 16.99 6.62
C ARG A 227 -1.31 17.41 7.75
N ASN A 228 -1.21 18.72 8.02
CA ASN A 228 -0.33 19.22 9.06
C ASN A 228 -0.94 19.61 10.39
N ARG A 229 -2.12 19.05 10.72
CA ARG A 229 -2.73 19.26 12.01
C ARG A 229 -1.87 18.58 13.04
N ARG A 230 -1.80 19.15 14.24
CA ARG A 230 -1.16 18.50 15.39
C ARG A 230 -2.09 17.46 16.08
N THR A 231 -3.39 17.52 15.82
CA THR A 231 -4.32 16.56 16.41
C THR A 231 -5.31 16.09 15.36
N LYS A 232 -5.81 14.87 15.55
CA LYS A 232 -6.84 14.31 14.71
C LYS A 232 -8.03 15.27 14.71
N SER A 233 -8.71 15.41 13.56
CA SER A 233 -9.97 16.18 13.52
C SER A 233 -11.03 15.46 14.33
N LYS A 234 -11.98 16.23 14.84
CA LYS A 234 -12.90 15.70 15.82
C LYS A 234 -13.92 14.66 15.32
N VAL A 235 -14.23 14.67 14.02
CA VAL A 235 -15.24 13.75 13.48
C VAL A 235 -14.67 12.80 12.43
N PHE A 236 -14.66 11.50 12.76
CA PHE A 236 -14.06 10.50 11.91
C PHE A 236 -14.86 10.39 10.60
N TYR A 237 -16.19 10.38 10.72
CA TYR A 237 -17.15 10.28 9.62
C TYR A 237 -16.86 11.19 8.44
N TRP A 238 -16.45 12.41 8.71
CA TRP A 238 -16.10 13.31 7.63
C TRP A 238 -14.67 13.82 7.75
N ASP A 239 -13.79 12.98 8.29
CA ASP A 239 -12.39 13.25 8.18
C ASP A 239 -12.06 13.13 6.70
N LEU A 240 -11.65 14.24 6.12
CA LEU A 240 -11.38 14.32 4.70
C LEU A 240 -10.17 13.51 4.20
N LEU A 241 -9.19 13.20 5.07
CA LEU A 241 -8.06 12.40 4.60
C LEU A 241 -8.58 11.01 4.38
N LEU A 242 -9.45 10.60 5.30
CA LEU A 242 -10.05 9.28 5.25
C LEU A 242 -11.10 9.22 4.12
N LEU A 243 -11.95 10.23 4.02
CA LEU A 243 -13.06 10.21 3.07
C LEU A 243 -12.48 10.29 1.65
N GLY A 244 -11.54 11.23 1.49
CA GLY A 244 -10.92 11.45 0.21
C GLY A 244 -10.22 10.20 -0.28
N ASN A 245 -9.68 9.44 0.68
CA ASN A 245 -8.99 8.20 0.36
C ASN A 245 -9.94 7.27 -0.34
N TYR A 246 -11.11 7.05 0.27
CA TYR A 246 -12.13 6.19 -0.31
C TYR A 246 -12.66 6.73 -1.64
N TRP A 247 -12.66 8.05 -1.80
CA TRP A 247 -13.11 8.63 -3.04
C TRP A 247 -11.99 8.66 -4.09
N GLY A 248 -10.83 8.12 -3.72
CA GLY A 248 -9.70 7.98 -4.63
C GLY A 248 -9.25 9.35 -5.04
N CYS A 249 -9.07 10.21 -4.06
CA CYS A 249 -8.57 11.55 -4.31
C CYS A 249 -7.07 11.61 -4.14
N TYR A 250 -6.49 10.62 -3.49
CA TYR A 250 -5.08 10.67 -3.17
C TYR A 250 -4.36 9.54 -3.88
N ASP A 251 -3.02 9.58 -3.88
CA ASP A 251 -2.21 8.43 -4.33
C ASP A 251 -2.11 7.41 -3.22
N GLU A 252 -3.23 6.82 -2.84
CA GLU A 252 -3.26 5.75 -1.81
C GLU A 252 -4.27 4.67 -2.23
N PRO A 253 -4.05 3.41 -1.81
CA PRO A 253 -5.13 2.46 -2.13
C PRO A 253 -6.35 2.82 -1.31
N LYS A 254 -7.53 2.70 -1.89
CA LYS A 254 -8.79 2.94 -1.18
C LYS A 254 -9.01 1.99 -0.02
N ARG A 255 -9.40 2.52 1.15
CA ARG A 255 -9.85 1.67 2.29
C ARG A 255 -11.33 1.88 2.65
N TYR A 256 -11.97 0.88 3.22
CA TYR A 256 -13.33 1.14 3.66
C TYR A 256 -13.34 2.29 4.67
N HIS A 257 -14.24 3.26 4.46
CA HIS A 257 -14.44 4.31 5.44
C HIS A 257 -15.78 4.20 6.07
N HIS A 258 -16.83 4.47 5.28
CA HIS A 258 -18.25 4.22 5.69
C HIS A 258 -18.98 3.85 4.42
N THR A 259 -20.17 3.27 4.55
CA THR A 259 -20.97 2.96 3.36
C THR A 259 -21.59 4.22 2.79
N VAL A 260 -21.38 4.48 1.52
CA VAL A 260 -21.88 5.70 0.97
C VAL A 260 -23.24 5.37 0.43
N ALA A 261 -24.00 6.38 0.04
CA ALA A 261 -25.39 6.17 -0.35
C ALA A 261 -25.49 6.01 -1.88
N SER A 262 -25.30 4.76 -2.36
CA SER A 262 -25.20 4.48 -3.80
C SER A 262 -26.35 5.16 -4.53
N ASN A 263 -27.54 5.02 -3.94
CA ASN A 263 -28.72 5.52 -4.55
C ASN A 263 -28.71 7.00 -4.69
N LEU A 264 -28.26 7.72 -3.66
CA LEU A 264 -28.10 9.16 -3.81
C LEU A 264 -27.01 9.49 -4.78
N ILE A 265 -25.97 8.66 -4.83
CA ILE A 265 -24.84 8.90 -5.75
C ILE A 265 -25.26 8.72 -7.20
N PHE A 266 -26.03 7.67 -7.48
CA PHE A 266 -26.65 7.49 -8.82
C PHE A 266 -27.46 8.71 -9.25
N ALA A 267 -28.28 9.22 -8.33
CA ALA A 267 -29.10 10.38 -8.59
C ALA A 267 -28.27 11.62 -8.94
N LEU A 268 -27.25 11.88 -8.13
CA LEU A 268 -26.34 13.00 -8.33
C LEU A 268 -25.57 12.93 -9.65
N ARG A 269 -25.10 11.72 -9.97
CA ARG A 269 -24.45 11.49 -11.23
C ARG A 269 -25.34 11.94 -12.36
N GLU A 270 -26.61 11.50 -12.37
CA GLU A 270 -27.54 11.89 -13.44
C GLU A 270 -27.82 13.40 -13.41
N ALA A 271 -27.91 14.00 -12.23
CA ALA A 271 -28.10 15.46 -12.16
C ALA A 271 -26.89 16.18 -12.76
N LEU A 272 -25.70 15.77 -12.41
CA LEU A 272 -24.55 16.36 -13.08
C LEU A 272 -24.56 16.09 -14.61
N ALA A 273 -24.84 14.85 -15.03
CA ALA A 273 -24.98 14.55 -16.46
C ALA A 273 -25.91 15.54 -17.13
N GLN A 274 -27.06 15.84 -16.52
CA GLN A 274 -28.04 16.78 -17.09
C GLN A 274 -27.42 18.16 -17.31
N ILE A 275 -26.75 18.68 -16.30
CA ILE A 275 -26.19 19.99 -16.42
C ILE A 275 -24.95 19.97 -17.38
N ALA A 276 -24.29 18.84 -17.49
CA ALA A 276 -23.25 18.69 -18.47
C ALA A 276 -23.79 18.78 -19.90
N GLU A 277 -24.89 18.06 -20.20
CA GLU A 277 -25.45 18.05 -21.56
C GLU A 277 -25.91 19.41 -22.03
N GLU A 278 -26.46 20.20 -21.14
CA GLU A 278 -26.93 21.51 -21.50
C GLU A 278 -25.83 22.57 -21.39
N GLY A 279 -24.86 22.32 -20.54
CA GLY A 279 -23.76 23.22 -20.34
C GLY A 279 -24.04 24.25 -19.27
N LEU A 280 -23.01 24.48 -18.43
CA LEU A 280 -23.09 25.52 -17.41
C LEU A 280 -23.68 26.83 -17.88
N GLU A 281 -23.01 27.44 -18.84
CA GLU A 281 -23.35 28.78 -19.27
C GLU A 281 -24.82 28.91 -19.60
N ASN A 282 -25.35 27.92 -20.29
CA ASN A 282 -26.74 27.99 -20.70
C ASN A 282 -27.67 27.86 -19.52
N GLN A 283 -27.27 27.07 -18.55
CA GLN A 283 -28.09 26.91 -17.38
C GLN A 283 -28.14 28.20 -16.61
N ILE A 284 -26.98 28.80 -16.40
CA ILE A 284 -26.91 30.06 -15.70
C ILE A 284 -27.71 31.11 -16.45
N LYS A 285 -27.65 31.12 -17.77
CA LYS A 285 -28.42 32.11 -18.52
C LYS A 285 -29.90 31.90 -18.32
N ARG A 286 -30.33 30.65 -18.39
CA ARG A 286 -31.75 30.32 -18.23
C ARG A 286 -32.28 30.80 -16.88
N ARG A 287 -31.49 30.68 -15.84
CA ARG A 287 -31.88 31.16 -14.52
C ARG A 287 -31.89 32.66 -14.40
N ILE A 288 -30.90 33.34 -14.96
CA ILE A 288 -30.96 34.78 -15.00
C ILE A 288 -32.22 35.29 -15.71
N GLU A 289 -32.57 34.76 -16.89
CA GLU A 289 -33.82 35.16 -17.61
C GLU A 289 -35.07 34.91 -16.81
N CYS A 290 -35.09 33.78 -16.10
CA CYS A 290 -36.24 33.43 -15.31
C CYS A 290 -36.43 34.40 -14.17
N ALA A 291 -35.32 34.80 -13.54
CA ALA A 291 -35.34 35.79 -12.48
C ALA A 291 -35.86 37.15 -12.95
N GLN A 292 -35.44 37.53 -14.16
CA GLN A 292 -35.94 38.71 -14.83
C GLN A 292 -37.44 38.69 -15.00
N ILE A 293 -37.98 37.60 -15.54
CA ILE A 293 -39.41 37.46 -15.69
C ILE A 293 -40.04 37.55 -14.34
N LEU A 294 -39.38 37.01 -13.31
CA LEU A 294 -39.94 37.00 -11.97
C LEU A 294 -40.05 38.40 -11.43
N TYR A 295 -38.96 39.14 -11.56
CA TYR A 295 -38.90 40.53 -11.08
C TYR A 295 -39.98 41.39 -11.71
N GLU A 296 -40.16 41.29 -13.04
CA GLU A 296 -41.17 42.04 -13.78
C GLU A 296 -42.56 41.76 -13.26
N GLY A 297 -42.89 40.48 -13.14
CA GLY A 297 -44.22 40.10 -12.73
C GLY A 297 -44.53 40.53 -11.31
N LEU A 298 -43.51 40.54 -10.47
CA LEU A 298 -43.64 40.94 -9.08
C LEU A 298 -43.83 42.44 -8.96
N GLY A 299 -43.07 43.20 -9.74
CA GLY A 299 -43.29 44.64 -9.90
C GLY A 299 -44.72 44.91 -10.34
N LYS A 300 -45.13 44.24 -11.41
CA LYS A 300 -46.47 44.41 -11.90
C LYS A 300 -47.56 44.12 -10.88
N MET A 301 -47.23 43.45 -9.77
CA MET A 301 -48.21 43.24 -8.71
C MET A 301 -48.05 44.23 -7.55
N GLY A 302 -47.12 45.16 -7.69
CA GLY A 302 -46.90 46.13 -6.64
C GLY A 302 -46.12 45.55 -5.48
N LEU A 303 -45.44 44.43 -5.71
CA LEU A 303 -44.76 43.68 -4.65
C LEU A 303 -43.28 43.94 -4.55
N ASP A 304 -42.82 44.01 -3.32
CA ASP A 304 -41.45 44.35 -3.01
C ASP A 304 -40.50 43.14 -2.80
N ILE A 305 -39.26 43.34 -3.18
CA ILE A 305 -38.22 42.33 -3.08
C ILE A 305 -37.34 42.72 -1.94
N PHE A 306 -36.95 41.74 -1.12
CA PHE A 306 -36.15 41.95 0.08
C PHE A 306 -34.79 42.55 -0.17
N VAL A 307 -34.06 42.05 -1.16
CA VAL A 307 -32.85 42.71 -1.60
C VAL A 307 -33.27 43.73 -2.64
N LYS A 308 -33.31 44.99 -2.23
CA LYS A 308 -33.94 46.05 -3.01
C LYS A 308 -33.13 46.36 -4.26
N ASP A 309 -31.81 46.42 -4.11
CA ASP A 309 -30.92 46.72 -5.22
C ASP A 309 -30.74 45.47 -6.08
N PRO A 310 -31.12 45.53 -7.37
CA PRO A 310 -31.03 44.36 -8.25
C PRO A 310 -29.63 43.84 -8.46
N ARG A 311 -28.61 44.68 -8.35
CA ARG A 311 -27.24 44.22 -8.59
C ARG A 311 -26.77 43.19 -7.55
N HIS A 312 -27.40 43.20 -6.38
CA HIS A 312 -27.00 42.35 -5.28
C HIS A 312 -27.79 41.04 -5.23
N ARG A 313 -28.75 40.86 -6.11
CA ARG A 313 -29.64 39.73 -6.04
C ARG A 313 -29.05 38.40 -6.47
N LEU A 314 -29.34 37.33 -5.72
CA LEU A 314 -29.11 35.97 -6.17
C LEU A 314 -30.29 35.54 -7.00
N PRO A 315 -30.08 35.17 -8.24
CA PRO A 315 -31.21 34.80 -9.12
C PRO A 315 -32.02 33.63 -8.65
N THR A 316 -31.43 32.69 -7.95
CA THR A 316 -32.07 31.46 -7.61
C THR A 316 -33.01 31.53 -6.42
N VAL A 317 -32.94 32.57 -5.61
CA VAL A 317 -33.83 32.77 -4.45
C VAL A 317 -34.19 34.22 -4.34
N THR A 318 -35.47 34.55 -4.25
CA THR A 318 -35.94 35.92 -4.17
C THR A 318 -36.88 36.03 -2.99
N GLY A 319 -36.65 37.02 -2.14
CA GLY A 319 -37.58 37.32 -1.06
C GLY A 319 -38.67 38.28 -1.53
N ILE A 320 -39.93 37.83 -1.39
CA ILE A 320 -41.11 38.60 -1.67
C ILE A 320 -41.71 39.13 -0.39
N MET A 321 -41.66 40.44 -0.15
CA MET A 321 -42.11 41.05 1.11
C MET A 321 -43.61 40.89 1.28
N ILE A 322 -44.05 40.49 2.48
CA ILE A 322 -45.47 40.36 2.77
C ILE A 322 -46.02 41.76 2.82
N PRO A 323 -47.05 42.06 2.01
CA PRO A 323 -47.66 43.38 2.12
C PRO A 323 -48.36 43.60 3.44
N LYS A 324 -48.47 44.87 3.83
CA LYS A 324 -48.92 45.31 5.14
C LYS A 324 -50.09 44.52 5.69
N GLY A 325 -51.19 44.39 4.93
CA GLY A 325 -52.36 43.74 5.50
C GLY A 325 -52.35 42.22 5.64
N VAL A 326 -51.30 41.54 5.18
CA VAL A 326 -51.46 40.17 4.69
C VAL A 326 -50.92 39.04 5.56
N ASP A 327 -51.63 37.91 5.53
CA ASP A 327 -51.26 36.67 6.23
C ASP A 327 -50.57 35.71 5.27
N TRP A 328 -49.24 35.63 5.38
CA TRP A 328 -48.45 34.93 4.41
C TRP A 328 -48.81 33.46 4.31
N TRP A 329 -49.06 32.85 5.46
CA TRP A 329 -49.35 31.45 5.51
C TRP A 329 -50.66 31.11 4.83
N LYS A 330 -51.62 32.00 4.88
CA LYS A 330 -52.92 31.76 4.26
C LYS A 330 -52.83 31.69 2.76
N VAL A 331 -51.95 32.51 2.20
CA VAL A 331 -51.62 32.49 0.79
C VAL A 331 -50.97 31.16 0.40
N SER A 332 -49.95 30.74 1.14
CA SER A 332 -49.27 29.46 0.91
C SER A 332 -50.19 28.25 0.93
N GLN A 333 -51.05 28.15 1.93
CA GLN A 333 -52.01 27.05 1.96
C GLN A 333 -52.83 27.04 0.70
N TYR A 334 -53.35 28.21 0.35
CA TYR A 334 -54.18 28.30 -0.84
C TYR A 334 -53.42 27.85 -2.08
N ALA A 335 -52.17 28.30 -2.23
CA ALA A 335 -51.33 27.90 -3.34
C ALA A 335 -51.15 26.38 -3.39
N MET A 336 -50.83 25.76 -2.26
CA MET A 336 -50.64 24.32 -2.20
C MET A 336 -51.94 23.64 -2.52
N ASN A 337 -53.02 23.99 -1.79
CA ASN A 337 -54.30 23.33 -2.00
C ASN A 337 -54.91 23.47 -3.39
N ASN A 338 -54.62 24.57 -4.07
CA ASN A 338 -55.28 24.83 -5.33
C ASN A 338 -54.41 24.71 -6.57
N PHE A 339 -53.09 24.82 -6.40
CA PHE A 339 -52.19 24.69 -7.53
C PHE A 339 -51.02 23.73 -7.30
N SER A 340 -50.97 23.12 -6.11
CA SER A 340 -49.85 22.27 -5.72
C SER A 340 -48.59 23.08 -5.86
N LEU A 341 -48.67 24.34 -5.49
CA LEU A 341 -47.59 25.24 -5.63
C LEU A 341 -46.97 25.55 -4.29
N GLU A 342 -45.70 25.23 -4.18
CA GLU A 342 -44.92 25.51 -3.00
C GLU A 342 -44.56 26.99 -2.97
N VAL A 343 -45.17 27.74 -2.05
CA VAL A 343 -44.80 29.11 -1.80
C VAL A 343 -44.22 29.21 -0.39
N GLN A 344 -42.89 29.18 -0.31
CA GLN A 344 -42.21 29.06 0.95
C GLN A 344 -42.21 30.37 1.73
N GLY A 345 -42.30 30.29 3.04
CA GLY A 345 -42.15 31.42 3.94
C GLY A 345 -40.70 31.81 4.12
N GLY A 346 -40.45 32.64 5.14
CA GLY A 346 -39.14 33.22 5.41
C GLY A 346 -38.23 32.39 6.27
N LEU A 347 -36.98 32.84 6.42
CA LEU A 347 -35.98 32.18 7.22
C LEU A 347 -34.98 33.23 7.68
N GLY A 348 -34.54 33.15 8.93
CA GLY A 348 -33.49 34.06 9.40
C GLY A 348 -33.96 35.47 9.13
N PRO A 349 -33.17 36.27 8.39
CA PRO A 349 -33.50 37.64 8.10
C PRO A 349 -34.90 37.83 7.54
N THR A 350 -35.45 36.84 6.85
CA THR A 350 -36.72 37.02 6.17
C THR A 350 -37.87 36.44 6.92
N PHE A 351 -37.59 35.83 8.05
CA PHE A 351 -38.60 35.20 8.84
C PHE A 351 -39.72 36.15 9.28
N GLY A 352 -40.93 35.82 8.85
CA GLY A 352 -42.08 36.68 9.06
C GLY A 352 -42.17 37.95 8.22
N LYS A 353 -41.17 38.21 7.39
CA LYS A 353 -41.12 39.44 6.62
C LYS A 353 -41.40 39.21 5.14
N ALA A 354 -41.15 37.99 4.64
CA ALA A 354 -41.21 37.68 3.19
C ALA A 354 -41.50 36.22 2.87
N TRP A 355 -42.04 35.95 1.69
CA TRP A 355 -42.04 34.59 1.15
C TRP A 355 -40.71 34.44 0.44
N ARG A 356 -40.37 33.23 0.03
CA ARG A 356 -39.14 32.99 -0.73
C ARG A 356 -39.42 32.09 -1.89
N VAL A 357 -39.01 32.53 -3.08
CA VAL A 357 -39.16 31.78 -4.32
C VAL A 357 -37.83 31.31 -4.81
N GLY A 358 -37.80 30.09 -5.28
CA GLY A 358 -36.65 29.49 -5.83
C GLY A 358 -36.82 29.22 -7.31
N ILE A 359 -35.74 29.49 -8.04
CA ILE A 359 -35.60 29.10 -9.42
C ILE A 359 -34.55 28.00 -9.44
N MET A 360 -34.98 26.77 -9.22
CA MET A 360 -34.05 25.63 -9.07
C MET A 360 -34.57 24.34 -9.67
N GLY A 361 -33.64 23.46 -10.05
CA GLY A 361 -33.95 22.16 -10.58
C GLY A 361 -34.84 22.25 -11.77
N GLU A 362 -35.89 21.41 -11.78
CA GLU A 362 -36.82 21.26 -12.88
C GLU A 362 -37.81 22.39 -13.07
N CYS A 363 -37.82 23.36 -12.18
CA CYS A 363 -38.65 24.55 -12.34
C CYS A 363 -37.93 25.80 -12.85
N SER A 364 -36.75 25.62 -13.43
CA SER A 364 -35.99 26.75 -13.93
C SER A 364 -36.35 27.05 -15.41
N THR A 365 -37.65 27.07 -15.73
CA THR A 365 -38.10 27.35 -17.08
C THR A 365 -39.03 28.54 -17.05
N VAL A 366 -39.17 29.20 -18.20
CA VAL A 366 -40.04 30.37 -18.34
C VAL A 366 -41.48 30.06 -18.02
N GLN A 367 -41.98 28.92 -18.51
CA GLN A 367 -43.36 28.55 -18.21
C GLN A 367 -43.62 28.32 -16.73
N LYS A 368 -42.61 27.79 -16.04
CA LYS A 368 -42.74 27.50 -14.64
C LYS A 368 -42.85 28.78 -13.81
N ILE A 369 -41.95 29.75 -14.06
CA ILE A 369 -42.07 31.10 -13.50
C ILE A 369 -43.42 31.76 -13.75
N GLN A 370 -43.93 31.68 -14.97
CA GLN A 370 -45.24 32.26 -15.25
C GLN A 370 -46.30 31.57 -14.45
N PHE A 371 -46.26 30.25 -14.40
CA PHE A 371 -47.23 29.58 -13.57
C PHE A 371 -47.21 30.04 -12.11
N TYR A 372 -46.00 30.20 -11.54
CA TYR A 372 -45.81 30.62 -10.20
C TYR A 372 -46.50 31.95 -10.00
N LEU A 373 -46.18 32.92 -10.85
CA LEU A 373 -46.79 34.24 -10.82
C LEU A 373 -48.28 34.17 -10.86
N TYR A 374 -48.81 33.40 -11.80
CA TYR A 374 -50.24 33.16 -11.91
C TYR A 374 -50.87 32.66 -10.59
N GLY A 375 -50.39 31.51 -10.10
CA GLY A 375 -50.98 30.87 -8.94
C GLY A 375 -50.69 31.66 -7.68
N PHE A 376 -49.59 32.41 -7.65
CA PHE A 376 -49.34 33.28 -6.53
C PHE A 376 -50.38 34.38 -6.49
N LYS A 377 -50.52 35.08 -7.60
CA LYS A 377 -51.49 36.16 -7.66
C LYS A 377 -52.88 35.65 -7.29
N GLU A 378 -53.34 34.58 -7.94
CA GLU A 378 -54.63 33.97 -7.60
C GLU A 378 -54.78 33.56 -6.14
N SER A 379 -53.69 33.12 -5.53
CA SER A 379 -53.71 32.81 -4.13
C SER A 379 -53.88 34.09 -3.28
N LEU A 380 -53.12 35.14 -3.56
CA LEU A 380 -53.26 36.40 -2.87
C LEU A 380 -54.68 36.96 -3.02
N LYS A 381 -55.18 36.93 -4.25
CA LYS A 381 -56.47 37.48 -4.64
C LYS A 381 -57.58 36.78 -3.89
N ALA A 382 -57.65 35.47 -4.05
CA ALA A 382 -58.68 34.66 -3.40
C ALA A 382 -58.61 34.76 -1.88
N THR A 383 -57.45 35.08 -1.36
CA THR A 383 -57.20 34.93 0.07
C THR A 383 -57.29 36.27 0.81
N HIS A 384 -56.90 37.35 0.12
CA HIS A 384 -56.99 38.68 0.66
C HIS A 384 -57.67 39.60 -0.36
N PRO A 385 -59.03 39.54 -0.41
CA PRO A 385 -59.79 40.13 -1.53
C PRO A 385 -59.65 41.64 -1.64
N ASP A 386 -59.03 42.28 -0.66
CA ASP A 386 -58.90 43.73 -0.66
C ASP A 386 -57.52 44.21 -1.02
N TYR A 387 -56.63 43.30 -1.36
CA TYR A 387 -55.30 43.74 -1.72
C TYR A 387 -55.42 44.46 -3.09
N ILE A 388 -54.65 45.54 -3.29
CA ILE A 388 -54.71 46.32 -4.53
C ILE A 388 -53.47 46.07 -5.40
N PHE A 389 -53.66 45.79 -6.69
CA PHE A 389 -52.53 45.58 -7.62
C PHE A 389 -52.04 46.83 -8.41
N PHE B 3 -3.93 -1.38 -1.85
CA PHE B 3 -2.92 -2.48 -2.08
C PHE B 3 -3.40 -3.57 -3.07
N THR B 4 -3.00 -3.44 -4.36
CA THR B 4 -3.35 -4.45 -5.42
C THR B 4 -2.87 -5.89 -5.05
N PRO B 5 -3.82 -6.89 -5.06
CA PRO B 5 -3.74 -8.24 -4.43
C PRO B 5 -2.39 -9.00 -4.47
N PRO B 6 -2.11 -9.79 -3.40
CA PRO B 6 -0.97 -10.70 -3.38
C PRO B 6 -1.10 -11.70 -4.51
N PRO B 7 0.03 -12.16 -5.09
CA PRO B 7 -0.07 -13.16 -6.16
C PRO B 7 -0.28 -14.56 -5.62
N ALA B 8 -1.03 -15.34 -6.39
CA ALA B 8 -1.47 -16.69 -6.03
C ALA B 8 -0.29 -17.67 -5.96
N SER B 9 0.62 -17.54 -6.92
CA SER B 9 1.79 -18.41 -7.06
C SER B 9 2.57 -18.58 -5.78
N LEU B 10 2.63 -17.56 -4.93
CA LEU B 10 3.26 -17.66 -3.59
C LEU B 10 2.51 -18.45 -2.53
N ARG B 11 1.35 -19.00 -2.86
CA ARG B 11 0.62 -19.64 -1.79
C ARG B 11 1.00 -21.12 -1.56
N ASN B 12 1.55 -21.74 -2.61
CA ASN B 12 2.06 -23.11 -2.53
C ASN B 12 3.35 -23.12 -1.76
N PRO B 13 3.63 -24.23 -1.04
CA PRO B 13 4.99 -24.41 -0.51
C PRO B 13 6.04 -24.54 -1.64
N LEU B 14 7.29 -24.26 -1.26
CA LEU B 14 8.41 -24.37 -2.18
C LEU B 14 8.89 -25.81 -2.18
N ILE B 15 8.89 -26.44 -3.35
CA ILE B 15 9.40 -27.80 -3.40
C ILE B 15 10.50 -27.85 -4.44
N ILE B 16 11.70 -28.15 -3.97
CA ILE B 16 12.82 -28.31 -4.85
C ILE B 16 13.27 -29.75 -4.76
N PRO B 17 13.26 -30.48 -5.89
CA PRO B 17 13.59 -31.89 -5.89
C PRO B 17 15.10 -32.07 -5.77
N GLU B 18 15.51 -33.24 -5.29
CA GLU B 18 16.90 -33.61 -5.35
C GLU B 18 17.29 -34.02 -6.75
N LYS B 19 18.52 -33.69 -7.12
CA LYS B 19 19.07 -33.91 -8.45
C LYS B 19 20.52 -34.35 -8.35
N ILE B 20 20.93 -35.20 -9.28
CA ILE B 20 22.32 -35.54 -9.41
C ILE B 20 23.01 -34.55 -10.38
N MET B 21 23.64 -33.53 -9.80
CA MET B 21 24.18 -32.43 -10.57
C MET B 21 25.57 -32.74 -11.11
N MET B 22 25.59 -33.39 -12.25
CA MET B 22 26.80 -33.76 -12.93
C MET B 22 26.99 -33.09 -14.29
N GLY B 23 26.52 -31.85 -14.38
CA GLY B 23 26.88 -30.97 -15.44
C GLY B 23 28.12 -30.26 -14.96
N PRO B 24 28.66 -29.35 -15.77
CA PRO B 24 29.85 -28.67 -15.35
C PRO B 24 29.49 -27.51 -14.48
N GLY B 25 28.51 -27.66 -13.61
CA GLY B 25 28.11 -26.58 -12.69
C GLY B 25 26.67 -26.18 -12.84
N PRO B 26 26.04 -25.82 -11.73
CA PRO B 26 26.57 -25.94 -10.38
C PRO B 26 26.58 -27.39 -9.90
N SER B 27 27.43 -27.68 -8.94
CA SER B 27 27.61 -29.03 -8.45
C SER B 27 26.83 -29.27 -7.16
N ASN B 28 26.79 -30.51 -6.72
CA ASN B 28 26.09 -30.86 -5.48
C ASN B 28 26.95 -30.46 -4.30
N CYS B 29 26.35 -29.67 -3.41
CA CYS B 29 26.97 -29.37 -2.12
C CYS B 29 26.70 -30.47 -1.08
N SER B 30 27.68 -30.76 -0.26
CA SER B 30 27.47 -31.67 0.83
C SER B 30 26.37 -31.14 1.73
N LYS B 31 25.73 -32.05 2.41
CA LYS B 31 24.80 -31.69 3.46
C LYS B 31 25.42 -30.68 4.47
N ARG B 32 26.70 -30.85 4.79
CA ARG B 32 27.35 -29.97 5.75
C ARG B 32 27.45 -28.53 5.23
N VAL B 33 27.81 -28.37 3.97
CA VAL B 33 27.89 -27.07 3.36
C VAL B 33 26.50 -26.45 3.27
N LEU B 34 25.54 -27.20 2.76
CA LEU B 34 24.20 -26.67 2.67
C LEU B 34 23.68 -26.22 4.04
N THR B 35 23.81 -27.03 5.09
CA THR B 35 23.22 -26.56 6.35
C THR B 35 23.96 -25.39 6.99
N ALA B 36 25.22 -25.21 6.67
CA ALA B 36 25.95 -24.05 7.17
C ALA B 36 25.29 -22.76 6.76
N MET B 37 24.44 -22.81 5.73
CA MET B 37 23.74 -21.60 5.29
C MET B 37 22.65 -21.17 6.23
N THR B 38 22.16 -22.08 7.05
CA THR B 38 21.05 -21.78 7.91
C THR B 38 21.43 -21.10 9.24
N ASN B 39 22.71 -20.83 9.44
CA ASN B 39 23.22 -20.06 10.58
C ASN B 39 22.80 -18.59 10.50
N THR B 40 22.78 -17.92 11.66
CA THR B 40 22.38 -16.52 11.79
C THR B 40 23.12 -15.60 10.83
N VAL B 41 22.39 -14.78 10.07
CA VAL B 41 22.97 -13.71 9.26
C VAL B 41 23.61 -12.73 10.23
N LEU B 42 24.88 -12.35 9.98
CA LEU B 42 25.62 -11.55 10.97
C LEU B 42 25.83 -10.16 10.45
N SER B 43 25.96 -9.24 11.42
CA SER B 43 26.30 -7.87 11.12
C SER B 43 27.70 -7.85 10.56
N ASN B 44 27.91 -6.92 9.65
CA ASN B 44 29.19 -6.76 9.02
C ASN B 44 30.35 -6.62 9.99
N PHE B 45 30.11 -6.18 11.21
CA PHE B 45 31.21 -6.07 12.14
C PHE B 45 31.20 -7.02 13.29
N HIS B 46 30.37 -8.05 13.22
CA HIS B 46 30.41 -9.06 14.27
C HIS B 46 31.74 -9.82 14.26
N ALA B 47 32.34 -10.01 15.44
CA ALA B 47 33.61 -10.72 15.52
C ALA B 47 33.57 -12.08 14.84
N GLU B 48 32.43 -12.76 14.92
CA GLU B 48 32.29 -14.12 14.41
C GLU B 48 32.32 -14.17 12.90
N LEU B 49 31.81 -13.13 12.26
CA LEU B 49 31.91 -13.00 10.82
C LEU B 49 33.36 -12.74 10.41
N PHE B 50 34.05 -11.84 11.12
CA PHE B 50 35.49 -11.63 10.84
C PHE B 50 36.32 -12.88 11.03
N ARG B 51 36.09 -13.60 12.13
CA ARG B 51 36.77 -14.86 12.36
C ARG B 51 36.60 -15.82 11.15
N THR B 52 35.37 -15.94 10.64
CA THR B 52 35.01 -16.86 9.56
C THR B 52 35.61 -16.42 8.24
N MET B 53 35.55 -15.13 8.01
CA MET B 53 36.17 -14.54 6.88
C MET B 53 37.68 -14.81 6.86
N ASP B 54 38.33 -14.88 8.03
CA ASP B 54 39.76 -15.15 8.08
C ASP B 54 40.05 -16.58 7.78
N GLU B 55 39.23 -17.49 8.29
CA GLU B 55 39.31 -18.91 7.96
C GLU B 55 39.18 -19.12 6.44
N VAL B 56 38.32 -18.34 5.82
CA VAL B 56 38.12 -18.41 4.40
C VAL B 56 39.35 -17.96 3.66
N LYS B 57 39.92 -16.84 4.07
CA LYS B 57 41.14 -16.38 3.42
C LYS B 57 42.26 -17.42 3.51
N ASP B 58 42.39 -18.05 4.68
CA ASP B 58 43.37 -19.11 4.86
C ASP B 58 43.07 -20.25 3.90
N GLY B 59 41.82 -20.69 3.87
CA GLY B 59 41.40 -21.73 2.94
C GLY B 59 41.61 -21.39 1.47
N LEU B 60 41.43 -20.12 1.12
CA LEU B 60 41.75 -19.65 -0.20
C LEU B 60 43.24 -19.68 -0.52
N ARG B 61 44.09 -19.34 0.45
CA ARG B 61 45.55 -19.44 0.22
C ARG B 61 46.00 -20.87 0.02
N TYR B 62 45.36 -21.79 0.74
CA TYR B 62 45.57 -23.18 0.53
C TYR B 62 45.16 -23.65 -0.86
N ILE B 63 43.92 -23.44 -1.29
CA ILE B 63 43.54 -23.86 -2.65
C ILE B 63 44.21 -23.12 -3.83
N PHE B 64 44.43 -21.81 -3.72
CA PHE B 64 45.15 -21.08 -4.75
C PHE B 64 46.64 -21.33 -4.75
N GLN B 65 47.14 -21.83 -3.62
CA GLN B 65 48.57 -21.98 -3.31
C GLN B 65 49.32 -20.65 -3.43
N THR B 66 48.92 -19.69 -2.60
CA THR B 66 49.54 -18.38 -2.61
C THR B 66 49.77 -17.96 -1.19
N GLU B 67 50.63 -16.95 -1.03
CA GLU B 67 50.71 -16.27 0.26
C GLU B 67 50.14 -14.86 0.20
N ASN B 68 49.51 -14.50 -0.91
CA ASN B 68 48.97 -13.17 -1.12
C ASN B 68 48.11 -12.73 0.03
N ARG B 69 48.39 -11.53 0.50
CA ARG B 69 47.62 -10.95 1.57
C ARG B 69 46.30 -10.46 1.04
N ALA B 70 46.31 -10.00 -0.22
CA ALA B 70 45.12 -9.56 -0.93
C ALA B 70 44.38 -10.75 -1.52
N THR B 71 43.84 -11.56 -0.64
CA THR B 71 43.07 -12.73 -0.99
C THR B 71 41.74 -12.52 -0.33
N MET B 72 40.66 -12.61 -1.08
CA MET B 72 39.35 -12.22 -0.57
C MET B 72 38.23 -12.82 -1.43
N CYS B 73 37.00 -12.37 -1.24
CA CYS B 73 35.90 -12.72 -2.09
C CYS B 73 35.21 -11.50 -2.65
N VAL B 74 34.75 -11.62 -3.87
CA VAL B 74 33.83 -10.65 -4.47
C VAL B 74 32.42 -11.16 -4.14
N SER B 75 31.50 -10.25 -3.86
CA SER B 75 30.14 -10.64 -3.66
C SER B 75 29.37 -10.73 -5.00
N GLY B 76 29.62 -11.79 -5.75
CA GLY B 76 28.94 -12.03 -6.99
C GLY B 76 29.29 -13.42 -7.47
N SER B 77 28.69 -13.91 -8.54
CA SER B 77 29.11 -15.19 -9.09
C SER B 77 30.44 -14.98 -9.80
N ALA B 78 30.96 -16.00 -10.45
CA ALA B 78 32.30 -15.93 -11.06
C ALA B 78 32.50 -14.80 -12.05
N HIS B 79 31.46 -14.45 -12.79
CA HIS B 79 31.53 -13.33 -13.70
C HIS B 79 31.96 -12.09 -12.96
N ALA B 80 31.55 -12.01 -11.70
CA ALA B 80 31.85 -10.81 -10.97
C ALA B 80 33.36 -10.72 -10.61
N GLY B 81 33.98 -11.88 -10.41
CA GLY B 81 35.40 -11.95 -10.27
C GLY B 81 36.07 -11.49 -11.52
N MET B 82 35.57 -11.91 -12.66
CA MET B 82 36.11 -11.44 -13.92
C MET B 82 35.97 -9.92 -14.06
N GLU B 83 34.76 -9.43 -13.80
CA GLU B 83 34.52 -8.02 -13.84
C GLU B 83 35.54 -7.30 -12.94
N ALA B 84 35.72 -7.84 -11.74
CA ALA B 84 36.59 -7.20 -10.77
C ALA B 84 38.03 -7.05 -11.24
N MET B 85 38.57 -8.12 -11.79
CA MET B 85 39.92 -8.10 -12.32
C MET B 85 40.05 -7.00 -13.36
N LEU B 86 39.12 -7.01 -14.31
CA LEU B 86 39.22 -6.09 -15.42
C LEU B 86 38.95 -4.63 -15.04
N SER B 87 38.09 -4.35 -14.09
CA SER B 87 37.88 -2.95 -13.77
C SER B 87 39.00 -2.37 -12.91
N ASN B 88 39.62 -3.24 -12.11
CA ASN B 88 40.63 -2.78 -11.18
C ASN B 88 41.96 -2.66 -11.90
N LEU B 89 42.24 -3.62 -12.77
CA LEU B 89 43.55 -3.63 -13.38
C LEU B 89 43.68 -2.80 -14.64
N LEU B 90 42.60 -2.25 -15.16
CA LEU B 90 42.69 -1.53 -16.43
C LEU B 90 42.15 -0.13 -16.36
N GLU B 91 42.83 0.81 -17.00
CA GLU B 91 42.28 2.17 -17.17
C GLU B 91 41.87 2.35 -18.64
N GLU B 92 41.16 3.41 -18.95
CA GLU B 92 40.79 3.71 -20.32
C GLU B 92 42.01 3.74 -21.22
N GLY B 93 41.96 3.03 -22.33
CA GLY B 93 43.07 3.05 -23.24
C GLY B 93 44.14 2.01 -22.98
N ASP B 94 44.18 1.40 -21.79
CA ASP B 94 45.15 0.31 -21.49
C ASP B 94 45.02 -0.90 -22.43
N ARG B 95 46.17 -1.47 -22.79
CA ARG B 95 46.11 -2.59 -23.69
C ARG B 95 45.98 -3.86 -22.88
N VAL B 96 45.00 -4.69 -23.25
CA VAL B 96 44.82 -5.98 -22.65
C VAL B 96 44.81 -7.06 -23.72
N LEU B 97 45.58 -8.13 -23.46
CA LEU B 97 45.67 -9.27 -24.36
C LEU B 97 44.83 -10.42 -23.86
N ILE B 98 43.84 -10.81 -24.62
CA ILE B 98 43.03 -11.94 -24.27
C ILE B 98 43.20 -13.01 -25.33
N ALA B 99 43.56 -14.21 -24.91
CA ALA B 99 43.67 -15.34 -25.78
C ALA B 99 42.28 -16.02 -25.85
N VAL B 100 41.62 -15.94 -27.00
CA VAL B 100 40.24 -16.37 -27.16
C VAL B 100 40.11 -17.74 -27.82
N ASN B 101 39.60 -18.71 -27.08
CA ASN B 101 39.25 -19.99 -27.69
C ASN B 101 38.12 -20.70 -26.95
N GLY B 102 37.27 -19.94 -26.27
CA GLY B 102 36.17 -20.51 -25.54
C GLY B 102 35.31 -19.37 -25.07
N ILE B 103 34.21 -19.68 -24.39
CA ILE B 103 33.26 -18.65 -24.13
C ILE B 103 33.69 -17.63 -23.12
N TRP B 104 34.56 -18.02 -22.19
CA TRP B 104 34.90 -17.16 -21.05
C TRP B 104 35.82 -16.03 -21.47
N ALA B 105 36.77 -16.32 -22.36
CA ALA B 105 37.66 -15.35 -22.92
C ALA B 105 36.84 -14.38 -23.73
N GLU B 106 35.74 -14.83 -24.33
CA GLU B 106 34.86 -13.92 -25.04
C GLU B 106 34.17 -12.94 -24.11
N ARG B 107 33.61 -13.46 -23.03
CA ARG B 107 33.05 -12.63 -21.97
C ARG B 107 34.04 -11.58 -21.52
N ALA B 108 35.32 -11.97 -21.37
CA ALA B 108 36.36 -11.05 -20.92
C ALA B 108 36.59 -9.97 -21.94
N VAL B 109 36.47 -10.36 -23.21
CA VAL B 109 36.55 -9.41 -24.30
C VAL B 109 35.42 -8.43 -24.14
N GLU B 110 34.22 -8.95 -23.98
CA GLU B 110 33.04 -8.09 -23.76
C GLU B 110 33.12 -7.13 -22.56
N MET B 111 33.78 -7.55 -21.50
CA MET B 111 33.88 -6.72 -20.34
C MET B 111 34.93 -5.65 -20.51
N SER B 112 36.06 -6.01 -21.12
CA SER B 112 37.17 -5.08 -21.28
C SER B 112 36.80 -3.96 -22.23
N GLU B 113 36.04 -4.30 -23.28
CA GLU B 113 35.49 -3.29 -24.21
C GLU B 113 34.68 -2.27 -23.46
N ARG B 114 33.78 -2.74 -22.62
CA ARG B 114 32.91 -1.84 -21.87
C ARG B 114 33.68 -0.96 -20.92
N TYR B 115 34.78 -1.46 -20.38
CA TYR B 115 35.57 -0.69 -19.44
C TYR B 115 36.50 0.25 -20.17
N GLY B 116 36.52 0.18 -21.50
CA GLY B 116 37.17 1.18 -22.30
C GLY B 116 38.62 0.89 -22.51
N ALA B 117 38.96 -0.41 -22.41
CA ALA B 117 40.32 -0.87 -22.68
C ALA B 117 40.46 -1.11 -24.17
N ASP B 118 41.70 -1.12 -24.62
CA ASP B 118 42.00 -1.38 -26.01
C ASP B 118 42.36 -2.86 -26.07
N VAL B 119 41.46 -3.66 -26.65
CA VAL B 119 41.47 -5.10 -26.53
C VAL B 119 42.19 -5.75 -27.69
N ARG B 120 43.19 -6.56 -27.37
CA ARG B 120 43.95 -7.25 -28.38
C ARG B 120 43.71 -8.72 -28.14
N THR B 121 43.44 -9.48 -29.21
CA THR B 121 43.07 -10.88 -29.07
C THR B 121 43.95 -11.78 -29.93
N ILE B 122 44.04 -13.06 -29.58
CA ILE B 122 44.55 -14.04 -30.52
C ILE B 122 43.60 -15.20 -30.47
N GLU B 123 43.22 -15.69 -31.65
CA GLU B 123 42.29 -16.78 -31.81
C GLU B 123 43.03 -18.09 -31.65
N GLY B 124 42.29 -19.12 -31.26
CA GLY B 124 42.86 -20.44 -31.16
C GLY B 124 41.77 -21.45 -31.33
N PRO B 125 42.14 -22.67 -31.69
CA PRO B 125 41.08 -23.67 -31.80
C PRO B 125 40.49 -24.00 -30.44
N PRO B 126 39.18 -24.22 -30.38
CA PRO B 126 38.58 -24.48 -29.07
C PRO B 126 39.11 -25.75 -28.43
N ASP B 127 39.74 -26.64 -29.17
CA ASP B 127 40.18 -27.95 -28.65
C ASP B 127 41.71 -28.11 -28.50
N ARG B 128 42.45 -27.03 -28.57
CA ARG B 128 43.89 -27.11 -28.51
C ARG B 128 44.38 -25.87 -27.75
N PRO B 129 45.26 -26.05 -26.77
CA PRO B 129 45.70 -24.94 -25.97
C PRO B 129 46.61 -24.01 -26.72
N PHE B 130 46.75 -22.80 -26.24
CA PHE B 130 47.71 -21.87 -26.78
C PHE B 130 49.09 -22.27 -26.33
N SER B 131 50.03 -22.34 -27.26
CA SER B 131 51.41 -22.71 -26.92
C SER B 131 52.14 -21.56 -26.22
N LEU B 132 53.23 -21.90 -25.54
CA LEU B 132 54.04 -20.90 -24.90
C LEU B 132 54.55 -19.87 -25.89
N GLU B 133 55.01 -20.35 -27.06
CA GLU B 133 55.52 -19.52 -28.15
C GLU B 133 54.45 -18.63 -28.74
N THR B 134 53.27 -19.19 -28.98
CA THR B 134 52.15 -18.40 -29.47
C THR B 134 51.95 -17.20 -28.55
N LEU B 135 51.88 -17.46 -27.24
CA LEU B 135 51.59 -16.42 -26.26
C LEU B 135 52.70 -15.40 -26.20
N ALA B 136 53.93 -15.90 -26.13
CA ALA B 136 55.13 -15.05 -26.05
C ALA B 136 55.20 -14.05 -27.22
N ARG B 137 54.96 -14.56 -28.41
CA ARG B 137 54.91 -13.75 -29.62
C ARG B 137 53.84 -12.70 -29.55
N ALA B 138 52.65 -13.10 -29.14
CA ALA B 138 51.55 -12.16 -28.91
C ALA B 138 51.85 -11.07 -27.88
N ILE B 139 52.56 -11.43 -26.81
CA ILE B 139 52.94 -10.45 -25.79
C ILE B 139 53.92 -9.40 -26.30
N GLU B 140 55.02 -9.85 -26.92
CA GLU B 140 55.96 -8.96 -27.62
C GLU B 140 55.26 -8.08 -28.63
N LEU B 141 54.41 -8.68 -29.44
CA LEU B 141 53.69 -7.92 -30.45
C LEU B 141 52.86 -6.77 -29.86
N HIS B 142 52.08 -7.02 -28.81
CA HIS B 142 51.11 -6.03 -28.30
C HIS B 142 51.49 -5.23 -27.05
N GLN B 143 52.55 -5.64 -26.34
CA GLN B 143 53.01 -4.91 -25.16
C GLN B 143 51.84 -4.63 -24.22
N PRO B 144 51.10 -5.68 -23.82
CA PRO B 144 49.88 -5.44 -23.07
C PRO B 144 50.17 -5.08 -21.61
N LYS B 145 49.16 -4.55 -20.94
CA LYS B 145 49.23 -4.36 -19.51
C LYS B 145 48.87 -5.67 -18.77
N CYS B 146 47.84 -6.36 -19.29
CA CYS B 146 47.44 -7.66 -18.78
C CYS B 146 47.27 -8.68 -19.85
N LEU B 147 47.59 -9.91 -19.50
CA LEU B 147 47.17 -11.08 -20.25
C LEU B 147 46.07 -11.82 -19.47
N PHE B 148 44.98 -12.17 -20.15
CA PHE B 148 43.94 -12.99 -19.59
C PHE B 148 43.97 -14.38 -20.21
N LEU B 149 44.06 -15.43 -19.37
CA LEU B 149 43.89 -16.80 -19.83
C LEU B 149 42.82 -17.51 -19.05
N THR B 150 41.96 -18.23 -19.75
CA THR B 150 41.15 -19.25 -19.14
C THR B 150 42.05 -20.46 -18.84
N HIS B 151 42.07 -20.92 -17.61
CA HIS B 151 42.81 -22.10 -17.27
C HIS B 151 42.03 -23.34 -17.74
N GLY B 152 41.00 -23.72 -17.00
CA GLY B 152 40.12 -24.80 -17.38
C GLY B 152 38.87 -24.22 -18.02
N ASP B 153 38.60 -24.63 -19.25
CA ASP B 153 37.47 -24.10 -20.01
C ASP B 153 36.26 -25.05 -19.98
N SER B 154 35.24 -24.69 -19.21
CA SER B 154 34.08 -25.52 -19.03
C SER B 154 33.13 -25.54 -20.24
N SER B 155 33.44 -24.74 -21.26
CA SER B 155 32.69 -24.83 -22.53
C SER B 155 33.26 -25.85 -23.49
N SER B 156 34.52 -26.24 -23.32
CA SER B 156 35.13 -27.24 -24.17
C SER B 156 35.67 -28.46 -23.45
N GLY B 157 36.21 -28.29 -22.26
CA GLY B 157 36.87 -29.39 -21.57
C GLY B 157 38.36 -29.25 -21.79
N LEU B 158 38.78 -28.06 -22.23
CA LEU B 158 40.19 -27.81 -22.52
C LEU B 158 40.99 -27.32 -21.30
N LEU B 159 42.11 -27.96 -21.00
CA LEU B 159 42.99 -27.45 -19.94
C LEU B 159 44.24 -26.81 -20.47
N GLN B 160 44.36 -25.52 -20.23
CA GLN B 160 45.47 -24.70 -20.74
C GLN B 160 46.71 -24.74 -19.81
N PRO B 161 47.82 -25.31 -20.28
CA PRO B 161 49.04 -25.27 -19.46
C PRO B 161 49.46 -23.84 -19.12
N LEU B 162 50.00 -23.63 -17.92
CA LEU B 162 50.30 -22.28 -17.43
C LEU B 162 51.76 -22.03 -17.02
N GLU B 163 52.51 -23.12 -16.83
CA GLU B 163 53.91 -23.02 -16.46
C GLU B 163 54.68 -22.12 -17.45
N GLY B 164 55.42 -21.14 -16.94
CA GLY B 164 56.22 -20.32 -17.81
C GLY B 164 55.54 -19.07 -18.31
N VAL B 165 54.21 -19.07 -18.37
CA VAL B 165 53.46 -17.93 -18.90
C VAL B 165 53.63 -16.64 -18.12
N GLY B 166 53.58 -16.73 -16.81
CA GLY B 166 53.76 -15.56 -15.99
C GLY B 166 55.13 -14.95 -16.15
N GLN B 167 56.15 -15.79 -16.12
CA GLN B 167 57.53 -15.33 -16.28
C GLN B 167 57.76 -14.48 -17.53
N ILE B 168 57.09 -14.87 -18.61
CA ILE B 168 57.12 -14.13 -19.85
C ILE B 168 56.41 -12.80 -19.71
N CYS B 169 55.26 -12.81 -19.07
CA CYS B 169 54.55 -11.59 -18.82
C CYS B 169 55.39 -10.64 -17.99
N HIS B 170 56.12 -11.16 -17.02
CA HIS B 170 56.87 -10.30 -16.10
C HIS B 170 58.06 -9.61 -16.79
N GLN B 171 58.72 -10.35 -17.67
CA GLN B 171 59.71 -9.79 -18.59
C GLN B 171 59.21 -8.64 -19.44
N HIS B 172 57.94 -8.67 -19.82
CA HIS B 172 57.42 -7.59 -20.64
C HIS B 172 56.51 -6.63 -19.88
N ASP B 173 56.66 -6.62 -18.57
CA ASP B 173 55.89 -5.75 -17.69
C ASP B 173 54.37 -5.88 -17.77
N CYS B 174 53.91 -7.11 -17.72
CA CYS B 174 52.54 -7.45 -17.96
C CYS B 174 52.00 -8.26 -16.75
N LEU B 175 50.78 -8.04 -16.33
CA LEU B 175 50.19 -8.93 -15.33
C LEU B 175 49.55 -10.14 -15.99
N LEU B 176 49.63 -11.27 -15.30
CA LEU B 176 48.94 -12.47 -15.74
C LEU B 176 47.66 -12.68 -14.92
N ILE B 177 46.51 -12.60 -15.59
CA ILE B 177 45.19 -12.85 -15.01
C ILE B 177 44.70 -14.19 -15.46
N VAL B 178 44.36 -15.05 -14.51
CA VAL B 178 43.91 -16.39 -14.81
C VAL B 178 42.49 -16.68 -14.25
N ASP B 179 41.66 -17.30 -15.07
CA ASP B 179 40.34 -17.75 -14.66
C ASP B 179 40.45 -19.23 -14.27
N ALA B 180 40.38 -19.53 -13.00
CA ALA B 180 40.47 -20.92 -12.57
C ALA B 180 39.18 -21.48 -12.02
N VAL B 181 38.06 -20.93 -12.47
CA VAL B 181 36.72 -21.33 -12.04
C VAL B 181 36.46 -22.81 -12.20
N ALA B 182 36.93 -23.39 -13.30
CA ALA B 182 36.67 -24.82 -13.54
C ALA B 182 37.79 -25.78 -13.24
N SER B 183 38.98 -25.27 -12.95
CA SER B 183 40.15 -26.14 -12.72
C SER B 183 40.49 -26.29 -11.24
N LEU B 184 40.40 -25.22 -10.47
CA LEU B 184 40.82 -25.30 -9.08
C LEU B 184 40.25 -26.54 -8.33
N CYS B 185 41.14 -27.31 -7.70
CA CYS B 185 40.83 -28.52 -6.90
C CYS B 185 40.55 -29.73 -7.74
N GLY B 186 40.69 -29.57 -9.04
CA GLY B 186 40.64 -30.71 -9.91
C GLY B 186 41.95 -31.00 -10.63
N VAL B 187 42.84 -30.01 -10.70
CA VAL B 187 44.16 -30.20 -11.26
C VAL B 187 45.13 -29.41 -10.38
N PRO B 188 46.42 -29.77 -10.39
CA PRO B 188 47.36 -28.94 -9.63
C PRO B 188 47.30 -27.48 -10.00
N PHE B 189 47.42 -26.60 -9.04
CA PHE B 189 47.46 -25.18 -9.37
C PHE B 189 48.37 -24.47 -8.38
N TYR B 190 49.29 -23.65 -8.86
CA TYR B 190 50.22 -22.96 -8.01
C TYR B 190 50.34 -21.51 -8.37
N MET B 191 49.54 -20.68 -7.74
CA MET B 191 49.49 -19.29 -8.14
C MET B 191 50.85 -18.65 -8.10
N ASP B 192 51.55 -18.83 -6.99
CA ASP B 192 52.85 -18.21 -6.78
C ASP B 192 53.96 -18.84 -7.60
N LYS B 193 54.11 -20.17 -7.56
CA LYS B 193 55.14 -20.80 -8.39
C LYS B 193 54.95 -20.46 -9.87
N TRP B 194 53.71 -20.44 -10.36
CA TRP B 194 53.45 -20.13 -11.75
C TRP B 194 53.41 -18.64 -12.05
N GLU B 195 53.68 -17.84 -11.01
CA GLU B 195 53.90 -16.39 -11.13
C GLU B 195 52.69 -15.67 -11.71
N ILE B 196 51.53 -16.07 -11.19
CA ILE B 196 50.29 -15.51 -11.65
C ILE B 196 49.90 -14.32 -10.77
N ASP B 197 49.42 -13.24 -11.36
CA ASP B 197 49.12 -12.02 -10.60
C ASP B 197 47.69 -11.84 -10.03
N ALA B 198 46.73 -12.51 -10.64
CA ALA B 198 45.34 -12.33 -10.31
C ALA B 198 44.63 -13.57 -10.77
N VAL B 199 43.84 -14.17 -9.88
CA VAL B 199 43.11 -15.39 -10.17
C VAL B 199 41.72 -15.34 -9.51
N TYR B 200 40.74 -15.99 -10.08
CA TYR B 200 39.47 -16.19 -9.37
C TYR B 200 38.95 -17.60 -9.62
N THR B 201 38.26 -18.20 -8.66
CA THR B 201 37.44 -19.39 -8.96
C THR B 201 35.99 -19.10 -8.69
N GLY B 202 35.18 -20.15 -8.82
CA GLY B 202 33.80 -20.08 -8.41
C GLY B 202 33.47 -21.05 -7.31
N ALA B 203 32.54 -20.63 -6.50
CA ALA B 203 32.00 -21.47 -5.47
C ALA B 203 31.40 -22.78 -5.97
N GLN B 204 30.62 -22.73 -7.04
CA GLN B 204 29.68 -23.82 -7.36
C GLN B 204 30.19 -24.78 -8.37
N LYS B 205 31.48 -24.68 -8.69
CA LYS B 205 32.09 -25.63 -9.59
C LYS B 205 32.74 -26.69 -8.73
N VAL B 206 34.06 -26.87 -8.83
CA VAL B 206 34.72 -27.99 -8.16
C VAL B 206 34.57 -28.03 -6.65
N LEU B 207 34.53 -26.88 -5.98
CA LEU B 207 34.43 -26.80 -4.52
C LEU B 207 33.19 -27.38 -3.87
N GLY B 208 32.08 -27.42 -4.60
CA GLY B 208 30.80 -27.86 -4.03
C GLY B 208 30.25 -26.88 -3.01
N ALA B 209 30.26 -25.60 -3.31
CA ALA B 209 29.74 -24.56 -2.46
C ALA B 209 28.65 -23.90 -3.27
N PRO B 210 27.71 -23.24 -2.62
CA PRO B 210 26.60 -22.59 -3.32
C PRO B 210 27.04 -21.32 -4.03
N PRO B 211 26.42 -21.00 -5.17
CA PRO B 211 26.85 -19.86 -6.01
C PRO B 211 26.62 -18.51 -5.37
N GLY B 212 27.28 -17.47 -5.88
CA GLY B 212 26.99 -16.12 -5.43
C GLY B 212 28.15 -15.36 -4.81
N ILE B 213 29.21 -16.10 -4.53
CA ILE B 213 30.42 -15.53 -3.96
C ILE B 213 31.67 -16.07 -4.69
N THR B 214 32.66 -15.24 -4.87
CA THR B 214 33.72 -15.57 -5.79
C THR B 214 35.05 -15.27 -5.15
N PRO B 215 35.79 -16.32 -4.81
CA PRO B 215 37.10 -16.14 -4.24
C PRO B 215 38.06 -15.56 -5.27
N ILE B 216 38.81 -14.54 -4.88
CA ILE B 216 39.87 -14.05 -5.72
C ILE B 216 41.20 -13.90 -4.95
N SER B 217 42.28 -13.62 -5.68
CA SER B 217 43.53 -13.28 -5.09
C SER B 217 44.39 -12.48 -6.06
N ILE B 218 44.98 -11.38 -5.58
CA ILE B 218 45.93 -10.63 -6.40
C ILE B 218 47.31 -10.52 -5.71
N SER B 219 48.35 -10.57 -6.53
CA SER B 219 49.74 -10.46 -6.11
C SER B 219 50.07 -9.03 -5.70
N PRO B 220 51.16 -8.86 -4.93
CA PRO B 220 51.64 -7.55 -4.55
C PRO B 220 51.87 -6.67 -5.78
N LYS B 221 52.29 -7.31 -6.85
CA LYS B 221 52.53 -6.67 -8.10
C LYS B 221 51.26 -6.07 -8.64
N ALA B 222 50.20 -6.85 -8.65
CA ALA B 222 48.90 -6.40 -9.15
C ALA B 222 48.25 -5.38 -8.22
N LEU B 223 48.42 -5.61 -6.93
CA LEU B 223 47.89 -4.71 -5.90
C LEU B 223 48.49 -3.31 -6.10
N ASP B 224 49.79 -3.29 -6.37
CA ASP B 224 50.47 -2.07 -6.65
C ASP B 224 49.96 -1.36 -7.93
N VAL B 225 49.71 -2.10 -9.00
CA VAL B 225 49.16 -1.48 -10.21
C VAL B 225 47.87 -0.76 -9.94
N ILE B 226 47.01 -1.32 -9.06
CA ILE B 226 45.75 -0.71 -8.67
C ILE B 226 45.98 0.53 -7.83
N ARG B 227 46.87 0.44 -6.84
CA ARG B 227 47.24 1.62 -6.03
C ARG B 227 47.72 2.78 -6.90
N ASN B 228 48.31 2.47 -8.05
CA ASN B 228 48.89 3.50 -8.92
C ASN B 228 48.10 3.89 -10.16
N ARG B 229 46.79 3.70 -10.12
CA ARG B 229 45.91 4.20 -11.15
C ARG B 229 45.84 5.72 -11.08
N ARG B 230 45.59 6.35 -12.21
CA ARG B 230 45.43 7.81 -12.28
C ARG B 230 43.97 8.20 -12.04
N THR B 231 43.08 7.23 -12.16
CA THR B 231 41.64 7.47 -11.95
C THR B 231 41.00 6.34 -11.19
N LYS B 232 39.96 6.66 -10.42
CA LYS B 232 39.25 5.64 -9.64
C LYS B 232 38.74 4.56 -10.57
N SER B 233 38.66 3.32 -10.09
CA SER B 233 38.14 2.26 -10.94
C SER B 233 36.67 2.48 -11.09
N LYS B 234 36.10 2.01 -12.18
CA LYS B 234 34.71 2.31 -12.52
C LYS B 234 33.61 1.77 -11.61
N VAL B 235 33.85 0.68 -10.89
CA VAL B 235 32.80 0.12 -10.06
C VAL B 235 33.17 0.10 -8.58
N PHE B 236 32.52 0.92 -7.80
CA PHE B 236 32.78 0.98 -6.39
C PHE B 236 32.63 -0.38 -5.70
N TYR B 237 31.55 -1.10 -6.02
CA TYR B 237 31.14 -2.36 -5.36
C TYR B 237 32.25 -3.41 -5.28
N TRP B 238 33.09 -3.44 -6.30
CA TRP B 238 34.23 -4.37 -6.27
C TRP B 238 35.56 -3.64 -6.52
N ASP B 239 35.66 -2.43 -6.03
CA ASP B 239 36.95 -1.79 -5.94
C ASP B 239 37.80 -2.52 -4.88
N LEU B 240 38.92 -3.05 -5.31
CA LEU B 240 39.66 -3.98 -4.50
C LEU B 240 40.40 -3.31 -3.33
N LEU B 241 40.63 -2.01 -3.43
CA LEU B 241 41.21 -1.32 -2.28
C LEU B 241 40.20 -1.28 -1.17
N LEU B 242 38.99 -0.96 -1.56
CA LEU B 242 37.86 -0.86 -0.65
C LEU B 242 37.40 -2.23 -0.14
N LEU B 243 37.23 -3.19 -1.05
CA LEU B 243 36.82 -4.51 -0.67
C LEU B 243 37.85 -5.20 0.21
N GLY B 244 39.10 -5.15 -0.22
CA GLY B 244 40.19 -5.76 0.51
C GLY B 244 40.35 -5.16 1.88
N ASN B 245 40.08 -3.87 1.98
CA ASN B 245 40.13 -3.21 3.25
C ASN B 245 39.22 -3.89 4.24
N TYR B 246 37.98 -4.10 3.81
CA TYR B 246 36.97 -4.75 4.67
C TYR B 246 37.32 -6.20 4.93
N TRP B 247 37.94 -6.87 3.97
CA TRP B 247 38.40 -8.22 4.22
C TRP B 247 39.68 -8.32 5.08
N GLY B 248 40.27 -7.17 5.43
CA GLY B 248 41.41 -7.09 6.32
C GLY B 248 42.63 -7.59 5.63
N CYS B 249 42.85 -7.10 4.42
CA CYS B 249 43.96 -7.53 3.60
C CYS B 249 45.11 -6.58 3.71
N TYR B 250 44.84 -5.42 4.29
CA TYR B 250 45.79 -4.35 4.31
C TYR B 250 46.01 -3.95 5.73
N ASP B 251 47.03 -3.14 5.98
CA ASP B 251 47.30 -2.60 7.32
C ASP B 251 46.50 -1.31 7.41
N GLU B 252 45.19 -1.50 7.40
CA GLU B 252 44.28 -0.39 7.61
C GLU B 252 43.17 -0.85 8.51
N PRO B 253 42.56 0.09 9.25
CA PRO B 253 41.36 -0.37 9.95
C PRO B 253 40.21 -0.70 8.96
N LYS B 254 39.44 -1.75 9.24
CA LYS B 254 38.34 -2.15 8.36
C LYS B 254 37.21 -1.13 8.40
N ARG B 255 36.70 -0.75 7.23
CA ARG B 255 35.56 0.15 7.10
C ARG B 255 34.37 -0.58 6.42
N TYR B 256 33.16 -0.18 6.74
CA TYR B 256 32.02 -0.74 6.03
C TYR B 256 32.15 -0.44 4.54
N HIS B 257 31.99 -1.48 3.74
CA HIS B 257 31.98 -1.33 2.29
C HIS B 257 30.60 -1.65 1.81
N HIS B 258 30.24 -2.95 1.75
CA HIS B 258 28.85 -3.40 1.46
C HIS B 258 28.55 -4.55 2.37
N THR B 259 27.30 -4.95 2.50
CA THR B 259 27.05 -6.11 3.33
C THR B 259 27.39 -7.40 2.56
N VAL B 260 28.21 -8.26 3.16
CA VAL B 260 28.61 -9.47 2.50
C VAL B 260 27.60 -10.51 2.85
N ALA B 261 27.58 -11.59 2.08
CA ALA B 261 26.60 -12.64 2.25
C ALA B 261 26.98 -13.67 3.29
N SER B 262 26.73 -13.37 4.58
CA SER B 262 27.23 -14.25 5.66
C SER B 262 26.98 -15.70 5.34
N ASN B 263 25.77 -15.99 4.88
CA ASN B 263 25.34 -17.38 4.67
C ASN B 263 26.15 -18.04 3.58
N LEU B 264 26.40 -17.33 2.49
CA LEU B 264 27.29 -17.85 1.51
C LEU B 264 28.72 -18.04 2.09
N ILE B 265 29.15 -17.14 2.95
CA ILE B 265 30.49 -17.22 3.48
C ILE B 265 30.62 -18.42 4.44
N PHE B 266 29.61 -18.65 5.27
CA PHE B 266 29.59 -19.89 6.08
C PHE B 266 29.70 -21.14 5.20
N ALA B 267 28.88 -21.21 4.16
CA ALA B 267 28.91 -22.34 3.26
C ALA B 267 30.32 -22.52 2.68
N LEU B 268 30.88 -21.44 2.15
CA LEU B 268 32.20 -21.50 1.52
C LEU B 268 33.30 -22.00 2.47
N ARG B 269 33.29 -21.47 3.69
CA ARG B 269 34.18 -21.87 4.75
C ARG B 269 34.10 -23.37 4.96
N GLU B 270 32.89 -23.92 5.08
CA GLU B 270 32.75 -25.36 5.22
C GLU B 270 33.28 -26.10 4.00
N ALA B 271 33.00 -25.61 2.81
CA ALA B 271 33.51 -26.22 1.60
C ALA B 271 35.05 -26.27 1.58
N LEU B 272 35.69 -25.16 1.91
CA LEU B 272 37.12 -25.14 2.13
C LEU B 272 37.59 -26.07 3.29
N ALA B 273 36.88 -26.10 4.41
CA ALA B 273 37.22 -27.09 5.44
C ALA B 273 37.22 -28.50 4.91
N GLN B 274 36.26 -28.84 4.05
CA GLN B 274 36.17 -30.18 3.49
C GLN B 274 37.41 -30.47 2.67
N ILE B 275 37.83 -29.53 1.85
CA ILE B 275 38.92 -29.85 0.98
C ILE B 275 40.27 -29.79 1.74
N ALA B 276 40.30 -29.05 2.84
CA ALA B 276 41.43 -29.09 3.77
C ALA B 276 41.57 -30.41 4.50
N GLU B 277 40.47 -30.98 5.00
CA GLU B 277 40.55 -32.26 5.75
C GLU B 277 41.07 -33.39 4.86
N GLU B 278 40.64 -33.42 3.60
CA GLU B 278 41.01 -34.47 2.72
C GLU B 278 42.34 -34.18 2.06
N GLY B 279 42.67 -32.91 1.90
CA GLY B 279 43.92 -32.53 1.29
C GLY B 279 43.80 -32.39 -0.22
N LEU B 280 44.39 -31.33 -0.75
CA LEU B 280 44.36 -31.00 -2.19
C LEU B 280 44.73 -32.15 -3.08
N GLU B 281 45.94 -32.66 -2.84
CA GLU B 281 46.48 -33.75 -3.61
C GLU B 281 45.51 -34.92 -3.76
N ASN B 282 44.93 -35.36 -2.66
CA ASN B 282 43.98 -36.45 -2.75
C ASN B 282 42.74 -36.16 -3.55
N GLN B 283 42.28 -34.91 -3.51
CA GLN B 283 41.10 -34.53 -4.23
C GLN B 283 41.40 -34.47 -5.71
N ILE B 284 42.52 -33.85 -6.06
CA ILE B 284 42.99 -33.86 -7.44
C ILE B 284 43.13 -35.30 -7.99
N LYS B 285 43.71 -36.20 -7.20
CA LYS B 285 43.85 -37.59 -7.60
C LYS B 285 42.54 -38.30 -7.81
N ARG B 286 41.56 -38.03 -6.94
CA ARG B 286 40.25 -38.62 -7.03
C ARG B 286 39.58 -38.19 -8.33
N ARG B 287 39.76 -36.96 -8.75
CA ARG B 287 39.12 -36.43 -9.93
C ARG B 287 39.77 -36.94 -11.18
N ILE B 288 41.09 -36.98 -11.20
CA ILE B 288 41.82 -37.67 -12.26
C ILE B 288 41.36 -39.12 -12.46
N GLU B 289 41.19 -39.90 -11.40
CA GLU B 289 40.72 -41.28 -11.51
C GLU B 289 39.33 -41.41 -12.04
N CYS B 290 38.46 -40.53 -11.57
CA CYS B 290 37.10 -40.49 -12.02
C CYS B 290 36.98 -40.15 -13.51
N ALA B 291 37.81 -39.23 -14.00
CA ALA B 291 37.84 -38.89 -15.43
C ALA B 291 38.26 -40.07 -16.28
N GLN B 292 39.27 -40.80 -15.80
CA GLN B 292 39.72 -42.05 -16.40
C GLN B 292 38.60 -43.04 -16.53
N ILE B 293 37.88 -43.35 -15.44
CA ILE B 293 36.72 -44.22 -15.54
C ILE B 293 35.72 -43.69 -16.56
N LEU B 294 35.54 -42.37 -16.57
CA LEU B 294 34.63 -41.74 -17.52
C LEU B 294 35.06 -41.97 -18.95
N TYR B 295 36.31 -41.64 -19.26
CA TYR B 295 36.83 -41.85 -20.59
C TYR B 295 36.62 -43.30 -21.06
N GLU B 296 36.97 -44.27 -20.21
CA GLU B 296 36.85 -45.68 -20.55
C GLU B 296 35.42 -46.04 -20.88
N GLY B 297 34.50 -45.64 -20.00
CA GLY B 297 33.10 -45.95 -20.20
C GLY B 297 32.50 -45.31 -21.45
N LEU B 298 32.93 -44.09 -21.76
CA LEU B 298 32.55 -43.41 -23.00
C LEU B 298 33.13 -44.09 -24.27
N GLY B 299 34.41 -44.44 -24.23
CA GLY B 299 35.01 -45.29 -25.25
C GLY B 299 34.16 -46.54 -25.52
N LYS B 300 33.93 -47.33 -24.48
CA LYS B 300 33.09 -48.53 -24.60
C LYS B 300 31.69 -48.33 -25.17
N MET B 301 31.22 -47.10 -25.28
CA MET B 301 29.91 -46.86 -25.88
C MET B 301 30.08 -46.29 -27.29
N GLY B 302 31.32 -46.22 -27.74
CA GLY B 302 31.65 -45.72 -29.04
C GLY B 302 31.47 -44.23 -29.12
N LEU B 303 31.47 -43.57 -27.98
CA LEU B 303 31.30 -42.13 -27.94
C LEU B 303 32.59 -41.32 -27.96
N ASP B 304 32.50 -40.17 -28.63
CA ASP B 304 33.64 -39.26 -28.81
C ASP B 304 33.71 -38.09 -27.83
N ILE B 305 34.94 -37.69 -27.54
CA ILE B 305 35.22 -36.58 -26.64
C ILE B 305 35.71 -35.39 -27.44
N PHE B 306 35.20 -34.21 -27.12
CA PHE B 306 35.45 -32.98 -27.90
C PHE B 306 36.93 -32.61 -27.92
N VAL B 307 37.61 -32.74 -26.80
CA VAL B 307 39.05 -32.49 -26.78
C VAL B 307 39.65 -33.82 -27.08
N LYS B 308 40.00 -34.08 -28.34
CA LYS B 308 40.36 -35.43 -28.80
C LYS B 308 41.62 -35.96 -28.10
N ASP B 309 42.62 -35.10 -28.01
CA ASP B 309 43.88 -35.48 -27.40
C ASP B 309 43.75 -35.53 -25.89
N PRO B 310 44.01 -36.69 -25.29
CA PRO B 310 43.88 -36.79 -23.83
C PRO B 310 44.78 -35.85 -23.04
N ARG B 311 45.92 -35.47 -23.58
CA ARG B 311 46.84 -34.63 -22.82
C ARG B 311 46.32 -33.24 -22.51
N HIS B 312 45.34 -32.78 -23.27
CA HIS B 312 44.85 -31.41 -23.19
C HIS B 312 43.58 -31.29 -22.37
N ARG B 313 43.06 -32.43 -21.92
CA ARG B 313 41.78 -32.51 -21.21
C ARG B 313 41.80 -31.94 -19.80
N LEU B 314 40.77 -31.15 -19.50
CA LEU B 314 40.39 -30.79 -18.14
C LEU B 314 39.59 -31.94 -17.53
N PRO B 315 40.11 -32.57 -16.48
CA PRO B 315 39.39 -33.66 -15.84
C PRO B 315 37.97 -33.32 -15.36
N THR B 316 37.68 -32.07 -15.02
CA THR B 316 36.42 -31.74 -14.36
C THR B 316 35.24 -31.53 -15.30
N VAL B 317 35.56 -31.27 -16.57
CA VAL B 317 34.55 -31.07 -17.63
C VAL B 317 34.94 -31.80 -18.89
N THR B 318 34.08 -32.69 -19.35
CA THR B 318 34.33 -33.45 -20.57
C THR B 318 33.17 -33.24 -21.53
N GLY B 319 33.48 -32.93 -22.80
CA GLY B 319 32.47 -32.82 -23.85
C GLY B 319 32.27 -34.16 -24.53
N ILE B 320 31.01 -34.61 -24.54
CA ILE B 320 30.62 -35.85 -25.19
C ILE B 320 29.88 -35.53 -26.48
N MET B 321 30.49 -35.81 -27.63
CA MET B 321 29.93 -35.44 -28.95
C MET B 321 28.61 -36.13 -29.21
N ILE B 322 27.57 -35.36 -29.57
CA ILE B 322 26.27 -35.95 -29.98
C ILE B 322 26.54 -36.80 -31.21
N PRO B 323 26.20 -38.09 -31.17
CA PRO B 323 26.38 -38.88 -32.38
C PRO B 323 25.44 -38.42 -33.52
N LYS B 324 25.86 -38.71 -34.75
CA LYS B 324 25.17 -38.27 -35.96
C LYS B 324 23.65 -38.23 -35.85
N GLY B 325 23.02 -39.34 -35.48
CA GLY B 325 21.55 -39.42 -35.55
C GLY B 325 20.73 -38.70 -34.49
N VAL B 326 21.41 -38.17 -33.47
CA VAL B 326 20.80 -38.05 -32.12
C VAL B 326 20.34 -36.65 -31.68
N ASP B 327 19.20 -36.61 -31.02
CA ASP B 327 18.67 -35.38 -30.43
C ASP B 327 19.11 -35.27 -28.95
N TRP B 328 20.08 -34.38 -28.69
CA TRP B 328 20.73 -34.32 -27.39
C TRP B 328 19.75 -34.03 -26.27
N TRP B 329 18.82 -33.14 -26.55
CA TRP B 329 17.85 -32.71 -25.56
C TRP B 329 16.90 -33.83 -25.11
N LYS B 330 16.65 -34.77 -26.01
CA LYS B 330 15.75 -35.86 -25.68
C LYS B 330 16.37 -36.79 -24.65
N VAL B 331 17.66 -37.06 -24.83
CA VAL B 331 18.47 -37.83 -23.89
C VAL B 331 18.46 -37.19 -22.47
N SER B 332 18.75 -35.89 -22.41
CA SER B 332 18.73 -35.13 -21.16
C SER B 332 17.41 -35.21 -20.40
N GLN B 333 16.29 -34.96 -21.07
CA GLN B 333 14.97 -35.07 -20.40
C GLN B 333 14.83 -36.44 -19.82
N TYR B 334 15.12 -37.46 -20.63
CA TYR B 334 14.97 -38.80 -20.16
C TYR B 334 15.81 -38.97 -18.88
N ALA B 335 17.07 -38.57 -18.94
CA ALA B 335 17.94 -38.64 -17.78
C ALA B 335 17.34 -37.95 -16.55
N MET B 336 16.87 -36.72 -16.71
CA MET B 336 16.32 -35.97 -15.62
C MET B 336 15.10 -36.67 -15.07
N ASN B 337 14.17 -37.00 -15.96
CA ASN B 337 12.91 -37.66 -15.57
C ASN B 337 13.03 -39.01 -14.93
N ASN B 338 14.01 -39.79 -15.34
CA ASN B 338 14.07 -41.16 -14.90
C ASN B 338 15.10 -41.44 -13.84
N PHE B 339 16.12 -40.58 -13.74
CA PHE B 339 17.22 -40.85 -12.84
C PHE B 339 17.54 -39.59 -12.04
N SER B 340 16.81 -38.50 -12.31
CA SER B 340 17.16 -37.19 -11.78
C SER B 340 18.61 -36.87 -12.08
N LEU B 341 19.07 -37.27 -13.25
CA LEU B 341 20.43 -37.09 -13.64
C LEU B 341 20.56 -35.91 -14.56
N GLU B 342 21.38 -34.95 -14.14
CA GLU B 342 21.68 -33.77 -14.95
C GLU B 342 22.71 -34.12 -16.03
N VAL B 343 22.28 -34.04 -17.27
CA VAL B 343 23.13 -34.28 -18.42
C VAL B 343 23.10 -33.00 -19.24
N GLN B 344 24.10 -32.16 -19.02
CA GLN B 344 24.12 -30.82 -19.57
C GLN B 344 24.39 -30.78 -21.08
N GLY B 345 23.73 -29.85 -21.76
CA GLY B 345 24.05 -29.52 -23.14
C GLY B 345 25.38 -28.77 -23.30
N GLY B 346 25.64 -28.28 -24.52
CA GLY B 346 26.86 -27.57 -24.87
C GLY B 346 26.76 -26.08 -24.63
N LEU B 347 27.90 -25.40 -24.79
CA LEU B 347 28.03 -23.95 -24.54
C LEU B 347 29.17 -23.47 -25.41
N GLY B 348 29.02 -22.29 -25.99
CA GLY B 348 30.10 -21.74 -26.77
C GLY B 348 30.51 -22.82 -27.75
N PRO B 349 31.80 -23.13 -27.79
CA PRO B 349 32.34 -24.07 -28.74
C PRO B 349 31.59 -25.40 -28.83
N THR B 350 30.91 -25.81 -27.75
CA THR B 350 30.26 -27.11 -27.75
C THR B 350 28.76 -27.03 -28.00
N PHE B 351 28.28 -25.79 -28.16
CA PHE B 351 26.86 -25.57 -28.37
C PHE B 351 26.33 -26.34 -29.59
N GLY B 352 25.28 -27.15 -29.35
CA GLY B 352 24.76 -28.05 -30.38
C GLY B 352 25.64 -29.19 -30.85
N LYS B 353 26.86 -29.29 -30.33
CA LYS B 353 27.79 -30.33 -30.77
C LYS B 353 28.09 -31.40 -29.72
N ALA B 354 27.91 -31.07 -28.44
CA ALA B 354 28.24 -32.03 -27.34
C ALA B 354 27.40 -31.83 -26.09
N TRP B 355 27.24 -32.89 -25.30
CA TRP B 355 26.83 -32.72 -23.92
C TRP B 355 28.07 -32.39 -23.10
N ARG B 356 27.88 -31.99 -21.86
CA ARG B 356 29.04 -31.75 -21.01
C ARG B 356 28.89 -32.36 -19.64
N VAL B 357 29.86 -33.16 -19.23
CA VAL B 357 29.84 -33.82 -17.93
C VAL B 357 30.84 -33.20 -16.98
N GLY B 358 30.36 -32.97 -15.76
CA GLY B 358 31.17 -32.46 -14.68
C GLY B 358 31.53 -33.51 -13.61
N ILE B 359 32.80 -33.46 -13.19
CA ILE B 359 33.26 -34.22 -12.04
C ILE B 359 33.56 -33.19 -10.94
N MET B 360 32.52 -32.78 -10.24
CA MET B 360 32.63 -31.65 -9.32
C MET B 360 31.82 -31.90 -8.06
N GLY B 361 32.23 -31.25 -6.98
CA GLY B 361 31.56 -31.29 -5.70
C GLY B 361 31.31 -32.70 -5.22
N GLU B 362 30.09 -32.94 -4.76
CA GLU B 362 29.72 -34.21 -4.17
C GLU B 362 29.70 -35.39 -5.12
N CYS B 363 29.75 -35.14 -6.42
CA CYS B 363 29.73 -36.22 -7.38
C CYS B 363 31.08 -36.68 -7.92
N SER B 364 32.17 -36.27 -7.25
CA SER B 364 33.52 -36.67 -7.64
C SER B 364 33.91 -38.01 -7.05
N THR B 365 33.02 -38.99 -7.16
CA THR B 365 33.31 -40.32 -6.65
C THR B 365 33.19 -41.37 -7.74
N VAL B 366 33.89 -42.47 -7.59
CA VAL B 366 33.84 -43.54 -8.56
C VAL B 366 32.40 -43.99 -8.80
N GLN B 367 31.61 -44.15 -7.73
CA GLN B 367 30.24 -44.64 -7.84
C GLN B 367 29.38 -43.64 -8.56
N LYS B 368 29.71 -42.38 -8.43
CA LYS B 368 28.89 -41.41 -9.07
C LYS B 368 29.12 -41.41 -10.57
N ILE B 369 30.38 -41.58 -10.97
CA ILE B 369 30.69 -41.70 -12.38
C ILE B 369 30.04 -42.93 -12.97
N GLN B 370 30.04 -44.04 -12.25
CA GLN B 370 29.42 -45.26 -12.79
C GLN B 370 27.98 -45.03 -12.99
N PHE B 371 27.35 -44.32 -12.07
CA PHE B 371 25.94 -44.12 -12.19
C PHE B 371 25.64 -43.28 -13.42
N TYR B 372 26.42 -42.24 -13.62
CA TYR B 372 26.24 -41.36 -14.75
C TYR B 372 26.30 -42.15 -16.05
N LEU B 373 27.36 -42.95 -16.22
CA LEU B 373 27.53 -43.86 -17.34
C LEU B 373 26.31 -44.74 -17.56
N TYR B 374 25.82 -45.33 -16.48
CA TYR B 374 24.64 -46.16 -16.52
C TYR B 374 23.40 -45.39 -17.01
N GLY B 375 23.07 -44.29 -16.35
CA GLY B 375 21.87 -43.57 -16.66
C GLY B 375 21.98 -42.85 -17.98
N PHE B 376 23.19 -42.46 -18.34
CA PHE B 376 23.39 -41.89 -19.68
C PHE B 376 23.08 -42.91 -20.77
N LYS B 377 23.71 -44.07 -20.68
CA LYS B 377 23.52 -45.15 -21.63
C LYS B 377 22.04 -45.46 -21.72
N GLU B 378 21.40 -45.70 -20.58
CA GLU B 378 19.98 -46.05 -20.53
C GLU B 378 19.15 -44.94 -21.13
N SER B 379 19.65 -43.71 -21.04
CA SER B 379 18.89 -42.57 -21.59
C SER B 379 18.99 -42.55 -23.10
N LEU B 380 20.18 -42.74 -23.63
CA LEU B 380 20.41 -42.91 -25.05
C LEU B 380 19.65 -44.10 -25.63
N LYS B 381 19.75 -45.26 -24.99
CA LYS B 381 19.12 -46.51 -25.41
C LYS B 381 17.58 -46.41 -25.49
N ALA B 382 16.96 -46.00 -24.39
CA ALA B 382 15.52 -45.81 -24.36
C ALA B 382 15.07 -44.72 -25.32
N THR B 383 15.95 -43.79 -25.63
CA THR B 383 15.51 -42.62 -26.36
C THR B 383 15.76 -42.67 -27.88
N HIS B 384 16.79 -43.41 -28.27
CA HIS B 384 17.22 -43.56 -29.63
C HIS B 384 17.53 -45.04 -29.82
N PRO B 385 16.49 -45.86 -30.04
CA PRO B 385 16.61 -47.33 -29.93
C PRO B 385 17.51 -47.95 -31.00
N ASP B 386 17.93 -47.14 -31.96
CA ASP B 386 18.71 -47.67 -33.06
C ASP B 386 20.16 -47.28 -33.00
N TYR B 387 20.58 -46.62 -31.93
CA TYR B 387 21.98 -46.28 -31.78
C TYR B 387 22.75 -47.60 -31.51
N ILE B 388 23.98 -47.71 -32.02
CA ILE B 388 24.78 -48.94 -31.91
C ILE B 388 25.98 -48.70 -31.01
N PHE B 389 26.22 -49.61 -30.06
CA PHE B 389 27.35 -49.51 -29.11
C PHE B 389 28.62 -50.32 -29.48
N PHE C 3 52.66 -29.23 -2.35
CA PHE C 3 51.48 -28.51 -1.76
C PHE C 3 51.73 -27.97 -0.35
N THR C 4 51.95 -26.66 -0.22
CA THR C 4 52.16 -26.09 1.09
C THR C 4 50.92 -26.27 1.98
N PRO C 5 51.11 -26.75 3.24
CA PRO C 5 50.12 -27.30 4.18
C PRO C 5 48.80 -26.55 4.36
N PRO C 6 47.70 -27.29 4.59
CA PRO C 6 46.39 -26.73 4.92
C PRO C 6 46.44 -25.89 6.20
N PRO C 7 45.61 -24.84 6.28
CA PRO C 7 45.61 -24.06 7.51
C PRO C 7 44.91 -24.76 8.69
N ALA C 8 45.41 -24.50 9.89
CA ALA C 8 44.88 -25.10 11.13
C ALA C 8 43.50 -24.56 11.49
N SER C 9 43.26 -23.28 11.20
CA SER C 9 42.02 -22.61 11.53
C SER C 9 40.79 -23.32 11.01
N LEU C 10 40.91 -23.97 9.86
CA LEU C 10 39.79 -24.75 9.30
C LEU C 10 39.50 -26.08 10.01
N ARG C 11 40.27 -26.46 11.01
CA ARG C 11 40.02 -27.77 11.59
C ARG C 11 38.95 -27.79 12.69
N ASN C 12 38.67 -26.62 13.25
CA ASN C 12 37.56 -26.48 14.20
C ASN C 12 36.23 -26.41 13.49
N PRO C 13 35.18 -26.94 14.13
CA PRO C 13 33.83 -26.73 13.56
C PRO C 13 33.42 -25.27 13.54
N LEU C 14 32.50 -24.94 12.63
CA LEU C 14 31.97 -23.61 12.51
C LEU C 14 30.87 -23.49 13.56
N ILE C 15 30.94 -22.45 14.39
CA ILE C 15 29.94 -22.21 15.41
C ILE C 15 29.51 -20.78 15.35
N ILE C 16 28.27 -20.58 14.94
CA ILE C 16 27.70 -19.26 14.84
C ILE C 16 26.58 -19.14 15.86
N PRO C 17 26.76 -18.26 16.85
CA PRO C 17 25.79 -18.12 17.92
C PRO C 17 24.52 -17.48 17.42
N GLU C 18 23.43 -17.68 18.17
CA GLU C 18 22.18 -16.99 17.84
C GLU C 18 22.22 -15.59 18.42
N LYS C 19 21.62 -14.68 17.71
CA LYS C 19 21.71 -13.29 18.08
C LYS C 19 20.35 -12.64 17.87
N ILE C 20 20.05 -11.60 18.64
CA ILE C 20 18.78 -10.89 18.43
C ILE C 20 19.09 -9.65 17.60
N MET C 21 18.82 -9.78 16.31
CA MET C 21 19.35 -8.82 15.36
C MET C 21 18.42 -7.63 15.22
N MET C 22 18.59 -6.68 16.12
CA MET C 22 17.79 -5.45 16.11
C MET C 22 18.59 -4.16 15.82
N GLY C 23 19.61 -4.30 14.98
CA GLY C 23 20.24 -3.14 14.41
C GLY C 23 19.41 -2.85 13.18
N PRO C 24 19.83 -1.86 12.39
CA PRO C 24 19.13 -1.59 11.16
C PRO C 24 19.63 -2.47 10.03
N GLY C 25 19.94 -3.73 10.31
CA GLY C 25 20.41 -4.66 9.26
C GLY C 25 21.77 -5.30 9.59
N PRO C 26 21.93 -6.59 9.27
CA PRO C 26 20.88 -7.46 8.72
C PRO C 26 19.88 -7.92 9.81
N SER C 27 18.66 -8.24 9.42
CA SER C 27 17.65 -8.67 10.37
C SER C 27 17.61 -10.19 10.55
N ASN C 28 16.94 -10.66 11.59
CA ASN C 28 16.70 -12.07 11.77
C ASN C 28 15.75 -12.63 10.70
N CYS C 29 16.16 -13.71 10.04
CA CYS C 29 15.29 -14.44 9.12
C CYS C 29 14.54 -15.51 9.90
N SER C 30 13.28 -15.72 9.53
CA SER C 30 12.54 -16.85 10.08
C SER C 30 13.29 -18.16 9.80
N LYS C 31 13.08 -19.15 10.67
CA LYS C 31 13.52 -20.51 10.41
C LYS C 31 13.15 -21.00 9.01
N ARG C 32 11.97 -20.65 8.54
CA ARG C 32 11.50 -21.13 7.24
C ARG C 32 12.32 -20.58 6.11
N VAL C 33 12.63 -19.30 6.19
CA VAL C 33 13.54 -18.64 5.22
C VAL C 33 14.94 -19.25 5.25
N LEU C 34 15.48 -19.42 6.44
CA LEU C 34 16.82 -19.91 6.55
C LEU C 34 16.88 -21.31 5.96
N THR C 35 15.92 -22.19 6.25
CA THR C 35 16.12 -23.54 5.80
C THR C 35 15.91 -23.67 4.30
N ALA C 36 15.17 -22.74 3.70
CA ALA C 36 14.95 -22.75 2.26
C ALA C 36 16.27 -22.77 1.55
N MET C 37 17.29 -22.29 2.24
CA MET C 37 18.62 -22.18 1.62
C MET C 37 19.28 -23.50 1.45
N THR C 38 18.87 -24.50 2.25
CA THR C 38 19.44 -25.84 2.15
C THR C 38 18.92 -26.71 0.95
N ASN C 39 18.07 -26.16 0.11
CA ASN C 39 17.56 -26.89 -1.01
C ASN C 39 18.66 -26.99 -2.04
N THR C 40 18.51 -27.92 -3.00
CA THR C 40 19.51 -28.20 -4.03
C THR C 40 19.82 -26.95 -4.84
N VAL C 41 21.11 -26.72 -5.10
CA VAL C 41 21.53 -25.67 -6.02
C VAL C 41 21.10 -26.09 -7.45
N LEU C 42 20.42 -25.21 -8.18
CA LEU C 42 19.89 -25.64 -9.48
C LEU C 42 20.63 -25.05 -10.60
N SER C 43 20.58 -25.75 -11.73
CA SER C 43 21.14 -25.28 -12.94
C SER C 43 20.38 -24.06 -13.37
N ASN C 44 21.09 -23.14 -14.02
CA ASN C 44 20.42 -21.96 -14.55
C ASN C 44 19.18 -22.19 -15.41
N PHE C 45 19.07 -23.35 -16.04
CA PHE C 45 17.91 -23.59 -16.86
C PHE C 45 16.92 -24.62 -16.31
N HIS C 46 17.15 -25.11 -15.09
CA HIS C 46 16.13 -25.96 -14.47
C HIS C 46 14.73 -25.31 -14.43
N ALA C 47 13.74 -26.04 -14.93
CA ALA C 47 12.36 -25.55 -14.81
C ALA C 47 12.06 -24.98 -13.41
N GLU C 48 12.51 -25.68 -12.36
CA GLU C 48 12.14 -25.35 -10.99
C GLU C 48 12.75 -24.00 -10.53
N LEU C 49 13.90 -23.68 -11.08
CA LEU C 49 14.46 -22.36 -10.82
C LEU C 49 13.68 -21.24 -11.54
N PHE C 50 13.37 -21.42 -12.81
CA PHE C 50 12.47 -20.47 -13.50
C PHE C 50 11.15 -20.34 -12.82
N ARG C 51 10.56 -21.47 -12.39
CA ARG C 51 9.31 -21.40 -11.66
C ARG C 51 9.48 -20.44 -10.48
N THR C 52 10.43 -20.75 -9.60
CA THR C 52 10.69 -19.97 -8.36
C THR C 52 10.99 -18.49 -8.65
N MET C 53 11.85 -18.23 -9.63
CA MET C 53 12.11 -16.90 -10.05
C MET C 53 10.84 -16.15 -10.47
N ASP C 54 9.81 -16.86 -10.94
CA ASP C 54 8.59 -16.14 -11.38
C ASP C 54 7.76 -15.78 -10.19
N GLU C 55 7.62 -16.74 -9.27
CA GLU C 55 7.03 -16.47 -7.96
C GLU C 55 7.71 -15.26 -7.29
N VAL C 56 9.02 -15.11 -7.47
CA VAL C 56 9.73 -14.00 -6.86
C VAL C 56 9.33 -12.71 -7.54
N LYS C 57 9.38 -12.67 -8.86
CA LYS C 57 8.93 -11.46 -9.56
C LYS C 57 7.48 -11.05 -9.16
N ASP C 58 6.59 -12.03 -8.97
CA ASP C 58 5.24 -11.70 -8.52
C ASP C 58 5.34 -11.06 -7.16
N GLY C 59 5.94 -11.76 -6.20
CA GLY C 59 6.16 -11.20 -4.84
C GLY C 59 6.82 -9.81 -4.86
N LEU C 60 7.67 -9.59 -5.84
CA LEU C 60 8.25 -8.28 -5.98
C LEU C 60 7.24 -7.23 -6.42
N ARG C 61 6.41 -7.53 -7.43
CA ARG C 61 5.36 -6.60 -7.87
C ARG C 61 4.43 -6.27 -6.67
N TYR C 62 4.14 -7.27 -5.86
CA TYR C 62 3.32 -7.03 -4.70
C TYR C 62 4.00 -6.05 -3.74
N ILE C 63 5.25 -6.28 -3.38
CA ILE C 63 5.84 -5.41 -2.36
C ILE C 63 6.18 -4.02 -2.91
N PHE C 64 6.60 -3.94 -4.16
CA PHE C 64 6.91 -2.66 -4.77
C PHE C 64 5.65 -1.88 -5.14
N GLN C 65 4.54 -2.63 -5.30
CA GLN C 65 3.26 -2.15 -5.85
C GLN C 65 3.48 -1.57 -7.23
N THR C 66 3.92 -2.41 -8.15
CA THR C 66 4.09 -2.04 -9.56
C THR C 66 3.51 -3.15 -10.41
N GLU C 67 3.38 -2.88 -11.71
CA GLU C 67 3.09 -3.92 -12.69
C GLU C 67 4.19 -4.06 -13.69
N ASN C 68 5.31 -3.38 -13.44
CA ASN C 68 6.46 -3.46 -14.31
C ASN C 68 6.83 -4.92 -14.65
N ARG C 69 7.09 -5.11 -15.92
CA ARG C 69 7.50 -6.40 -16.37
C ARG C 69 8.99 -6.52 -16.08
N ALA C 70 9.73 -5.42 -16.17
CA ALA C 70 11.15 -5.46 -15.84
C ALA C 70 11.29 -5.35 -14.34
N THR C 71 10.80 -6.36 -13.65
CA THR C 71 11.05 -6.53 -12.24
C THR C 71 11.89 -7.80 -12.10
N MET C 72 12.99 -7.73 -11.29
CA MET C 72 14.00 -8.80 -11.24
C MET C 72 14.87 -8.65 -10.02
N CYS C 73 15.92 -9.48 -9.93
CA CYS C 73 16.98 -9.30 -8.95
C CYS C 73 18.34 -9.09 -9.56
N VAL C 74 19.14 -8.24 -8.93
CA VAL C 74 20.57 -8.16 -9.23
C VAL C 74 21.28 -9.11 -8.28
N SER C 75 22.33 -9.76 -8.78
CA SER C 75 23.08 -10.73 -7.95
C SER C 75 24.19 -10.03 -7.16
N GLY C 76 23.82 -9.36 -6.08
CA GLY C 76 24.72 -8.57 -5.25
C GLY C 76 23.92 -8.02 -4.08
N SER C 77 24.56 -7.35 -3.12
CA SER C 77 23.82 -6.77 -2.01
C SER C 77 23.21 -5.46 -2.53
N ALA C 78 22.56 -4.71 -1.64
CA ALA C 78 21.83 -3.52 -2.10
C ALA C 78 22.68 -2.55 -2.91
N HIS C 79 23.91 -2.31 -2.48
CA HIS C 79 24.86 -1.53 -3.28
C HIS C 79 24.87 -1.85 -4.75
N ALA C 80 24.69 -3.12 -5.05
CA ALA C 80 24.77 -3.55 -6.44
C ALA C 80 23.51 -3.08 -7.18
N GLY C 81 22.39 -3.00 -6.47
CA GLY C 81 21.22 -2.40 -7.05
C GLY C 81 21.50 -0.94 -7.41
N MET C 82 22.10 -0.22 -6.47
CA MET C 82 22.44 1.16 -6.71
C MET C 82 23.37 1.26 -7.93
N GLU C 83 24.44 0.48 -7.95
CA GLU C 83 25.35 0.42 -9.08
C GLU C 83 24.53 0.21 -10.35
N ALA C 84 23.62 -0.76 -10.28
CA ALA C 84 22.92 -1.18 -11.49
C ALA C 84 22.13 -0.01 -12.10
N MET C 85 21.34 0.67 -11.26
CA MET C 85 20.51 1.81 -11.71
C MET C 85 21.44 2.83 -12.36
N LEU C 86 22.56 3.11 -11.71
CA LEU C 86 23.40 4.19 -12.19
C LEU C 86 24.12 3.80 -13.47
N SER C 87 24.60 2.56 -13.61
CA SER C 87 25.37 2.25 -14.83
C SER C 87 24.46 2.04 -16.04
N ASN C 88 23.23 1.57 -15.80
CA ASN C 88 22.25 1.38 -16.88
C ASN C 88 21.63 2.68 -17.34
N LEU C 89 21.20 3.51 -16.37
CA LEU C 89 20.50 4.75 -16.69
C LEU C 89 21.38 5.95 -17.09
N LEU C 90 22.71 5.87 -16.98
CA LEU C 90 23.51 7.05 -17.32
C LEU C 90 24.60 6.74 -18.32
N GLU C 91 24.89 7.69 -19.21
CA GLU C 91 26.02 7.57 -20.13
C GLU C 91 26.99 8.65 -19.76
N GLU C 92 28.19 8.59 -20.31
CA GLU C 92 29.19 9.61 -19.97
C GLU C 92 28.63 11.03 -20.21
N GLY C 93 28.85 11.95 -19.29
CA GLY C 93 28.38 13.31 -19.46
C GLY C 93 26.93 13.56 -19.05
N ASP C 94 26.09 12.54 -18.97
CA ASP C 94 24.71 12.74 -18.47
C ASP C 94 24.61 13.41 -17.10
N ARG C 95 23.59 14.23 -16.92
CA ARG C 95 23.47 14.95 -15.68
C ARG C 95 22.61 14.14 -14.74
N VAL C 96 23.07 14.01 -13.51
CA VAL C 96 22.27 13.32 -12.49
C VAL C 96 22.19 14.20 -11.26
N LEU C 97 21.00 14.28 -10.74
CA LEU C 97 20.75 15.04 -9.58
C LEU C 97 20.55 14.11 -8.40
N ILE C 98 21.42 14.27 -7.41
CA ILE C 98 21.29 13.51 -6.22
C ILE C 98 21.03 14.48 -5.05
N ALA C 99 19.97 14.22 -4.31
CA ALA C 99 19.73 14.93 -3.10
C ALA C 99 20.49 14.27 -1.91
N VAL C 100 21.50 14.97 -1.37
CA VAL C 100 22.38 14.36 -0.38
C VAL C 100 22.10 14.78 1.05
N ASN C 101 21.70 13.84 1.90
CA ASN C 101 21.55 14.16 3.31
C ASN C 101 21.72 12.94 4.18
N GLY C 102 22.43 11.95 3.65
CA GLY C 102 22.72 10.74 4.42
C GLY C 102 23.73 9.93 3.67
N ILE C 103 24.09 8.77 4.17
CA ILE C 103 25.25 8.11 3.59
C ILE C 103 24.99 7.49 2.22
N TRP C 104 23.77 7.03 2.01
CA TRP C 104 23.49 6.31 0.78
C TRP C 104 23.51 7.23 -0.43
N ALA C 105 23.09 8.48 -0.25
CA ALA C 105 23.10 9.41 -1.36
C ALA C 105 24.54 9.75 -1.70
N GLU C 106 25.39 9.74 -0.67
CA GLU C 106 26.85 9.93 -0.87
C GLU C 106 27.47 8.85 -1.72
N ARG C 107 27.12 7.59 -1.38
CA ARG C 107 27.49 6.44 -2.17
C ARG C 107 27.05 6.61 -3.61
N ALA C 108 25.83 7.08 -3.82
CA ALA C 108 25.35 7.28 -5.19
C ALA C 108 26.18 8.36 -5.94
N VAL C 109 26.55 9.41 -5.21
CA VAL C 109 27.50 10.42 -5.74
C VAL C 109 28.81 9.71 -6.13
N GLU C 110 29.36 8.90 -5.24
CA GLU C 110 30.59 8.20 -5.55
C GLU C 110 30.49 7.31 -6.77
N MET C 111 29.35 6.67 -6.97
CA MET C 111 29.22 5.71 -8.08
C MET C 111 29.05 6.45 -9.36
N SER C 112 28.28 7.52 -9.30
CA SER C 112 27.98 8.27 -10.49
C SER C 112 29.22 8.90 -11.05
N GLU C 113 30.05 9.41 -10.17
CA GLU C 113 31.29 9.99 -10.57
C GLU C 113 32.09 8.95 -11.30
N ARG C 114 32.23 7.76 -10.73
CA ARG C 114 33.00 6.72 -11.37
C ARG C 114 32.47 6.35 -12.75
N TYR C 115 31.15 6.31 -12.89
CA TYR C 115 30.55 6.02 -14.19
C TYR C 115 30.65 7.18 -15.19
N GLY C 116 31.25 8.28 -14.75
CA GLY C 116 31.53 9.37 -15.66
C GLY C 116 30.36 10.31 -15.90
N ALA C 117 29.42 10.30 -14.97
CA ALA C 117 28.31 11.22 -15.05
C ALA C 117 28.72 12.57 -14.48
N ASP C 118 27.96 13.60 -14.87
CA ASP C 118 28.13 14.93 -14.35
C ASP C 118 27.12 15.08 -13.19
N VAL C 119 27.67 15.07 -11.99
CA VAL C 119 26.86 14.98 -10.79
C VAL C 119 26.45 16.34 -10.20
N ARG C 120 25.15 16.55 -10.06
CA ARG C 120 24.66 17.76 -9.45
C ARG C 120 23.99 17.38 -8.15
N THR C 121 24.36 18.09 -7.09
CA THR C 121 23.85 17.74 -5.78
C THR C 121 23.06 18.87 -5.13
N ILE C 122 22.28 18.54 -4.11
CA ILE C 122 21.78 19.54 -3.19
C ILE C 122 21.95 19.01 -1.77
N GLU C 123 22.46 19.85 -0.89
CA GLU C 123 22.62 19.49 0.51
C GLU C 123 21.36 19.68 1.32
N GLY C 124 21.20 18.87 2.36
CA GLY C 124 20.05 18.94 3.22
C GLY C 124 20.48 18.55 4.62
N PRO C 125 19.74 19.02 5.62
CA PRO C 125 20.10 18.52 6.96
C PRO C 125 19.82 17.00 7.06
N PRO C 126 20.66 16.27 7.80
CA PRO C 126 20.44 14.83 7.90
C PRO C 126 19.10 14.48 8.57
N ASP C 127 18.51 15.43 9.29
CA ASP C 127 17.33 15.14 10.11
C ASP C 127 16.02 15.78 9.61
N ARG C 128 16.02 16.25 8.36
CA ARG C 128 14.87 16.92 7.80
C ARG C 128 14.82 16.55 6.33
N PRO C 129 13.65 16.13 5.84
CA PRO C 129 13.50 15.75 4.43
C PRO C 129 13.60 16.93 3.50
N PHE C 130 13.91 16.66 2.23
CA PHE C 130 13.84 17.66 1.21
C PHE C 130 12.39 17.89 0.87
N SER C 131 11.99 19.16 0.81
CA SER C 131 10.64 19.53 0.44
C SER C 131 10.42 19.39 -1.06
N LEU C 132 9.17 19.27 -1.45
CA LEU C 132 8.79 19.19 -2.84
C LEU C 132 9.32 20.37 -3.68
N GLU C 133 9.17 21.57 -3.12
CA GLU C 133 9.66 22.80 -3.74
C GLU C 133 11.16 22.71 -3.88
N THR C 134 11.88 22.41 -2.80
CA THR C 134 13.32 22.34 -2.89
C THR C 134 13.67 21.52 -4.15
N LEU C 135 13.07 20.32 -4.25
CA LEU C 135 13.41 19.36 -5.29
C LEU C 135 13.05 19.87 -6.67
N ALA C 136 11.81 20.34 -6.78
CA ALA C 136 11.33 20.89 -8.01
C ALA C 136 12.29 21.99 -8.54
N ARG C 137 12.69 22.90 -7.66
CA ARG C 137 13.54 24.00 -8.03
C ARG C 137 14.88 23.42 -8.51
N ALA C 138 15.45 22.49 -7.75
CA ALA C 138 16.69 21.77 -8.16
C ALA C 138 16.59 21.10 -9.56
N ILE C 139 15.41 20.54 -9.87
CA ILE C 139 15.19 19.90 -11.15
C ILE C 139 15.23 20.85 -12.36
N GLU C 140 14.40 21.90 -12.32
CA GLU C 140 14.45 23.01 -13.29
C GLU C 140 15.86 23.52 -13.41
N LEU C 141 16.52 23.81 -12.29
CA LEU C 141 17.89 24.38 -12.30
C LEU C 141 18.83 23.50 -13.15
N HIS C 142 18.82 22.18 -12.89
CA HIS C 142 19.84 21.27 -13.45
C HIS C 142 19.44 20.43 -14.67
N GLN C 143 18.15 20.43 -15.01
CA GLN C 143 17.63 19.65 -16.16
C GLN C 143 18.23 18.23 -16.20
N PRO C 144 18.16 17.47 -15.08
CA PRO C 144 18.94 16.24 -14.99
C PRO C 144 18.29 15.14 -15.81
N LYS C 145 19.05 14.08 -16.09
CA LYS C 145 18.49 12.85 -16.65
C LYS C 145 17.84 11.96 -15.57
N CYS C 146 18.45 11.85 -14.40
CA CYS C 146 17.86 11.15 -13.27
C CYS C 146 17.93 11.93 -12.01
N LEU C 147 16.97 11.66 -11.14
CA LEU C 147 17.00 12.15 -9.81
C LEU C 147 17.09 10.94 -8.94
N PHE C 148 18.02 10.96 -7.99
CA PHE C 148 18.14 9.88 -7.04
C PHE C 148 17.67 10.35 -5.66
N LEU C 149 16.73 9.64 -5.05
CA LEU C 149 16.37 9.90 -3.68
C LEU C 149 16.47 8.68 -2.80
N THR C 150 17.07 8.83 -1.63
CA THR C 150 16.91 7.82 -0.60
C THR C 150 15.48 7.96 -0.05
N HIS C 151 14.74 6.86 0.03
CA HIS C 151 13.40 6.92 0.64
C HIS C 151 13.52 6.88 2.15
N GLY C 152 13.85 5.71 2.68
CA GLY C 152 14.17 5.56 4.10
C GLY C 152 15.69 5.47 4.27
N ASP C 153 16.25 6.40 5.02
CA ASP C 153 17.68 6.44 5.25
C ASP C 153 18.08 5.77 6.57
N SER C 154 18.72 4.61 6.50
CA SER C 154 19.04 3.87 7.70
C SER C 154 20.23 4.42 8.46
N SER C 155 20.86 5.48 7.95
CA SER C 155 21.91 6.14 8.71
C SER C 155 21.35 7.21 9.62
N SER C 156 20.12 7.66 9.39
CA SER C 156 19.50 8.73 10.22
C SER C 156 18.20 8.38 10.90
N GLY C 157 17.38 7.61 10.20
CA GLY C 157 16.04 7.24 10.67
C GLY C 157 15.07 8.20 10.03
N LEU C 158 15.51 8.83 8.94
CA LEU C 158 14.74 9.81 8.22
C LEU C 158 13.91 9.19 7.12
N LEU C 159 12.63 9.53 7.08
CA LEU C 159 11.77 9.08 5.97
C LEU C 159 11.39 10.22 5.05
N GLN C 160 11.81 10.12 3.81
CA GLN C 160 11.62 11.15 2.81
C GLN C 160 10.29 10.96 2.02
N PRO C 161 9.30 11.88 2.21
CA PRO C 161 8.06 11.79 1.41
C PRO C 161 8.33 11.80 -0.10
N LEU C 162 7.52 11.08 -0.86
CA LEU C 162 7.78 10.89 -2.29
C LEU C 162 6.64 11.32 -3.23
N GLU C 163 5.42 11.41 -2.67
CA GLU C 163 4.22 11.86 -3.39
C GLU C 163 4.52 13.14 -4.17
N GLY C 164 4.26 13.10 -5.47
CA GLY C 164 4.40 14.30 -6.30
C GLY C 164 5.75 14.42 -6.98
N VAL C 165 6.79 13.82 -6.36
CA VAL C 165 8.16 13.95 -6.90
C VAL C 165 8.30 13.39 -8.32
N GLY C 166 7.77 12.20 -8.54
CA GLY C 166 7.92 11.61 -9.86
C GLY C 166 7.35 12.53 -10.93
N GLN C 167 6.13 13.02 -10.67
CA GLN C 167 5.33 13.81 -11.59
C GLN C 167 6.12 15.00 -12.10
N ILE C 168 6.82 15.64 -11.17
CA ILE C 168 7.67 16.77 -11.48
C ILE C 168 8.82 16.31 -12.37
N CYS C 169 9.44 15.18 -12.02
CA CYS C 169 10.52 14.65 -12.88
C CYS C 169 10.03 14.40 -14.29
N HIS C 170 8.82 13.86 -14.41
CA HIS C 170 8.27 13.52 -15.73
C HIS C 170 8.01 14.74 -16.59
N GLN C 171 7.51 15.83 -15.97
CA GLN C 171 7.39 17.13 -16.64
C GLN C 171 8.70 17.63 -17.22
N HIS C 172 9.81 17.36 -16.56
CA HIS C 172 11.09 17.87 -17.07
C HIS C 172 11.93 16.79 -17.73
N ASP C 173 11.29 15.67 -18.08
CA ASP C 173 11.95 14.55 -18.77
C ASP C 173 13.07 13.91 -17.98
N CYS C 174 12.75 13.56 -16.75
CA CYS C 174 13.74 13.09 -15.81
C CYS C 174 13.22 11.77 -15.24
N LEU C 175 14.10 10.81 -15.01
CA LEU C 175 13.69 9.59 -14.33
C LEU C 175 13.86 9.72 -12.84
N LEU C 176 12.95 9.11 -12.10
CA LEU C 176 13.03 9.08 -10.65
C LEU C 176 13.56 7.71 -10.21
N ILE C 177 14.71 7.73 -9.55
CA ILE C 177 15.30 6.54 -8.96
C ILE C 177 15.14 6.67 -7.46
N VAL C 178 14.50 5.69 -6.83
CA VAL C 178 14.39 5.65 -5.37
C VAL C 178 15.12 4.47 -4.71
N ASP C 179 15.73 4.71 -3.57
CA ASP C 179 16.34 3.66 -2.81
C ASP C 179 15.38 3.29 -1.72
N ALA C 180 14.68 2.18 -1.90
CA ALA C 180 13.75 1.73 -0.83
C ALA C 180 14.31 0.64 0.11
N VAL C 181 15.61 0.47 0.16
CA VAL C 181 16.21 -0.58 0.96
C VAL C 181 15.67 -0.64 2.39
N ALA C 182 15.47 0.50 3.03
CA ALA C 182 15.15 0.46 4.44
C ALA C 182 13.69 0.70 4.74
N SER C 183 12.94 1.10 3.72
CA SER C 183 11.52 1.45 3.91
C SER C 183 10.55 0.34 3.53
N LEU C 184 10.75 -0.32 2.39
CA LEU C 184 9.77 -1.27 1.89
C LEU C 184 9.32 -2.26 2.95
N CYS C 185 8.00 -2.43 3.04
CA CYS C 185 7.27 -3.31 4.00
C CYS C 185 7.27 -2.78 5.37
N GLY C 186 7.76 -1.56 5.51
CA GLY C 186 7.76 -0.88 6.80
C GLY C 186 6.90 0.36 6.74
N VAL C 187 6.68 0.88 5.54
CA VAL C 187 5.84 2.05 5.33
C VAL C 187 5.16 1.91 3.96
N PRO C 188 4.00 2.54 3.77
CA PRO C 188 3.38 2.39 2.46
C PRO C 188 4.36 2.72 1.38
N PHE C 189 4.25 2.03 0.24
CA PHE C 189 5.08 2.38 -0.90
C PHE C 189 4.37 1.95 -2.16
N TYR C 190 4.22 2.88 -3.12
CA TYR C 190 3.50 2.62 -4.36
C TYR C 190 4.31 3.04 -5.53
N MET C 191 5.12 2.14 -6.03
CA MET C 191 5.99 2.52 -7.08
C MET C 191 5.25 3.23 -8.20
N ASP C 192 4.13 2.64 -8.65
CA ASP C 192 3.43 3.16 -9.84
C ASP C 192 2.64 4.44 -9.53
N LYS C 193 1.77 4.39 -8.52
CA LYS C 193 1.01 5.58 -8.14
C LYS C 193 1.93 6.79 -7.95
N TRP C 194 3.07 6.56 -7.28
CA TRP C 194 4.05 7.64 -7.04
C TRP C 194 4.93 7.96 -8.25
N GLU C 195 4.53 7.49 -9.43
CA GLU C 195 5.18 7.97 -10.64
C GLU C 195 6.72 7.63 -10.67
N ILE C 196 7.19 6.56 -9.97
CA ILE C 196 8.65 6.20 -9.79
C ILE C 196 9.16 5.23 -10.88
N ASP C 197 10.35 5.50 -11.44
CA ASP C 197 10.88 4.74 -12.59
C ASP C 197 11.84 3.56 -12.31
N ALA C 198 12.48 3.56 -11.14
CA ALA C 198 13.53 2.57 -10.82
C ALA C 198 13.66 2.57 -9.31
N VAL C 199 13.53 1.38 -8.73
CA VAL C 199 13.59 1.24 -7.30
C VAL C 199 14.39 -0.05 -6.97
N TYR C 200 15.02 -0.11 -5.81
CA TYR C 200 15.61 -1.36 -5.34
C TYR C 200 15.39 -1.45 -3.85
N THR C 201 15.29 -2.66 -3.30
CA THR C 201 15.39 -2.83 -1.86
C THR C 201 16.51 -3.78 -1.58
N GLY C 202 16.63 -4.15 -0.31
CA GLY C 202 17.57 -5.15 0.09
C GLY C 202 16.86 -6.26 0.80
N ALA C 203 17.42 -7.46 0.65
CA ALA C 203 16.89 -8.65 1.26
C ALA C 203 16.92 -8.56 2.79
N GLN C 204 18.04 -8.11 3.34
CA GLN C 204 18.39 -8.36 4.74
C GLN C 204 17.95 -7.28 5.66
N LYS C 205 17.12 -6.38 5.14
CA LYS C 205 16.52 -5.29 5.91
C LYS C 205 15.13 -5.71 6.34
N VAL C 206 14.09 -5.03 5.86
CA VAL C 206 12.75 -5.27 6.41
C VAL C 206 12.21 -6.70 6.14
N LEU C 207 12.51 -7.22 4.93
CA LEU C 207 12.07 -8.54 4.48
C LEU C 207 12.46 -9.72 5.38
N GLY C 208 13.64 -9.67 6.00
CA GLY C 208 14.12 -10.80 6.80
C GLY C 208 14.52 -11.97 5.90
N ALA C 209 15.22 -11.65 4.83
CA ALA C 209 15.80 -12.60 3.91
C ALA C 209 17.30 -12.41 4.04
N PRO C 210 18.11 -13.42 3.67
CA PRO C 210 19.58 -13.32 3.79
C PRO C 210 20.16 -12.40 2.72
N PRO C 211 21.27 -11.74 3.02
CA PRO C 211 21.90 -10.80 2.09
C PRO C 211 22.53 -11.42 0.83
N GLY C 212 22.69 -10.61 -0.21
CA GLY C 212 23.44 -11.03 -1.43
C GLY C 212 22.62 -11.03 -2.72
N ILE C 213 21.34 -10.70 -2.60
CA ILE C 213 20.49 -10.59 -3.76
C ILE C 213 19.59 -9.38 -3.59
N THR C 214 19.40 -8.64 -4.67
CA THR C 214 18.76 -7.36 -4.56
C THR C 214 17.61 -7.23 -5.55
N PRO C 215 16.39 -7.15 -5.03
CA PRO C 215 15.25 -6.97 -5.91
C PRO C 215 15.29 -5.58 -6.50
N ILE C 216 15.10 -5.45 -7.80
CA ILE C 216 14.90 -4.15 -8.38
C ILE C 216 13.65 -4.11 -9.24
N SER C 217 13.24 -2.93 -9.70
CA SER C 217 12.24 -2.83 -10.73
C SER C 217 12.36 -1.57 -11.53
N ILE C 218 12.16 -1.68 -12.83
CA ILE C 218 12.24 -0.47 -13.64
C ILE C 218 10.98 -0.30 -14.50
N SER C 219 10.62 0.95 -14.78
CA SER C 219 9.39 1.31 -15.50
C SER C 219 9.63 1.20 -17.00
N PRO C 220 8.56 1.12 -17.79
CA PRO C 220 8.71 1.03 -19.27
C PRO C 220 9.52 2.22 -19.75
N LYS C 221 9.34 3.31 -19.01
CA LYS C 221 9.96 4.58 -19.33
C LYS C 221 11.45 4.43 -19.19
N ALA C 222 11.89 3.83 -18.07
CA ALA C 222 13.32 3.67 -17.76
C ALA C 222 13.93 2.62 -18.66
N LEU C 223 13.19 1.54 -18.84
CA LEU C 223 13.58 0.46 -19.73
C LEU C 223 13.91 1.05 -21.10
N ASP C 224 13.06 1.96 -21.54
CA ASP C 224 13.25 2.52 -22.84
C ASP C 224 14.51 3.36 -22.91
N VAL C 225 14.77 4.13 -21.84
CA VAL C 225 16.00 4.93 -21.79
C VAL C 225 17.22 4.06 -22.03
N ILE C 226 17.20 2.86 -21.44
CA ILE C 226 18.29 1.87 -21.55
C ILE C 226 18.43 1.32 -22.98
N ARG C 227 17.30 0.92 -23.56
CA ARG C 227 17.29 0.49 -24.98
C ARG C 227 17.95 1.51 -25.92
N ASN C 228 17.78 2.80 -25.63
CA ASN C 228 18.27 3.85 -26.52
C ASN C 228 19.58 4.53 -26.12
N ARG C 229 20.45 3.81 -25.43
CA ARG C 229 21.77 4.36 -25.12
C ARG C 229 22.54 4.37 -26.40
N ARG C 230 23.47 5.29 -26.54
CA ARG C 230 24.36 5.27 -27.72
C ARG C 230 25.58 4.37 -27.49
N THR C 231 25.83 3.99 -26.24
CA THR C 231 26.93 3.07 -25.93
C THR C 231 26.50 2.03 -24.92
N LYS C 232 27.14 0.86 -24.97
CA LYS C 232 26.86 -0.26 -24.03
C LYS C 232 27.08 0.20 -22.63
N SER C 233 26.26 -0.24 -21.68
CA SER C 233 26.54 0.13 -20.30
C SER C 233 27.88 -0.47 -19.80
N LYS C 234 28.48 0.19 -18.83
CA LYS C 234 29.81 -0.20 -18.41
C LYS C 234 29.99 -1.59 -17.75
N VAL C 235 28.96 -2.16 -17.15
CA VAL C 235 29.12 -3.42 -16.44
C VAL C 235 28.23 -4.51 -16.98
N PHE C 236 28.82 -5.52 -17.59
CA PHE C 236 28.01 -6.55 -18.22
C PHE C 236 27.19 -7.31 -17.18
N TYR C 237 27.78 -7.54 -16.03
CA TYR C 237 27.18 -8.35 -14.97
C TYR C 237 25.82 -7.87 -14.55
N TRP C 238 25.58 -6.57 -14.60
CA TRP C 238 24.27 -6.06 -14.27
C TRP C 238 23.72 -5.14 -15.34
N ASP C 239 24.07 -5.48 -16.58
CA ASP C 239 23.35 -4.91 -17.72
C ASP C 239 21.93 -5.47 -17.70
N LEU C 240 20.99 -4.56 -17.50
CA LEU C 240 19.57 -4.91 -17.29
C LEU C 240 18.85 -5.48 -18.53
N LEU C 241 19.33 -5.20 -19.75
CA LEU C 241 18.76 -5.86 -20.92
C LEU C 241 19.11 -7.33 -20.84
N LEU C 242 20.36 -7.59 -20.50
CA LEU C 242 20.83 -8.98 -20.43
C LEU C 242 20.25 -9.69 -19.18
N LEU C 243 20.32 -9.03 -18.03
CA LEU C 243 19.78 -9.61 -16.81
C LEU C 243 18.28 -9.87 -16.92
N GLY C 244 17.54 -8.83 -17.33
CA GLY C 244 16.10 -8.92 -17.51
C GLY C 244 15.72 -10.05 -18.42
N ASN C 245 16.50 -10.21 -19.49
CA ASN C 245 16.26 -11.28 -20.42
C ASN C 245 16.25 -12.63 -19.72
N TYR C 246 17.30 -12.91 -18.96
CA TYR C 246 17.35 -14.19 -18.28
C TYR C 246 16.19 -14.30 -17.24
N TRP C 247 15.77 -13.20 -16.68
CA TRP C 247 14.69 -13.26 -15.72
C TRP C 247 13.31 -13.35 -16.43
N GLY C 248 13.35 -13.36 -17.78
CA GLY C 248 12.17 -13.46 -18.61
C GLY C 248 11.30 -12.25 -18.40
N CYS C 249 11.85 -11.08 -18.64
CA CYS C 249 11.13 -9.83 -18.40
C CYS C 249 10.72 -9.28 -19.77
N TYR C 250 11.30 -9.84 -20.80
CA TYR C 250 11.03 -9.35 -22.10
C TYR C 250 10.47 -10.46 -22.96
N ASP C 251 10.01 -10.09 -24.16
CA ASP C 251 9.49 -11.07 -25.12
C ASP C 251 10.69 -11.56 -25.89
N GLU C 252 11.60 -12.23 -25.20
CA GLU C 252 12.76 -12.79 -25.89
C GLU C 252 13.00 -14.16 -25.29
N PRO C 253 13.64 -15.06 -26.05
CA PRO C 253 13.99 -16.31 -25.38
C PRO C 253 15.16 -16.06 -24.39
N LYS C 254 15.05 -16.61 -23.18
CA LYS C 254 16.08 -16.53 -22.16
C LYS C 254 17.48 -17.05 -22.64
N ARG C 255 18.53 -16.28 -22.38
CA ARG C 255 19.89 -16.74 -22.62
C ARG C 255 20.70 -16.78 -21.30
N TYR C 256 21.72 -17.63 -21.26
CA TYR C 256 22.58 -17.66 -20.06
C TYR C 256 23.23 -16.30 -19.89
N HIS C 257 23.03 -15.72 -18.71
CA HIS C 257 23.74 -14.48 -18.39
C HIS C 257 24.87 -14.75 -17.41
N HIS C 258 24.56 -15.03 -16.14
CA HIS C 258 25.51 -15.48 -15.13
C HIS C 258 24.78 -16.45 -14.23
N THR C 259 25.45 -17.27 -13.44
CA THR C 259 24.75 -18.14 -12.51
C THR C 259 24.10 -17.36 -11.39
N VAL C 260 22.82 -17.55 -11.17
CA VAL C 260 22.18 -16.78 -10.11
C VAL C 260 22.31 -17.57 -8.84
N ALA C 261 22.00 -16.96 -7.68
CA ALA C 261 22.19 -17.63 -6.42
C ALA C 261 20.92 -18.40 -5.97
N SER C 262 20.70 -19.59 -6.57
CA SER C 262 19.51 -20.38 -6.31
C SER C 262 19.10 -20.36 -4.83
N ASN C 263 20.07 -20.56 -3.97
CA ASN C 263 19.83 -20.67 -2.54
C ASN C 263 19.31 -19.39 -1.96
N LEU C 264 19.93 -18.28 -2.36
CA LEU C 264 19.40 -16.96 -1.96
C LEU C 264 18.00 -16.70 -2.57
N ILE C 265 17.78 -17.10 -3.82
CA ILE C 265 16.48 -16.96 -4.45
C ILE C 265 15.42 -17.83 -3.74
N PHE C 266 15.76 -19.02 -3.32
CA PHE C 266 14.79 -19.78 -2.54
C PHE C 266 14.40 -18.99 -1.30
N ALA C 267 15.40 -18.42 -0.66
CA ALA C 267 15.21 -17.81 0.63
C ALA C 267 14.31 -16.59 0.43
N LEU C 268 14.58 -15.83 -0.62
CA LEU C 268 13.83 -14.62 -0.88
C LEU C 268 12.37 -14.95 -1.20
N ARG C 269 12.17 -15.96 -2.02
CA ARG C 269 10.83 -16.46 -2.33
C ARG C 269 10.10 -16.74 -0.99
N GLU C 270 10.69 -17.48 -0.08
CA GLU C 270 9.97 -17.72 1.15
C GLU C 270 9.66 -16.41 1.87
N ALA C 271 10.65 -15.53 1.96
CA ALA C 271 10.44 -14.26 2.66
C ALA C 271 9.28 -13.49 2.03
N LEU C 272 9.27 -13.35 0.70
CA LEU C 272 8.09 -12.79 0.01
C LEU C 272 6.77 -13.59 0.35
N ALA C 273 6.80 -14.93 0.30
CA ALA C 273 5.63 -15.71 0.68
C ALA C 273 5.15 -15.26 2.04
N GLN C 274 6.08 -15.05 2.98
CA GLN C 274 5.67 -14.75 4.36
C GLN C 274 4.94 -13.42 4.45
N ILE C 275 5.42 -12.44 3.67
CA ILE C 275 4.82 -11.13 3.74
C ILE C 275 3.56 -11.13 2.87
N ALA C 276 3.44 -12.09 1.94
CA ALA C 276 2.17 -12.24 1.22
C ALA C 276 1.06 -12.83 2.13
N GLU C 277 1.37 -13.90 2.87
CA GLU C 277 0.35 -14.55 3.69
C GLU C 277 -0.25 -13.60 4.72
N GLU C 278 0.59 -12.73 5.32
CA GLU C 278 0.16 -11.76 6.34
C GLU C 278 -0.38 -10.48 5.71
N GLY C 279 0.07 -10.19 4.49
CA GLY C 279 -0.37 -9.00 3.78
C GLY C 279 0.42 -7.74 4.14
N LEU C 280 0.73 -6.94 3.11
CA LEU C 280 1.49 -5.70 3.30
C LEU C 280 0.95 -4.87 4.47
N GLU C 281 -0.31 -4.44 4.34
CA GLU C 281 -0.92 -3.51 5.24
C GLU C 281 -0.71 -3.92 6.69
N ASN C 282 -0.90 -5.21 6.99
CA ASN C 282 -0.76 -5.63 8.39
C ASN C 282 0.68 -5.51 8.85
N GLN C 283 1.59 -5.68 7.89
CA GLN C 283 3.00 -5.71 8.22
C GLN C 283 3.44 -4.34 8.53
N ILE C 284 3.10 -3.40 7.64
CA ILE C 284 3.33 -1.97 7.88
C ILE C 284 2.69 -1.47 9.19
N LYS C 285 1.47 -1.91 9.49
CA LYS C 285 0.84 -1.55 10.77
C LYS C 285 1.62 -2.07 11.96
N ARG C 286 2.09 -3.30 11.87
CA ARG C 286 2.76 -3.91 13.00
C ARG C 286 4.06 -3.14 13.30
N ARG C 287 4.68 -2.59 12.25
CA ARG C 287 5.94 -1.89 12.43
C ARG C 287 5.72 -0.50 12.98
N ILE C 288 4.74 0.20 12.42
CA ILE C 288 4.29 1.45 13.04
C ILE C 288 3.97 1.33 14.56
N GLU C 289 3.19 0.31 14.98
CA GLU C 289 2.90 0.11 16.42
C GLU C 289 4.15 -0.19 17.26
N CYS C 290 5.06 -0.95 16.67
CA CYS C 290 6.32 -1.27 17.32
C CYS C 290 7.17 -0.04 17.51
N ALA C 291 7.23 0.79 16.49
CA ALA C 291 7.96 2.04 16.57
C ALA C 291 7.43 2.93 17.69
N GLN C 292 6.10 3.06 17.76
CA GLN C 292 5.39 3.73 18.88
C GLN C 292 5.82 3.20 20.22
N ILE C 293 5.77 1.90 20.43
CA ILE C 293 6.18 1.37 21.74
C ILE C 293 7.63 1.74 21.95
N LEU C 294 8.39 1.74 20.86
CA LEU C 294 9.81 2.09 20.95
C LEU C 294 9.95 3.53 21.44
N TYR C 295 9.32 4.46 20.72
CA TYR C 295 9.39 5.87 21.10
C TYR C 295 9.01 6.07 22.57
N GLU C 296 7.90 5.48 23.02
CA GLU C 296 7.47 5.63 24.42
C GLU C 296 8.57 5.21 25.39
N GLY C 297 9.10 4.00 25.19
CA GLY C 297 10.02 3.39 26.15
C GLY C 297 11.32 4.14 26.20
N LEU C 298 11.72 4.71 25.07
CA LEU C 298 12.90 5.60 24.98
C LEU C 298 12.69 6.95 25.68
N GLY C 299 11.58 7.65 25.37
CA GLY C 299 11.13 8.79 26.16
C GLY C 299 11.17 8.50 27.65
N LYS C 300 10.55 7.40 28.10
CA LYS C 300 10.57 7.03 29.51
C LYS C 300 11.96 6.82 30.11
N MET C 301 12.99 6.72 29.28
CA MET C 301 14.36 6.63 29.80
C MET C 301 15.12 7.97 29.70
N GLY C 302 14.41 9.01 29.29
CA GLY C 302 15.02 10.33 29.12
C GLY C 302 15.96 10.39 27.91
N LEU C 303 15.72 9.50 26.95
CA LEU C 303 16.58 9.39 25.77
C LEU C 303 16.02 10.08 24.53
N ASP C 304 16.94 10.67 23.77
CA ASP C 304 16.59 11.44 22.62
C ASP C 304 16.70 10.69 21.28
N ILE C 305 15.91 11.11 20.31
CA ILE C 305 15.90 10.49 19.01
C ILE C 305 16.49 11.45 18.02
N PHE C 306 17.29 10.95 17.09
CA PHE C 306 18.03 11.79 16.17
C PHE C 306 17.12 12.59 15.21
N VAL C 307 16.05 11.98 14.75
CA VAL C 307 15.07 12.74 13.95
C VAL C 307 14.03 13.20 14.93
N LYS C 308 14.13 14.48 15.34
CA LYS C 308 13.41 14.95 16.52
C LYS C 308 11.93 15.00 16.23
N ASP C 309 11.58 15.52 15.06
CA ASP C 309 10.18 15.62 14.67
C ASP C 309 9.59 14.26 14.29
N PRO C 310 8.59 13.78 15.07
CA PRO C 310 8.03 12.45 14.81
C PRO C 310 7.49 12.28 13.39
N ARG C 311 7.01 13.33 12.76
CA ARG C 311 6.40 13.18 11.44
C ARG C 311 7.37 12.70 10.36
N HIS C 312 8.66 12.88 10.62
CA HIS C 312 9.69 12.62 9.61
C HIS C 312 10.41 11.29 9.83
N ARG C 313 10.04 10.58 10.90
CA ARG C 313 10.67 9.34 11.24
C ARG C 313 10.32 8.16 10.36
N LEU C 314 11.36 7.43 9.92
CA LEU C 314 11.24 6.08 9.40
C LEU C 314 11.06 5.13 10.56
N PRO C 315 9.94 4.38 10.60
CA PRO C 315 9.66 3.44 11.71
C PRO C 315 10.64 2.28 11.82
N THR C 316 11.26 1.89 10.72
CA THR C 316 12.13 0.73 10.75
C THR C 316 13.51 0.99 11.33
N VAL C 317 13.91 2.26 11.41
CA VAL C 317 15.24 2.62 11.94
C VAL C 317 15.14 3.88 12.76
N THR C 318 15.59 3.82 14.01
CA THR C 318 15.54 4.97 14.92
C THR C 318 16.95 5.24 15.51
N GLY C 319 17.39 6.50 15.48
CA GLY C 319 18.66 6.86 16.08
C GLY C 319 18.46 7.29 17.52
N ILE C 320 19.15 6.62 18.43
CA ILE C 320 19.07 6.92 19.84
C ILE C 320 20.35 7.65 20.25
N MET C 321 20.23 8.92 20.62
CA MET C 321 21.37 9.76 20.89
C MET C 321 22.15 9.28 22.12
N ILE C 322 23.47 9.24 22.02
CA ILE C 322 24.30 8.86 23.15
C ILE C 322 24.22 10.00 24.14
N PRO C 323 23.74 9.74 25.34
CA PRO C 323 23.74 10.82 26.31
C PRO C 323 25.16 11.27 26.64
N LYS C 324 25.23 12.47 27.21
CA LYS C 324 26.47 13.22 27.37
C LYS C 324 27.61 12.39 28.00
N GLY C 325 27.35 11.72 29.11
CA GLY C 325 28.47 11.02 29.76
C GLY C 325 28.97 9.71 29.17
N VAL C 326 28.34 9.23 28.09
CA VAL C 326 28.26 7.78 27.85
C VAL C 326 29.09 7.20 26.71
N ASP C 327 29.68 6.04 26.98
CA ASP C 327 30.46 5.29 26.01
C ASP C 327 29.61 4.25 25.26
N TRP C 328 29.26 4.57 24.01
CA TRP C 328 28.23 3.81 23.31
C TRP C 328 28.61 2.36 23.09
N TRP C 329 29.89 2.14 22.82
CA TRP C 329 30.40 0.83 22.57
C TRP C 329 30.34 -0.08 23.78
N LYS C 330 30.54 0.49 24.97
CA LYS C 330 30.50 -0.28 26.21
C LYS C 330 29.11 -0.85 26.50
N VAL C 331 28.07 -0.07 26.19
CA VAL C 331 26.69 -0.52 26.25
C VAL C 331 26.41 -1.68 25.27
N SER C 332 26.81 -1.55 24.00
CA SER C 332 26.63 -2.61 23.04
C SER C 332 27.31 -3.91 23.40
N GLN C 333 28.56 -3.87 23.88
CA GLN C 333 29.26 -5.08 24.28
C GLN C 333 28.45 -5.74 25.33
N TYR C 334 28.10 -5.00 26.38
CA TYR C 334 27.27 -5.56 27.43
C TYR C 334 25.99 -6.24 26.89
N ALA C 335 25.30 -5.58 25.95
CA ALA C 335 24.04 -6.05 25.39
C ALA C 335 24.26 -7.40 24.70
N MET C 336 25.32 -7.45 23.88
CA MET C 336 25.66 -8.66 23.18
C MET C 336 26.05 -9.78 24.15
N ASN C 337 26.99 -9.51 25.05
CA ASN C 337 27.45 -10.51 25.98
C ASN C 337 26.42 -10.99 26.95
N ASN C 338 25.42 -10.18 27.25
CA ASN C 338 24.51 -10.56 28.32
C ASN C 338 23.09 -10.89 27.85
N PHE C 339 22.73 -10.44 26.64
CA PHE C 339 21.38 -10.67 26.16
C PHE C 339 21.38 -11.18 24.74
N SER C 340 22.59 -11.28 24.16
CA SER C 340 22.76 -11.57 22.73
C SER C 340 21.97 -10.54 21.97
N LEU C 341 22.06 -9.29 22.42
CA LEU C 341 21.27 -8.25 21.81
C LEU C 341 22.18 -7.32 21.01
N GLU C 342 21.80 -7.18 19.73
CA GLU C 342 22.53 -6.36 18.81
C GLU C 342 22.07 -4.93 18.97
N VAL C 343 22.96 -4.09 19.50
CA VAL C 343 22.67 -2.67 19.64
C VAL C 343 23.67 -1.92 18.76
N GLN C 344 23.25 -1.64 17.54
CA GLN C 344 24.14 -1.06 16.54
C GLN C 344 24.56 0.40 16.84
N GLY C 345 25.79 0.76 16.46
CA GLY C 345 26.30 2.11 16.58
C GLY C 345 25.80 2.92 15.42
N GLY C 346 26.39 4.08 15.20
CA GLY C 346 25.95 5.01 14.15
C GLY C 346 26.69 4.83 12.82
N LEU C 347 26.29 5.59 11.81
CA LEU C 347 26.81 5.53 10.48
C LEU C 347 26.52 6.84 9.80
N GLY C 348 27.47 7.39 9.06
CA GLY C 348 27.25 8.67 8.36
C GLY C 348 26.83 9.69 9.38
N PRO C 349 25.68 10.36 9.17
CA PRO C 349 25.19 11.41 10.06
C PRO C 349 25.09 10.98 11.50
N THR C 350 24.97 9.70 11.80
CA THR C 350 24.83 9.30 13.20
C THR C 350 26.11 8.81 13.81
N PHE C 351 27.16 8.79 13.02
CA PHE C 351 28.39 8.22 13.46
C PHE C 351 28.89 8.93 14.73
N GLY C 352 29.05 8.15 15.80
CA GLY C 352 29.53 8.65 17.07
C GLY C 352 28.51 9.47 17.83
N LYS C 353 27.37 9.77 17.21
CA LYS C 353 26.32 10.55 17.84
C LYS C 353 25.14 9.70 18.38
N ALA C 354 24.89 8.52 17.81
CA ALA C 354 23.69 7.72 18.19
C ALA C 354 23.87 6.21 18.02
N TRP C 355 23.14 5.41 18.79
CA TRP C 355 22.92 4.02 18.41
C TRP C 355 21.84 4.00 17.32
N ARG C 356 21.64 2.83 16.70
CA ARG C 356 20.57 2.66 15.75
C ARG C 356 19.83 1.36 16.02
N VAL C 357 18.50 1.45 16.09
CA VAL C 357 17.65 0.30 16.32
C VAL C 357 16.83 0.07 15.10
N GLY C 358 16.68 -1.21 14.74
CA GLY C 358 15.87 -1.62 13.61
C GLY C 358 14.66 -2.41 14.06
N ILE C 359 13.53 -2.15 13.42
CA ILE C 359 12.36 -2.98 13.59
C ILE C 359 12.17 -3.74 12.27
N MET C 360 12.88 -4.86 12.15
CA MET C 360 12.99 -5.55 10.87
C MET C 360 12.92 -7.07 10.98
N GLY C 361 12.42 -7.72 9.90
CA GLY C 361 12.33 -9.18 9.79
C GLY C 361 11.65 -9.77 10.99
N GLU C 362 12.29 -10.76 11.61
CA GLU C 362 11.68 -11.54 12.71
C GLU C 362 11.57 -10.82 14.05
N CYS C 363 12.15 -9.63 14.16
CA CYS C 363 12.04 -8.87 15.41
C CYS C 363 11.02 -7.74 15.37
N SER C 364 10.18 -7.71 14.34
CA SER C 364 9.09 -6.71 14.26
C SER C 364 7.86 -7.09 15.13
N THR C 365 8.04 -7.44 16.39
CA THR C 365 6.91 -7.81 17.22
C THR C 365 6.99 -7.07 18.54
N VAL C 366 5.83 -6.84 19.13
CA VAL C 366 5.76 -6.12 20.39
C VAL C 366 6.65 -6.68 21.47
N GLN C 367 6.69 -8.00 21.65
CA GLN C 367 7.55 -8.60 22.69
C GLN C 367 9.02 -8.37 22.40
N LYS C 368 9.35 -8.31 21.10
CA LYS C 368 10.73 -8.10 20.69
C LYS C 368 11.18 -6.69 21.08
N ILE C 369 10.38 -5.68 20.73
CA ILE C 369 10.67 -4.30 21.13
C ILE C 369 10.82 -4.15 22.66
N GLN C 370 9.95 -4.80 23.43
CA GLN C 370 10.04 -4.69 24.88
C GLN C 370 11.34 -5.28 25.35
N PHE C 371 11.71 -6.43 24.78
CA PHE C 371 12.93 -7.07 25.20
C PHE C 371 14.11 -6.15 24.96
N TYR C 372 14.17 -5.58 23.75
CA TYR C 372 15.17 -4.57 23.40
C TYR C 372 15.30 -3.48 24.49
N LEU C 373 14.17 -2.81 24.78
CA LEU C 373 14.09 -1.78 25.83
C LEU C 373 14.66 -2.28 27.14
N TYR C 374 14.25 -3.47 27.53
CA TYR C 374 14.69 -4.03 28.77
C TYR C 374 16.19 -4.25 28.77
N GLY C 375 16.67 -4.94 27.74
CA GLY C 375 18.09 -5.24 27.64
C GLY C 375 18.94 -4.02 27.42
N PHE C 376 18.45 -3.08 26.61
CA PHE C 376 19.13 -1.80 26.47
C PHE C 376 19.28 -1.06 27.79
N LYS C 377 18.15 -0.86 28.47
CA LYS C 377 18.18 -0.24 29.78
C LYS C 377 19.17 -0.93 30.71
N GLU C 378 19.02 -2.23 30.89
CA GLU C 378 19.95 -2.97 31.77
C GLU C 378 21.40 -2.81 31.34
N SER C 379 21.62 -2.63 30.04
CA SER C 379 22.97 -2.50 29.55
C SER C 379 23.54 -1.14 29.94
N LEU C 380 22.74 -0.10 29.76
CA LEU C 380 23.11 1.25 30.16
C LEU C 380 23.38 1.30 31.66
N LYS C 381 22.48 0.67 32.42
CA LYS C 381 22.46 0.69 33.88
C LYS C 381 23.71 0.06 34.40
N ALA C 382 23.97 -1.16 33.95
CA ALA C 382 25.10 -1.93 34.44
C ALA C 382 26.40 -1.28 34.00
N THR C 383 26.34 -0.56 32.89
CA THR C 383 27.58 -0.09 32.29
C THR C 383 27.94 1.36 32.67
N HIS C 384 26.93 2.20 32.89
CA HIS C 384 27.08 3.58 33.38
C HIS C 384 26.17 3.79 34.60
N PRO C 385 26.65 3.40 35.79
CA PRO C 385 25.82 3.35 37.02
C PRO C 385 25.32 4.72 37.50
N ASP C 386 25.81 5.78 36.88
CA ASP C 386 25.41 7.10 37.29
C ASP C 386 24.44 7.76 36.35
N TYR C 387 23.96 7.00 35.37
CA TYR C 387 22.99 7.55 34.45
C TYR C 387 21.66 7.67 35.26
N ILE C 388 20.94 8.79 35.09
CA ILE C 388 19.67 9.02 35.78
C ILE C 388 18.56 8.91 34.74
N PHE C 389 17.53 8.11 35.08
CA PHE C 389 16.30 7.92 34.26
C PHE C 389 15.09 8.87 34.45
N PHE D 3 -15.64 28.76 -19.46
CA PHE D 3 -16.02 27.44 -18.88
C PHE D 3 -15.28 26.24 -19.45
N THR D 4 -14.28 25.75 -18.72
CA THR D 4 -13.55 24.56 -19.16
C THR D 4 -14.48 23.33 -19.35
N PRO D 5 -14.41 22.65 -20.54
CA PRO D 5 -15.37 21.69 -21.10
C PRO D 5 -15.90 20.62 -20.13
N PRO D 6 -17.16 20.18 -20.34
CA PRO D 6 -17.83 19.09 -19.60
C PRO D 6 -17.09 17.77 -19.80
N PRO D 7 -17.11 16.88 -18.79
CA PRO D 7 -16.38 15.60 -18.96
C PRO D 7 -17.14 14.59 -19.82
N ALA D 8 -16.39 13.79 -20.57
CA ALA D 8 -16.95 12.86 -21.53
C ALA D 8 -17.63 11.71 -20.81
N SER D 9 -17.12 11.33 -19.65
CA SER D 9 -17.63 10.19 -18.88
C SER D 9 -19.10 10.29 -18.55
N LEU D 10 -19.60 11.51 -18.44
CA LEU D 10 -21.03 11.75 -18.20
C LEU D 10 -21.94 11.63 -19.41
N ARG D 11 -21.38 11.32 -20.58
CA ARG D 11 -22.24 11.21 -21.75
C ARG D 11 -22.90 9.86 -21.95
N ASN D 12 -22.37 8.83 -21.33
CA ASN D 12 -23.02 7.53 -21.42
C ASN D 12 -24.15 7.46 -20.41
N PRO D 13 -25.18 6.68 -20.73
CA PRO D 13 -26.19 6.45 -19.70
C PRO D 13 -25.60 5.67 -18.53
N LEU D 14 -26.30 5.76 -17.41
CA LEU D 14 -25.93 5.04 -16.22
C LEU D 14 -26.45 3.62 -16.32
N ILE D 15 -25.58 2.63 -16.21
CA ILE D 15 -26.06 1.26 -16.15
C ILE D 15 -25.59 0.54 -14.90
N ILE D 16 -26.54 0.15 -14.07
CA ILE D 16 -26.21 -0.59 -12.87
C ILE D 16 -26.89 -1.95 -12.98
N PRO D 17 -26.09 -3.02 -12.99
CA PRO D 17 -26.59 -4.37 -13.17
C PRO D 17 -27.27 -4.86 -11.91
N GLU D 18 -28.11 -5.87 -12.04
CA GLU D 18 -28.71 -6.46 -10.86
C GLU D 18 -27.76 -7.46 -10.23
N LYS D 19 -27.75 -7.53 -8.90
CA LYS D 19 -26.83 -8.40 -8.23
C LYS D 19 -27.53 -9.09 -7.13
N ILE D 20 -27.09 -10.29 -6.79
CA ILE D 20 -27.66 -10.95 -5.62
C ILE D 20 -26.77 -10.63 -4.40
N MET D 21 -27.21 -9.60 -3.66
CA MET D 21 -26.42 -9.06 -2.55
C MET D 21 -26.51 -9.92 -1.30
N MET D 22 -25.66 -10.91 -1.24
CA MET D 22 -25.61 -11.76 -0.05
C MET D 22 -24.29 -11.66 0.74
N GLY D 23 -23.72 -10.46 0.71
CA GLY D 23 -22.67 -10.14 1.67
C GLY D 23 -23.38 -9.69 2.93
N PRO D 24 -22.62 -9.28 3.94
CA PRO D 24 -23.21 -8.78 5.14
C PRO D 24 -23.47 -7.27 4.98
N GLY D 25 -23.90 -6.85 3.79
CA GLY D 25 -24.31 -5.46 3.56
C GLY D 25 -23.57 -4.83 2.40
N PRO D 26 -24.26 -3.97 1.63
CA PRO D 26 -25.69 -3.68 1.77
C PRO D 26 -26.52 -4.80 1.13
N SER D 27 -27.76 -4.98 1.62
CA SER D 27 -28.64 -6.01 1.13
C SER D 27 -29.55 -5.57 -0.03
N ASN D 28 -30.23 -6.54 -0.63
CA ASN D 28 -31.24 -6.24 -1.63
C ASN D 28 -32.52 -5.66 -1.01
N CYS D 29 -32.94 -4.53 -1.56
CA CYS D 29 -34.17 -3.87 -1.18
C CYS D 29 -35.21 -4.37 -2.13
N SER D 30 -36.42 -4.52 -1.60
CA SER D 30 -37.56 -4.90 -2.38
C SER D 30 -37.90 -3.83 -3.36
N LYS D 31 -38.42 -4.23 -4.50
CA LYS D 31 -38.93 -3.32 -5.48
C LYS D 31 -39.81 -2.21 -4.88
N ARG D 32 -40.57 -2.53 -3.84
CA ARG D 32 -41.45 -1.54 -3.22
C ARG D 32 -40.65 -0.43 -2.47
N VAL D 33 -39.61 -0.86 -1.75
CA VAL D 33 -38.75 0.03 -1.04
C VAL D 33 -37.98 0.90 -2.04
N LEU D 34 -37.35 0.28 -3.02
CA LEU D 34 -36.66 1.02 -4.07
C LEU D 34 -37.54 2.04 -4.74
N THR D 35 -38.74 1.69 -5.19
CA THR D 35 -39.54 2.70 -5.91
C THR D 35 -40.06 3.80 -5.00
N ALA D 36 -40.16 3.55 -3.70
CA ALA D 36 -40.63 4.61 -2.80
C ALA D 36 -39.70 5.81 -2.87
N MET D 37 -38.48 5.55 -3.30
CA MET D 37 -37.48 6.57 -3.39
C MET D 37 -37.76 7.55 -4.50
N THR D 38 -38.56 7.13 -5.48
CA THR D 38 -38.85 8.00 -6.60
C THR D 38 -39.96 9.02 -6.36
N ASN D 39 -40.51 9.08 -5.16
CA ASN D 39 -41.49 10.07 -4.80
C ASN D 39 -40.88 11.46 -4.74
N THR D 40 -41.74 12.48 -4.81
CA THR D 40 -41.33 13.87 -4.72
C THR D 40 -40.52 14.20 -3.44
N VAL D 41 -39.41 14.88 -3.62
CA VAL D 41 -38.62 15.36 -2.50
C VAL D 41 -39.42 16.45 -1.78
N LEU D 42 -39.58 16.35 -0.48
CA LEU D 42 -40.48 17.28 0.20
C LEU D 42 -39.76 18.34 0.99
N SER D 43 -40.48 19.44 1.23
CA SER D 43 -39.99 20.52 2.03
C SER D 43 -39.92 20.01 3.44
N ASN D 44 -38.94 20.47 4.18
CA ASN D 44 -38.80 20.10 5.58
C ASN D 44 -40.04 20.23 6.45
N PHE D 45 -40.93 21.14 6.08
CA PHE D 45 -42.15 21.32 6.82
C PHE D 45 -43.43 20.87 6.15
N HIS D 46 -43.37 20.13 5.06
CA HIS D 46 -44.57 19.63 4.47
C HIS D 46 -45.24 18.63 5.42
N ALA D 47 -46.54 18.73 5.59
CA ALA D 47 -47.30 17.83 6.46
C ALA D 47 -47.07 16.35 6.14
N GLU D 48 -46.80 16.04 4.90
CA GLU D 48 -46.72 14.65 4.49
C GLU D 48 -45.39 14.04 4.80
N LEU D 49 -44.34 14.88 4.89
CA LEU D 49 -43.08 14.41 5.42
C LEU D 49 -43.24 14.14 6.89
N PHE D 50 -43.85 15.06 7.64
CA PHE D 50 -44.03 14.86 9.09
C PHE D 50 -44.85 13.61 9.37
N ARG D 51 -45.92 13.43 8.59
CA ARG D 51 -46.73 12.23 8.72
C ARG D 51 -45.85 10.98 8.53
N THR D 52 -44.97 11.00 7.51
CA THR D 52 -44.17 9.85 7.17
C THR D 52 -43.14 9.61 8.22
N MET D 53 -42.58 10.69 8.73
CA MET D 53 -41.59 10.67 9.80
C MET D 53 -42.19 10.07 11.05
N ASP D 54 -43.48 10.27 11.26
CA ASP D 54 -44.11 9.70 12.44
C ASP D 54 -44.31 8.21 12.32
N GLU D 55 -44.79 7.79 11.15
CA GLU D 55 -44.89 6.36 10.82
C GLU D 55 -43.53 5.69 11.01
N VAL D 56 -42.45 6.38 10.70
CA VAL D 56 -41.15 5.79 10.84
C VAL D 56 -40.85 5.61 12.32
N LYS D 57 -41.18 6.61 13.15
CA LYS D 57 -40.82 6.58 14.56
C LYS D 57 -41.55 5.44 15.22
N ASP D 58 -42.78 5.21 14.77
CA ASP D 58 -43.59 4.09 15.23
C ASP D 58 -42.89 2.79 14.83
N GLY D 59 -42.58 2.67 13.54
CA GLY D 59 -41.86 1.52 13.01
C GLY D 59 -40.59 1.22 13.79
N LEU D 60 -39.86 2.25 14.14
CA LEU D 60 -38.65 2.09 14.91
C LEU D 60 -38.91 1.59 16.33
N ARG D 61 -39.95 2.09 16.98
CA ARG D 61 -40.31 1.60 18.30
C ARG D 61 -40.66 0.10 18.25
N TYR D 62 -41.35 -0.29 17.18
CA TYR D 62 -41.62 -1.69 16.99
C TYR D 62 -40.32 -2.51 16.83
N ILE D 63 -39.43 -2.13 15.92
CA ILE D 63 -38.29 -2.99 15.75
C ILE D 63 -37.30 -2.93 16.93
N PHE D 64 -37.12 -1.76 17.56
CA PHE D 64 -36.20 -1.66 18.70
C PHE D 64 -36.85 -2.24 19.95
N GLN D 65 -38.19 -2.40 19.88
CA GLN D 65 -39.01 -2.72 21.05
C GLN D 65 -38.67 -1.73 22.16
N THR D 66 -39.05 -0.47 21.96
CA THR D 66 -38.91 0.55 23.02
C THR D 66 -40.12 1.39 22.97
N GLU D 67 -40.30 2.20 24.00
CA GLU D 67 -41.34 3.24 24.01
C GLU D 67 -40.75 4.62 24.03
N ASN D 68 -39.43 4.69 24.01
CA ASN D 68 -38.67 5.95 23.93
C ASN D 68 -39.26 7.04 23.01
N ARG D 69 -39.49 8.22 23.56
CA ARG D 69 -40.01 9.29 22.74
C ARG D 69 -38.88 9.78 21.83
N ALA D 70 -37.67 9.82 22.38
CA ALA D 70 -36.49 10.19 21.62
C ALA D 70 -36.07 9.03 20.73
N THR D 71 -36.95 8.71 19.78
CA THR D 71 -36.63 7.76 18.73
C THR D 71 -36.65 8.56 17.39
N MET D 72 -35.60 8.43 16.57
CA MET D 72 -35.48 9.29 15.39
C MET D 72 -34.41 8.71 14.47
N CYS D 73 -34.04 9.45 13.42
CA CYS D 73 -32.97 9.03 12.54
C CYS D 73 -31.89 10.05 12.47
N VAL D 74 -30.64 9.62 12.42
CA VAL D 74 -29.51 10.51 12.04
C VAL D 74 -29.33 10.48 10.52
N SER D 75 -29.03 11.64 9.92
CA SER D 75 -28.93 11.71 8.50
C SER D 75 -27.54 11.33 8.14
N GLY D 76 -27.27 10.03 8.08
CA GLY D 76 -25.93 9.52 7.72
C GLY D 76 -25.94 8.02 7.76
N SER D 77 -24.84 7.37 7.40
CA SER D 77 -24.83 5.91 7.45
C SER D 77 -24.59 5.45 8.94
N ALA D 78 -24.47 4.15 9.19
CA ALA D 78 -24.49 3.69 10.61
C ALA D 78 -23.39 4.31 11.46
N HIS D 79 -22.21 4.49 10.86
CA HIS D 79 -21.14 5.27 11.49
C HIS D 79 -21.63 6.55 12.13
N ALA D 80 -22.55 7.24 11.47
CA ALA D 80 -23.02 8.51 11.98
C ALA D 80 -23.93 8.30 13.20
N GLY D 81 -24.59 7.15 13.30
CA GLY D 81 -25.27 6.82 14.57
C GLY D 81 -24.26 6.63 15.72
N MET D 82 -23.13 6.02 15.38
CA MET D 82 -22.08 5.84 16.33
C MET D 82 -21.53 7.19 16.72
N GLU D 83 -21.16 7.99 15.73
CA GLU D 83 -20.67 9.33 16.01
C GLU D 83 -21.66 10.05 16.90
N ALA D 84 -22.96 9.91 16.62
CA ALA D 84 -23.94 10.68 17.34
C ALA D 84 -23.98 10.29 18.81
N MET D 85 -24.05 8.99 19.09
CA MET D 85 -24.09 8.49 20.49
C MET D 85 -22.88 9.02 21.25
N LEU D 86 -21.72 8.92 20.64
CA LEU D 86 -20.54 9.34 21.33
C LEU D 86 -20.43 10.85 21.55
N SER D 87 -20.79 11.69 20.57
CA SER D 87 -20.61 13.14 20.78
C SER D 87 -21.68 13.74 21.69
N ASN D 88 -22.84 13.08 21.75
CA ASN D 88 -23.90 13.55 22.61
C ASN D 88 -23.67 13.13 24.05
N LEU D 89 -23.29 11.87 24.23
CA LEU D 89 -23.22 11.32 25.58
C LEU D 89 -21.90 11.55 26.30
N LEU D 90 -20.87 12.04 25.62
CA LEU D 90 -19.59 12.24 26.33
C LEU D 90 -19.11 13.67 26.30
N GLU D 91 -18.51 14.12 27.39
CA GLU D 91 -17.83 15.43 27.42
C GLU D 91 -16.35 15.17 27.55
N GLU D 92 -15.54 16.19 27.30
CA GLU D 92 -14.10 16.04 27.40
C GLU D 92 -13.74 15.44 28.77
N GLY D 93 -12.88 14.43 28.77
CA GLY D 93 -12.52 13.84 30.03
C GLY D 93 -13.44 12.75 30.58
N ASP D 94 -14.65 12.62 30.08
CA ASP D 94 -15.51 11.50 30.52
C ASP D 94 -14.89 10.13 30.28
N ARG D 95 -15.18 9.18 31.16
CA ARG D 95 -14.67 7.86 30.93
C ARG D 95 -15.73 7.05 30.16
N VAL D 96 -15.26 6.42 29.08
CA VAL D 96 -16.06 5.45 28.32
C VAL D 96 -15.38 4.07 28.26
N LEU D 97 -16.17 3.05 28.54
CA LEU D 97 -15.65 1.71 28.46
C LEU D 97 -16.13 1.05 27.17
N ILE D 98 -15.18 0.69 26.32
CA ILE D 98 -15.48 -0.06 25.10
C ILE D 98 -14.92 -1.53 25.15
N ALA D 99 -15.80 -2.51 25.02
CA ALA D 99 -15.32 -3.87 24.91
C ALA D 99 -14.93 -4.11 23.44
N VAL D 100 -13.63 -4.21 23.15
CA VAL D 100 -13.11 -4.37 21.79
C VAL D 100 -12.80 -5.80 21.37
N ASN D 101 -13.56 -6.33 20.43
CA ASN D 101 -13.28 -7.66 19.86
C ASN D 101 -13.79 -7.76 18.40
N GLY D 102 -13.91 -6.63 17.71
CA GLY D 102 -14.44 -6.62 16.34
C GLY D 102 -14.09 -5.26 15.76
N ILE D 103 -14.39 -5.07 14.48
CA ILE D 103 -13.93 -3.81 13.90
C ILE D 103 -14.70 -2.57 14.39
N TRP D 104 -15.97 -2.78 14.74
CA TRP D 104 -16.84 -1.65 15.09
C TRP D 104 -16.42 -1.00 16.40
N ALA D 105 -16.20 -1.84 17.42
CA ALA D 105 -15.75 -1.35 18.70
C ALA D 105 -14.44 -0.57 18.48
N GLU D 106 -13.60 -0.99 17.54
CA GLU D 106 -12.39 -0.19 17.29
C GLU D 106 -12.74 1.18 16.75
N ARG D 107 -13.60 1.25 15.75
CA ARG D 107 -14.10 2.55 15.28
C ARG D 107 -14.59 3.36 16.48
N ALA D 108 -15.41 2.75 17.36
CA ALA D 108 -15.92 3.49 18.53
C ALA D 108 -14.78 4.07 19.35
N VAL D 109 -13.68 3.33 19.43
CA VAL D 109 -12.52 3.73 20.16
C VAL D 109 -11.98 4.93 19.46
N GLU D 110 -11.89 4.81 18.14
CA GLU D 110 -11.32 5.92 17.33
C GLU D 110 -12.15 7.22 17.45
N MET D 111 -13.47 7.07 17.60
CA MET D 111 -14.33 8.24 17.67
C MET D 111 -14.22 8.93 19.05
N SER D 112 -14.33 8.12 20.11
CA SER D 112 -14.25 8.61 21.47
C SER D 112 -12.95 9.36 21.71
N GLU D 113 -11.85 8.81 21.20
CA GLU D 113 -10.58 9.50 21.31
C GLU D 113 -10.67 10.88 20.74
N ARG D 114 -11.23 10.99 19.53
CA ARG D 114 -11.32 12.26 18.82
C ARG D 114 -12.18 13.25 19.60
N TYR D 115 -13.25 12.73 20.22
CA TYR D 115 -14.15 13.59 20.99
C TYR D 115 -13.58 13.99 22.33
N GLY D 116 -12.39 13.47 22.62
CA GLY D 116 -11.65 13.88 23.79
C GLY D 116 -12.01 13.16 25.06
N ALA D 117 -12.73 12.06 24.92
CA ALA D 117 -13.03 11.20 26.04
C ALA D 117 -11.77 10.41 26.47
N ASP D 118 -11.83 9.90 27.69
CA ASP D 118 -10.77 9.08 28.22
C ASP D 118 -11.28 7.63 28.06
N VAL D 119 -10.59 6.93 27.16
CA VAL D 119 -11.10 5.67 26.67
C VAL D 119 -10.53 4.50 27.42
N ARG D 120 -11.40 3.67 27.96
CA ARG D 120 -10.95 2.48 28.62
C ARG D 120 -11.44 1.32 27.79
N THR D 121 -10.55 0.38 27.47
CA THR D 121 -10.97 -0.82 26.72
C THR D 121 -10.78 -2.13 27.49
N ILE D 122 -11.47 -3.17 27.04
CA ILE D 122 -11.08 -4.55 27.38
C ILE D 122 -10.98 -5.36 26.09
N GLU D 123 -9.89 -6.12 25.92
CA GLU D 123 -9.76 -7.03 24.78
C GLU D 123 -10.57 -8.32 24.94
N GLY D 124 -10.85 -8.94 23.81
CA GLY D 124 -11.62 -10.17 23.79
C GLY D 124 -11.29 -10.94 22.53
N PRO D 125 -11.48 -12.27 22.57
CA PRO D 125 -11.21 -12.97 21.30
C PRO D 125 -12.32 -12.62 20.30
N PRO D 126 -11.94 -12.41 19.03
CA PRO D 126 -12.96 -12.05 18.05
C PRO D 126 -14.10 -13.07 17.95
N ASP D 127 -13.86 -14.30 18.37
CA ASP D 127 -14.83 -15.39 18.18
C ASP D 127 -15.62 -15.86 19.41
N ARG D 128 -15.52 -15.11 20.49
CA ARG D 128 -16.12 -15.47 21.77
C ARG D 128 -16.62 -14.20 22.48
N PRO D 129 -17.90 -14.22 22.89
CA PRO D 129 -18.46 -13.03 23.52
C PRO D 129 -17.77 -12.65 24.83
N PHE D 130 -17.94 -11.41 25.27
CA PHE D 130 -17.61 -11.05 26.60
C PHE D 130 -18.70 -11.58 27.52
N SER D 131 -18.25 -12.14 28.64
CA SER D 131 -19.14 -12.73 29.67
C SER D 131 -19.72 -11.65 30.56
N LEU D 132 -20.86 -11.93 31.17
CA LEU D 132 -21.44 -10.97 32.10
C LEU D 132 -20.44 -10.45 33.16
N GLU D 133 -19.77 -11.40 33.80
CA GLU D 133 -18.78 -11.13 34.85
C GLU D 133 -17.64 -10.28 34.27
N THR D 134 -17.07 -10.70 33.13
CA THR D 134 -15.95 -9.94 32.51
C THR D 134 -16.33 -8.47 32.47
N LEU D 135 -17.54 -8.19 31.96
CA LEU D 135 -18.03 -6.82 31.79
C LEU D 135 -18.19 -6.18 33.16
N ALA D 136 -18.95 -6.87 34.02
CA ALA D 136 -19.25 -6.37 35.38
C ALA D 136 -17.94 -5.90 36.07
N ARG D 137 -16.91 -6.74 35.95
CA ARG D 137 -15.64 -6.49 36.56
C ARG D 137 -15.02 -5.23 35.96
N ALA D 138 -15.00 -5.17 34.63
CA ALA D 138 -14.52 -3.97 33.92
C ALA D 138 -15.25 -2.65 34.30
N ILE D 139 -16.56 -2.74 34.54
CA ILE D 139 -17.33 -1.56 34.94
C ILE D 139 -16.87 -1.03 36.32
N GLU D 140 -16.94 -1.90 37.34
CA GLU D 140 -16.44 -1.58 38.69
C GLU D 140 -15.05 -0.98 38.57
N LEU D 141 -14.18 -1.69 37.85
CA LEU D 141 -12.80 -1.25 37.68
C LEU D 141 -12.65 0.21 37.14
N HIS D 142 -13.46 0.57 36.11
CA HIS D 142 -13.30 1.89 35.44
C HIS D 142 -14.33 2.97 35.73
N GLN D 143 -15.42 2.63 36.42
CA GLN D 143 -16.47 3.62 36.78
C GLN D 143 -16.84 4.51 35.54
N PRO D 144 -17.19 3.88 34.40
CA PRO D 144 -17.33 4.66 33.19
C PRO D 144 -18.69 5.35 33.13
N LYS D 145 -18.77 6.38 32.28
CA LYS D 145 -20.05 7.05 32.04
C LYS D 145 -20.89 6.23 31.08
N CYS D 146 -20.22 5.65 30.06
CA CYS D 146 -20.87 4.77 29.10
C CYS D 146 -20.12 3.50 28.88
N LEU D 147 -20.91 2.44 28.71
CA LEU D 147 -20.42 1.23 28.09
C LEU D 147 -20.90 1.12 26.63
N PHE D 148 -19.97 0.80 25.73
CA PHE D 148 -20.33 0.52 24.34
C PHE D 148 -20.20 -0.96 24.02
N LEU D 149 -21.30 -1.60 23.59
CA LEU D 149 -21.19 -2.97 23.09
C LEU D 149 -21.70 -3.14 21.66
N THR D 150 -20.89 -3.76 20.79
CA THR D 150 -21.38 -4.28 19.52
C THR D 150 -22.33 -5.42 19.85
N HIS D 151 -23.52 -5.44 19.28
CA HIS D 151 -24.44 -6.55 19.54
C HIS D 151 -24.07 -7.64 18.58
N GLY D 152 -24.39 -7.45 17.30
CA GLY D 152 -24.07 -8.42 16.25
C GLY D 152 -22.93 -7.84 15.46
N ASP D 153 -21.83 -8.57 15.41
CA ASP D 153 -20.61 -8.05 14.82
C ASP D 153 -20.46 -8.65 13.42
N SER D 154 -20.59 -7.78 12.40
CA SER D 154 -20.54 -8.24 11.00
C SER D 154 -19.15 -8.49 10.47
N SER D 155 -18.14 -8.33 11.34
CA SER D 155 -16.76 -8.62 10.91
C SER D 155 -16.37 -10.04 11.33
N SER D 156 -17.17 -10.66 12.18
CA SER D 156 -16.82 -11.97 12.72
C SER D 156 -17.99 -12.97 12.63
N GLY D 157 -19.21 -12.51 12.87
CA GLY D 157 -20.36 -13.41 12.82
C GLY D 157 -20.81 -13.64 14.25
N LEU D 158 -20.23 -12.83 15.16
CA LEU D 158 -20.35 -13.03 16.62
C LEU D 158 -21.60 -12.34 17.19
N LEU D 159 -22.42 -13.08 17.93
CA LEU D 159 -23.59 -12.45 18.54
C LEU D 159 -23.46 -12.31 20.07
N GLN D 160 -23.31 -11.07 20.54
CA GLN D 160 -22.98 -10.80 21.95
C GLN D 160 -24.22 -10.74 22.82
N PRO D 161 -24.39 -11.71 23.76
CA PRO D 161 -25.64 -11.68 24.56
C PRO D 161 -25.69 -10.39 25.38
N LEU D 162 -26.91 -9.93 25.70
CA LEU D 162 -27.07 -8.60 26.31
C LEU D 162 -27.87 -8.57 27.63
N GLU D 163 -28.78 -9.55 27.78
CA GLU D 163 -29.56 -9.71 29.05
C GLU D 163 -28.69 -9.42 30.31
N GLY D 164 -29.16 -8.53 31.17
CA GLY D 164 -28.49 -8.27 32.44
C GLY D 164 -27.45 -7.17 32.34
N VAL D 165 -26.87 -6.95 31.15
CA VAL D 165 -25.78 -5.95 31.00
C VAL D 165 -26.20 -4.53 31.41
N GLY D 166 -27.40 -4.14 31.03
CA GLY D 166 -27.80 -2.78 31.32
C GLY D 166 -27.92 -2.63 32.82
N GLN D 167 -28.56 -3.64 33.42
CA GLN D 167 -28.90 -3.60 34.83
C GLN D 167 -27.66 -3.31 35.63
N ILE D 168 -26.56 -3.96 35.23
CA ILE D 168 -25.32 -3.76 35.91
C ILE D 168 -24.89 -2.31 35.74
N CYS D 169 -24.96 -1.81 34.50
CA CYS D 169 -24.51 -0.43 34.20
C CYS D 169 -25.28 0.52 35.04
N HIS D 170 -26.57 0.26 35.22
CA HIS D 170 -27.42 1.18 35.94
C HIS D 170 -26.99 1.30 37.40
N GLN D 171 -26.70 0.14 37.98
CA GLN D 171 -26.12 0.04 39.31
C GLN D 171 -24.87 0.88 39.52
N HIS D 172 -24.04 0.97 38.48
CA HIS D 172 -22.83 1.81 38.58
C HIS D 172 -22.92 3.17 37.90
N ASP D 173 -24.17 3.60 37.67
CA ASP D 173 -24.44 4.92 37.05
C ASP D 173 -23.76 5.08 35.68
N CYS D 174 -23.99 4.11 34.81
CA CYS D 174 -23.34 4.05 33.52
C CYS D 174 -24.42 3.86 32.44
N LEU D 175 -24.23 4.51 31.29
CA LEU D 175 -25.16 4.29 30.19
C LEU D 175 -24.76 3.09 29.33
N LEU D 176 -25.74 2.27 28.95
CA LEU D 176 -25.44 1.23 28.00
C LEU D 176 -25.76 1.70 26.57
N ILE D 177 -24.72 1.78 25.74
CA ILE D 177 -24.88 2.04 24.33
C ILE D 177 -24.62 0.72 23.58
N VAL D 178 -25.58 0.32 22.75
CA VAL D 178 -25.47 -0.87 21.91
C VAL D 178 -25.55 -0.59 20.39
N ASP D 179 -24.63 -1.15 19.64
CA ASP D 179 -24.71 -1.11 18.20
C ASP D 179 -25.47 -2.34 17.72
N ALA D 180 -26.73 -2.16 17.34
CA ALA D 180 -27.50 -3.24 16.74
C ALA D 180 -27.54 -3.21 15.19
N VAL D 181 -26.54 -2.61 14.52
CA VAL D 181 -26.64 -2.51 13.06
C VAL D 181 -26.89 -3.84 12.35
N ALA D 182 -26.18 -4.89 12.74
CA ALA D 182 -26.27 -6.20 12.05
C ALA D 182 -27.22 -7.24 12.68
N SER D 183 -27.74 -6.95 13.88
CA SER D 183 -28.62 -7.89 14.56
C SER D 183 -30.09 -7.57 14.44
N LEU D 184 -30.46 -6.31 14.49
CA LEU D 184 -31.89 -6.00 14.50
C LEU D 184 -32.68 -6.69 13.39
N CYS D 185 -33.81 -7.31 13.77
CA CYS D 185 -34.72 -8.08 12.86
C CYS D 185 -34.18 -9.42 12.42
N GLY D 186 -32.99 -9.75 12.95
CA GLY D 186 -32.31 -11.01 12.67
C GLY D 186 -32.29 -11.88 13.93
N VAL D 187 -32.33 -11.24 15.11
CA VAL D 187 -32.42 -11.96 16.40
C VAL D 187 -33.32 -11.14 17.35
N PRO D 188 -33.95 -11.81 18.36
CA PRO D 188 -34.74 -11.00 19.31
C PRO D 188 -33.92 -9.79 19.77
N PHE D 189 -34.62 -8.66 20.01
CA PHE D 189 -34.00 -7.51 20.61
C PHE D 189 -35.05 -6.73 21.39
N TYR D 190 -34.70 -6.32 22.62
CA TYR D 190 -35.67 -5.65 23.52
C TYR D 190 -34.94 -4.51 24.21
N MET D 191 -34.94 -3.37 23.53
CA MET D 191 -34.28 -2.23 24.06
C MET D 191 -34.64 -2.00 25.50
N ASP D 192 -35.93 -1.97 25.79
CA ASP D 192 -36.42 -1.60 27.13
C ASP D 192 -36.20 -2.71 28.20
N LYS D 193 -36.77 -3.91 27.97
CA LYS D 193 -36.54 -5.07 28.84
C LYS D 193 -35.04 -5.18 29.20
N TRP D 194 -34.16 -5.16 28.19
CA TRP D 194 -32.72 -5.31 28.44
C TRP D 194 -32.07 -4.05 29.04
N GLU D 195 -32.93 -3.13 29.48
CA GLU D 195 -32.49 -1.85 30.00
C GLU D 195 -31.29 -1.35 29.21
N ILE D 196 -31.51 -0.95 27.93
CA ILE D 196 -30.46 -0.35 27.07
C ILE D 196 -30.78 1.14 26.83
N ASP D 197 -29.78 2.03 26.99
CA ASP D 197 -30.02 3.49 26.92
C ASP D 197 -29.94 4.20 25.53
N ALA D 198 -29.22 3.59 24.58
CA ALA D 198 -28.92 4.21 23.32
C ALA D 198 -28.57 3.09 22.39
N VAL D 199 -29.30 3.02 21.27
CA VAL D 199 -29.10 1.96 20.28
C VAL D 199 -29.15 2.57 18.86
N TYR D 200 -28.45 1.99 17.88
CA TYR D 200 -28.70 2.37 16.51
C TYR D 200 -28.68 1.13 15.61
N THR D 201 -29.47 1.10 14.55
CA THR D 201 -29.19 0.16 13.48
C THR D 201 -28.79 0.89 12.19
N GLY D 202 -28.74 0.10 11.13
CA GLY D 202 -28.49 0.59 9.80
C GLY D 202 -29.60 0.15 8.87
N ALA D 203 -29.85 1.02 7.90
CA ALA D 203 -30.86 0.81 6.92
C ALA D 203 -30.54 -0.42 6.07
N GLN D 204 -29.28 -0.56 5.64
CA GLN D 204 -28.96 -1.40 4.47
C GLN D 204 -28.52 -2.78 4.87
N LYS D 205 -28.69 -3.10 6.15
CA LYS D 205 -28.40 -4.44 6.65
C LYS D 205 -29.72 -5.23 6.68
N VAL D 206 -30.21 -5.61 7.86
CA VAL D 206 -31.28 -6.59 7.89
C VAL D 206 -32.56 -6.06 7.28
N LEU D 207 -32.86 -4.76 7.47
CA LEU D 207 -34.12 -4.17 6.99
C LEU D 207 -34.32 -4.14 5.47
N GLY D 208 -33.22 -4.12 4.72
CA GLY D 208 -33.30 -4.03 3.26
C GLY D 208 -33.87 -2.68 2.84
N ALA D 209 -33.31 -1.64 3.44
CA ALA D 209 -33.55 -0.27 3.07
C ALA D 209 -32.24 0.29 2.50
N PRO D 210 -32.34 1.34 1.69
CA PRO D 210 -31.12 1.92 1.10
C PRO D 210 -30.26 2.68 2.12
N PRO D 211 -28.94 2.69 1.93
CA PRO D 211 -28.07 3.32 2.91
C PRO D 211 -28.15 4.84 2.94
N GLY D 212 -27.76 5.45 4.08
CA GLY D 212 -27.62 6.91 4.18
C GLY D 212 -28.43 7.52 5.30
N ILE D 213 -29.24 6.69 5.95
CA ILE D 213 -30.05 7.12 7.09
C ILE D 213 -30.04 6.09 8.22
N THR D 214 -29.95 6.54 9.46
CA THR D 214 -29.66 5.64 10.56
C THR D 214 -30.63 5.81 11.72
N PRO D 215 -31.54 4.86 11.89
CA PRO D 215 -32.46 4.90 13.01
C PRO D 215 -31.71 4.82 14.31
N ILE D 216 -32.10 5.65 15.27
CA ILE D 216 -31.56 5.55 16.59
C ILE D 216 -32.65 5.67 17.64
N SER D 217 -32.30 5.35 18.88
CA SER D 217 -33.21 5.59 20.01
C SER D 217 -32.41 5.84 21.28
N ILE D 218 -32.86 6.80 22.08
CA ILE D 218 -32.25 6.97 23.38
C ILE D 218 -33.33 6.98 24.48
N SER D 219 -32.93 6.44 25.65
CA SER D 219 -33.81 6.35 26.84
C SER D 219 -33.89 7.69 27.59
N PRO D 220 -34.96 7.86 28.40
CA PRO D 220 -35.19 9.10 29.18
C PRO D 220 -33.97 9.44 29.99
N LYS D 221 -33.33 8.38 30.45
CA LYS D 221 -32.10 8.40 31.21
C LYS D 221 -30.95 9.04 30.43
N ALA D 222 -30.80 8.58 29.18
CA ALA D 222 -29.73 9.10 28.33
C ALA D 222 -30.08 10.53 27.92
N LEU D 223 -31.37 10.71 27.61
CA LEU D 223 -31.86 12.00 27.16
C LEU D 223 -31.48 13.05 28.19
N ASP D 224 -31.66 12.66 29.45
CA ASP D 224 -31.33 13.51 30.52
C ASP D 224 -29.85 13.78 30.65
N VAL D 225 -29.01 12.77 30.42
CA VAL D 225 -27.56 13.07 30.48
C VAL D 225 -27.19 14.17 29.51
N ILE D 226 -27.80 14.16 28.31
CA ILE D 226 -27.54 15.17 27.27
C ILE D 226 -28.01 16.53 27.70
N ARG D 227 -29.25 16.61 28.20
CA ARG D 227 -29.76 17.88 28.74
C ARG D 227 -28.82 18.54 29.76
N ASN D 228 -28.08 17.73 30.51
CA ASN D 228 -27.30 18.24 31.61
C ASN D 228 -25.83 18.29 31.35
N ARG D 229 -25.43 18.39 30.10
CA ARG D 229 -24.04 18.63 29.76
C ARG D 229 -23.65 20.03 30.21
N ARG D 230 -22.40 20.23 30.59
CA ARG D 230 -21.89 21.55 30.93
C ARG D 230 -21.46 22.32 29.69
N THR D 231 -21.22 21.59 28.60
CA THR D 231 -20.88 22.22 27.31
C THR D 231 -21.66 21.63 26.16
N LYS D 232 -21.89 22.45 25.14
CA LYS D 232 -22.56 21.99 23.93
C LYS D 232 -21.79 20.78 23.35
N SER D 233 -22.52 19.80 22.80
CA SER D 233 -21.85 18.69 22.12
C SER D 233 -21.14 19.22 20.88
N LYS D 234 -20.13 18.50 20.42
CA LYS D 234 -19.21 19.02 19.38
C LYS D 234 -19.75 19.15 17.96
N VAL D 235 -20.79 18.39 17.63
CA VAL D 235 -21.33 18.39 16.28
C VAL D 235 -22.77 18.78 16.28
N PHE D 236 -23.04 20.01 15.84
CA PHE D 236 -24.40 20.51 15.66
C PHE D 236 -25.35 19.62 14.81
N TYR D 237 -24.87 19.16 13.65
CA TYR D 237 -25.60 18.30 12.71
C TYR D 237 -26.30 17.12 13.37
N TRP D 238 -25.73 16.56 14.42
CA TRP D 238 -26.36 15.43 15.10
C TRP D 238 -26.38 15.67 16.60
N ASP D 239 -26.47 16.92 16.99
CA ASP D 239 -26.95 17.25 18.30
C ASP D 239 -28.39 16.74 18.42
N LEU D 240 -28.61 15.81 19.36
CA LEU D 240 -29.90 15.12 19.50
C LEU D 240 -30.99 15.96 20.12
N LEU D 241 -30.65 17.02 20.85
CA LEU D 241 -31.69 17.93 21.30
C LEU D 241 -32.26 18.65 20.12
N LEU D 242 -31.37 19.11 19.25
CA LEU D 242 -31.79 19.76 18.02
C LEU D 242 -32.44 18.83 16.99
N LEU D 243 -31.89 17.64 16.83
CA LEU D 243 -32.41 16.72 15.85
C LEU D 243 -33.71 16.14 16.34
N GLY D 244 -33.71 15.65 17.57
CA GLY D 244 -34.93 15.20 18.24
C GLY D 244 -36.08 16.18 18.16
N ASN D 245 -35.77 17.47 18.28
CA ASN D 245 -36.73 18.54 18.19
C ASN D 245 -37.44 18.52 16.86
N TYR D 246 -36.68 18.53 15.77
CA TYR D 246 -37.29 18.52 14.44
C TYR D 246 -38.05 17.20 14.21
N TRP D 247 -37.61 16.12 14.86
CA TRP D 247 -38.30 14.84 14.72
C TRP D 247 -39.54 14.76 15.60
N GLY D 248 -39.81 15.81 16.35
CA GLY D 248 -41.03 15.89 17.14
C GLY D 248 -40.95 14.89 18.29
N CYS D 249 -39.78 14.75 18.90
CA CYS D 249 -39.57 13.85 20.02
C CYS D 249 -39.79 14.55 21.37
N TYR D 250 -39.86 15.87 21.38
CA TYR D 250 -40.01 16.61 22.60
C TYR D 250 -41.28 17.44 22.58
N ASP D 251 -41.65 18.01 23.73
CA ASP D 251 -42.82 18.88 23.79
C ASP D 251 -42.35 20.27 23.47
N GLU D 252 -41.89 20.45 22.23
CA GLU D 252 -41.41 21.75 21.76
C GLU D 252 -41.91 21.89 20.32
N PRO D 253 -42.14 23.12 19.85
CA PRO D 253 -42.48 23.24 18.43
C PRO D 253 -41.25 22.85 17.54
N LYS D 254 -41.47 22.20 16.41
CA LYS D 254 -40.34 21.82 15.54
C LYS D 254 -39.69 23.01 14.87
N ARG D 255 -38.36 23.06 14.84
CA ARG D 255 -37.61 24.11 14.17
C ARG D 255 -36.78 23.49 13.09
N TYR D 256 -36.51 24.22 12.02
CA TYR D 256 -35.59 23.71 11.01
C TYR D 256 -34.23 23.37 11.61
N HIS D 257 -33.76 22.18 11.32
CA HIS D 257 -32.44 21.78 11.76
C HIS D 257 -31.57 21.63 10.54
N HIS D 258 -31.78 20.58 9.75
CA HIS D 258 -31.09 20.38 8.48
C HIS D 258 -32.12 19.71 7.60
N THR D 259 -31.88 19.65 6.31
CA THR D 259 -32.81 18.99 5.39
C THR D 259 -32.60 17.50 5.50
N VAL D 260 -33.67 16.78 5.77
CA VAL D 260 -33.57 15.35 5.82
C VAL D 260 -33.75 14.79 4.42
N ALA D 261 -33.34 13.55 4.24
CA ALA D 261 -33.39 12.91 2.96
C ALA D 261 -34.74 12.21 2.73
N SER D 262 -35.74 13.00 2.31
CA SER D 262 -37.09 12.50 2.18
C SER D 262 -37.06 11.16 1.48
N ASN D 263 -36.29 11.06 0.41
CA ASN D 263 -36.33 9.88 -0.40
C ASN D 263 -35.90 8.69 0.37
N LEU D 264 -34.81 8.83 1.13
CA LEU D 264 -34.39 7.77 2.06
C LEU D 264 -35.44 7.49 3.15
N ILE D 265 -36.07 8.52 3.68
CA ILE D 265 -37.13 8.33 4.66
C ILE D 265 -38.34 7.60 4.12
N PHE D 266 -38.79 7.92 2.91
CA PHE D 266 -39.84 7.12 2.27
C PHE D 266 -39.43 5.65 2.23
N ALA D 267 -38.21 5.39 1.79
CA ALA D 267 -37.76 4.04 1.54
C ALA D 267 -37.74 3.28 2.87
N LEU D 268 -37.23 3.92 3.91
CA LEU D 268 -37.18 3.34 5.25
C LEU D 268 -38.56 3.07 5.80
N ARG D 269 -39.50 4.00 5.56
CA ARG D 269 -40.85 3.79 5.99
C ARG D 269 -41.35 2.46 5.40
N GLU D 270 -41.19 2.26 4.09
CA GLU D 270 -41.75 1.08 3.43
C GLU D 270 -41.06 -0.17 3.97
N ALA D 271 -39.73 -0.11 4.15
CA ALA D 271 -39.00 -1.22 4.74
C ALA D 271 -39.55 -1.57 6.12
N LEU D 272 -39.78 -0.58 6.96
CA LEU D 272 -40.47 -0.86 8.23
C LEU D 272 -41.89 -1.42 8.02
N ALA D 273 -42.65 -0.91 7.04
CA ALA D 273 -44.01 -1.42 6.79
C ALA D 273 -43.94 -2.90 6.44
N GLN D 274 -42.93 -3.27 5.68
CA GLN D 274 -42.74 -4.66 5.26
C GLN D 274 -42.58 -5.57 6.45
N ILE D 275 -41.67 -5.19 7.35
CA ILE D 275 -41.36 -6.03 8.48
C ILE D 275 -42.53 -6.02 9.48
N ALA D 276 -43.34 -4.97 9.46
CA ALA D 276 -44.53 -4.90 10.31
C ALA D 276 -45.59 -5.87 9.79
N GLU D 277 -45.80 -5.90 8.47
CA GLU D 277 -46.89 -6.74 7.92
C GLU D 277 -46.62 -8.21 8.18
N GLU D 278 -45.36 -8.63 8.07
CA GLU D 278 -44.98 -10.00 8.33
C GLU D 278 -44.77 -10.27 9.86
N GLY D 279 -44.40 -9.25 10.61
CA GLY D 279 -44.21 -9.44 12.06
C GLY D 279 -42.78 -9.81 12.37
N LEU D 280 -42.22 -9.16 13.39
CA LEU D 280 -40.85 -9.40 13.87
C LEU D 280 -40.55 -10.86 14.00
N GLU D 281 -41.35 -11.52 14.82
CA GLU D 281 -41.11 -12.90 15.21
C GLU D 281 -40.92 -13.80 14.02
N ASN D 282 -41.83 -13.70 13.05
CA ASN D 282 -41.65 -14.53 11.83
C ASN D 282 -40.38 -14.22 11.06
N GLN D 283 -39.97 -12.96 11.10
CA GLN D 283 -38.83 -12.55 10.32
C GLN D 283 -37.57 -13.12 10.94
N ILE D 284 -37.50 -13.02 12.27
CA ILE D 284 -36.42 -13.60 13.02
C ILE D 284 -36.40 -15.13 12.79
N LYS D 285 -37.58 -15.75 12.81
CA LYS D 285 -37.64 -17.19 12.59
C LYS D 285 -37.12 -17.53 11.23
N ARG D 286 -37.64 -16.87 10.21
CA ARG D 286 -37.16 -17.07 8.86
C ARG D 286 -35.63 -17.02 8.74
N ARG D 287 -35.01 -16.07 9.45
CA ARG D 287 -33.56 -15.90 9.36
C ARG D 287 -32.80 -16.98 10.10
N ILE D 288 -33.32 -17.37 11.28
CA ILE D 288 -32.78 -18.52 11.98
C ILE D 288 -32.77 -19.77 11.08
N GLU D 289 -33.92 -20.09 10.49
CA GLU D 289 -33.99 -21.25 9.58
C GLU D 289 -33.06 -21.22 8.38
N CYS D 290 -32.87 -20.04 7.82
CA CYS D 290 -32.00 -19.85 6.69
C CYS D 290 -30.56 -20.08 7.10
N ALA D 291 -30.21 -19.62 8.31
CA ALA D 291 -28.87 -19.81 8.83
C ALA D 291 -28.59 -21.30 9.00
N GLN D 292 -29.62 -22.03 9.49
CA GLN D 292 -29.52 -23.47 9.69
C GLN D 292 -29.18 -24.12 8.38
N ILE D 293 -30.02 -23.90 7.37
CA ILE D 293 -29.73 -24.42 6.02
C ILE D 293 -28.33 -24.02 5.57
N LEU D 294 -27.92 -22.81 5.90
CA LEU D 294 -26.57 -22.37 5.52
C LEU D 294 -25.48 -23.24 6.22
N TYR D 295 -25.62 -23.40 7.54
CA TYR D 295 -24.66 -24.20 8.33
C TYR D 295 -24.58 -25.64 7.78
N GLU D 296 -25.72 -26.31 7.58
CA GLU D 296 -25.74 -27.64 6.97
C GLU D 296 -24.97 -27.71 5.64
N GLY D 297 -25.38 -26.88 4.69
CA GLY D 297 -24.76 -26.88 3.36
C GLY D 297 -23.26 -26.64 3.38
N LEU D 298 -22.80 -25.78 4.31
CA LEU D 298 -21.35 -25.50 4.50
C LEU D 298 -20.59 -26.72 5.09
N GLY D 299 -21.15 -27.29 6.17
CA GLY D 299 -20.70 -28.57 6.73
C GLY D 299 -20.50 -29.56 5.57
N LYS D 300 -21.61 -29.92 4.92
CA LYS D 300 -21.52 -30.79 3.74
C LYS D 300 -20.46 -30.44 2.66
N MET D 301 -19.80 -29.29 2.74
CA MET D 301 -18.74 -29.00 1.78
C MET D 301 -17.38 -29.06 2.47
N GLY D 302 -17.43 -29.41 3.77
CA GLY D 302 -16.22 -29.56 4.58
C GLY D 302 -15.63 -28.20 4.90
N LEU D 303 -16.51 -27.19 4.94
CA LEU D 303 -16.10 -25.82 5.19
C LEU D 303 -16.34 -25.41 6.61
N ASP D 304 -15.40 -24.59 7.08
CA ASP D 304 -15.36 -24.13 8.47
C ASP D 304 -15.91 -22.70 8.69
N ILE D 305 -16.59 -22.54 9.83
CA ILE D 305 -17.20 -21.25 10.21
C ILE D 305 -16.37 -20.56 11.30
N PHE D 306 -16.06 -19.28 11.11
CA PHE D 306 -15.17 -18.52 11.98
C PHE D 306 -15.58 -18.55 13.43
N VAL D 307 -16.87 -18.44 13.72
CA VAL D 307 -17.32 -18.57 15.10
C VAL D 307 -17.68 -20.00 15.17
N LYS D 308 -16.75 -20.80 15.71
CA LYS D 308 -16.88 -22.27 15.77
C LYS D 308 -18.14 -22.69 16.54
N ASP D 309 -18.28 -22.18 17.77
CA ASP D 309 -19.38 -22.57 18.66
C ASP D 309 -20.74 -22.03 18.15
N PRO D 310 -21.66 -22.93 17.79
CA PRO D 310 -22.94 -22.45 17.22
C PRO D 310 -23.69 -21.47 18.11
N ARG D 311 -23.58 -21.63 19.44
CA ARG D 311 -24.39 -20.84 20.37
C ARG D 311 -24.05 -19.35 20.34
N HIS D 312 -22.90 -19.04 19.76
CA HIS D 312 -22.37 -17.66 19.76
C HIS D 312 -22.62 -16.93 18.43
N ARG D 313 -23.19 -17.66 17.46
CA ARG D 313 -23.33 -17.17 16.08
C ARG D 313 -24.47 -16.15 15.86
N LEU D 314 -24.12 -15.05 15.22
CA LEU D 314 -25.13 -14.16 14.67
C LEU D 314 -25.66 -14.77 13.37
N PRO D 315 -26.97 -15.06 13.31
CA PRO D 315 -27.59 -15.71 12.12
C PRO D 315 -27.44 -14.92 10.81
N THR D 316 -27.36 -13.59 10.88
CA THR D 316 -27.39 -12.75 9.69
C THR D 316 -26.04 -12.57 9.03
N VAL D 317 -24.94 -12.90 9.71
CA VAL D 317 -23.59 -12.84 9.09
C VAL D 317 -22.77 -14.05 9.53
N THR D 318 -22.21 -14.79 8.55
CA THR D 318 -21.45 -16.01 8.84
C THR D 318 -20.10 -15.93 8.16
N GLY D 319 -19.02 -16.20 8.90
CA GLY D 319 -17.69 -16.20 8.28
C GLY D 319 -17.39 -17.63 7.83
N ILE D 320 -16.96 -17.76 6.59
CA ILE D 320 -16.64 -19.05 6.01
C ILE D 320 -15.13 -19.04 5.75
N MET D 321 -14.38 -19.93 6.43
CA MET D 321 -12.90 -19.87 6.44
C MET D 321 -12.31 -20.30 5.11
N ILE D 322 -11.43 -19.50 4.54
CA ILE D 322 -10.76 -19.84 3.27
C ILE D 322 -9.97 -21.11 3.55
N PRO D 323 -10.27 -22.18 2.80
CA PRO D 323 -9.49 -23.40 3.08
C PRO D 323 -8.05 -23.20 2.60
N LYS D 324 -7.17 -24.07 3.10
CA LYS D 324 -5.72 -23.93 2.99
C LYS D 324 -5.22 -23.51 1.59
N GLY D 325 -5.62 -24.24 0.55
CA GLY D 325 -5.06 -24.01 -0.78
C GLY D 325 -5.51 -22.74 -1.47
N VAL D 326 -6.58 -22.09 -0.98
CA VAL D 326 -7.48 -21.27 -1.83
C VAL D 326 -7.33 -19.74 -1.83
N ASP D 327 -7.45 -19.17 -3.04
CA ASP D 327 -7.50 -17.72 -3.31
C ASP D 327 -8.97 -17.23 -3.25
N TRP D 328 -9.32 -16.56 -2.13
CA TRP D 328 -10.70 -16.17 -1.86
C TRP D 328 -11.22 -15.23 -2.95
N TRP D 329 -10.38 -14.31 -3.39
CA TRP D 329 -10.82 -13.34 -4.35
C TRP D 329 -11.19 -13.99 -5.69
N LYS D 330 -10.60 -15.13 -5.96
CA LYS D 330 -10.78 -15.76 -7.28
C LYS D 330 -12.15 -16.40 -7.33
N VAL D 331 -12.56 -16.93 -6.18
CA VAL D 331 -13.89 -17.48 -5.99
C VAL D 331 -14.96 -16.40 -6.20
N SER D 332 -14.92 -15.33 -5.41
CA SER D 332 -15.80 -14.16 -5.58
C SER D 332 -15.92 -13.62 -7.01
N GLN D 333 -14.82 -13.44 -7.75
CA GLN D 333 -14.94 -12.93 -9.13
C GLN D 333 -15.78 -13.90 -9.92
N TYR D 334 -15.51 -15.17 -9.72
CA TYR D 334 -16.23 -16.17 -10.47
C TYR D 334 -17.74 -16.10 -10.13
N ALA D 335 -18.02 -15.97 -8.83
CA ALA D 335 -19.38 -15.87 -8.34
C ALA D 335 -20.09 -14.69 -8.99
N MET D 336 -19.46 -13.52 -8.94
CA MET D 336 -20.04 -12.33 -9.51
C MET D 336 -20.23 -12.46 -11.03
N ASN D 337 -19.20 -12.87 -11.73
CA ASN D 337 -19.27 -12.95 -13.20
C ASN D 337 -20.22 -13.96 -13.78
N ASN D 338 -20.47 -15.03 -13.02
CA ASN D 338 -21.23 -16.17 -13.53
C ASN D 338 -22.61 -16.30 -12.91
N PHE D 339 -22.79 -15.76 -11.71
CA PHE D 339 -24.06 -15.82 -11.04
C PHE D 339 -24.60 -14.45 -10.58
N SER D 340 -23.76 -13.42 -10.76
CA SER D 340 -24.02 -12.10 -10.18
C SER D 340 -24.20 -12.25 -8.69
N LEU D 341 -23.43 -13.19 -8.13
CA LEU D 341 -23.55 -13.48 -6.74
C LEU D 341 -22.45 -12.76 -5.97
N GLU D 342 -22.85 -12.03 -4.94
CA GLU D 342 -21.96 -11.29 -4.09
C GLU D 342 -21.42 -12.21 -3.01
N VAL D 343 -20.15 -12.54 -3.10
CA VAL D 343 -19.53 -13.34 -2.08
C VAL D 343 -18.43 -12.48 -1.42
N GLN D 344 -18.76 -11.91 -0.26
CA GLN D 344 -17.96 -10.85 0.34
C GLN D 344 -16.71 -11.38 1.01
N GLY D 345 -15.60 -10.63 0.90
CA GLY D 345 -14.38 -10.93 1.63
C GLY D 345 -14.53 -10.65 3.12
N GLY D 346 -13.38 -10.69 3.81
CA GLY D 346 -13.30 -10.54 5.28
C GLY D 346 -13.06 -9.07 5.67
N LEU D 347 -13.17 -8.81 6.98
CA LEU D 347 -13.08 -7.47 7.52
C LEU D 347 -12.63 -7.57 8.97
N GLY D 348 -11.61 -6.79 9.31
CA GLY D 348 -11.07 -6.83 10.67
C GLY D 348 -10.68 -8.27 11.02
N PRO D 349 -11.28 -8.84 12.08
CA PRO D 349 -10.91 -10.19 12.50
C PRO D 349 -10.86 -11.21 11.38
N THR D 350 -11.67 -11.00 10.33
CA THR D 350 -11.81 -12.03 9.31
C THR D 350 -11.05 -11.65 8.08
N PHE D 351 -10.43 -10.48 8.12
CA PHE D 351 -9.68 -10.05 6.95
C PHE D 351 -8.63 -11.06 6.51
N GLY D 352 -8.82 -11.59 5.30
CA GLY D 352 -7.85 -12.54 4.67
C GLY D 352 -8.05 -13.95 5.19
N LYS D 353 -8.90 -14.10 6.22
CA LYS D 353 -9.14 -15.41 6.82
C LYS D 353 -10.49 -16.09 6.50
N ALA D 354 -11.52 -15.31 6.13
CA ALA D 354 -12.84 -15.88 5.72
C ALA D 354 -13.53 -15.05 4.62
N TRP D 355 -14.57 -15.66 4.01
CA TRP D 355 -15.56 -14.88 3.27
C TRP D 355 -16.62 -14.55 4.29
N ARG D 356 -17.57 -13.67 3.92
CA ARG D 356 -18.74 -13.39 4.79
C ARG D 356 -20.03 -13.40 4.00
N VAL D 357 -21.00 -14.12 4.57
CA VAL D 357 -22.34 -14.27 3.99
C VAL D 357 -23.37 -13.63 4.92
N GLY D 358 -24.29 -12.92 4.25
CA GLY D 358 -25.32 -12.21 4.92
C GLY D 358 -26.62 -12.85 4.56
N ILE D 359 -27.48 -12.94 5.57
CA ILE D 359 -28.86 -13.31 5.39
C ILE D 359 -29.66 -12.02 5.74
N MET D 360 -29.82 -11.17 4.72
CA MET D 360 -30.39 -9.85 4.95
C MET D 360 -31.31 -9.36 3.83
N GLY D 361 -32.28 -8.53 4.20
CA GLY D 361 -33.20 -7.96 3.25
C GLY D 361 -33.88 -9.00 2.40
N GLU D 362 -33.91 -8.75 1.09
CA GLU D 362 -34.66 -9.59 0.19
C GLU D 362 -34.12 -11.01 -0.03
N CYS D 363 -32.92 -11.28 0.48
CA CYS D 363 -32.31 -12.60 0.31
C CYS D 363 -32.49 -13.49 1.53
N SER D 364 -33.30 -13.06 2.49
CA SER D 364 -33.58 -13.91 3.65
C SER D 364 -34.63 -15.01 3.37
N THR D 365 -34.47 -15.73 2.27
CA THR D 365 -35.37 -16.85 1.97
C THR D 365 -34.61 -18.15 1.74
N VAL D 366 -35.31 -19.26 1.97
CA VAL D 366 -34.78 -20.61 1.74
C VAL D 366 -34.17 -20.75 0.35
N GLN D 367 -34.92 -20.35 -0.68
CA GLN D 367 -34.40 -20.46 -2.03
C GLN D 367 -33.17 -19.63 -2.26
N LYS D 368 -33.06 -18.54 -1.53
CA LYS D 368 -31.94 -17.68 -1.75
C LYS D 368 -30.68 -18.30 -1.16
N ILE D 369 -30.77 -18.81 0.06
CA ILE D 369 -29.66 -19.57 0.66
C ILE D 369 -29.20 -20.75 -0.22
N GLN D 370 -30.15 -21.51 -0.76
CA GLN D 370 -29.79 -22.62 -1.66
C GLN D 370 -29.01 -22.16 -2.82
N PHE D 371 -29.52 -21.13 -3.49
CA PHE D 371 -28.80 -20.62 -4.61
C PHE D 371 -27.36 -20.24 -4.20
N TYR D 372 -27.23 -19.56 -3.07
CA TYR D 372 -25.92 -19.12 -2.60
C TYR D 372 -25.00 -20.34 -2.55
N LEU D 373 -25.43 -21.36 -1.80
CA LEU D 373 -24.68 -22.62 -1.67
C LEU D 373 -24.31 -23.17 -3.05
N TYR D 374 -25.31 -23.25 -3.92
CA TYR D 374 -25.05 -23.77 -5.26
C TYR D 374 -23.97 -22.95 -5.98
N GLY D 375 -24.13 -21.64 -6.07
CA GLY D 375 -23.17 -20.79 -6.83
C GLY D 375 -21.81 -20.65 -6.14
N PHE D 376 -21.82 -20.66 -4.81
CA PHE D 376 -20.58 -20.69 -4.06
C PHE D 376 -19.77 -21.96 -4.42
N LYS D 377 -20.39 -23.12 -4.18
CA LYS D 377 -19.77 -24.39 -4.55
C LYS D 377 -19.26 -24.32 -5.99
N GLU D 378 -20.14 -24.04 -6.95
CA GLU D 378 -19.71 -24.00 -8.33
C GLU D 378 -18.57 -23.04 -8.54
N SER D 379 -18.51 -22.01 -7.70
CA SER D 379 -17.46 -21.03 -7.86
C SER D 379 -16.12 -21.58 -7.37
N LEU D 380 -16.14 -22.20 -6.19
CA LEU D 380 -14.97 -22.92 -5.66
C LEU D 380 -14.45 -24.02 -6.60
N LYS D 381 -15.37 -24.87 -7.09
CA LYS D 381 -15.11 -26.02 -7.94
C LYS D 381 -14.48 -25.56 -9.25
N ALA D 382 -15.12 -24.63 -9.96
CA ALA D 382 -14.58 -24.15 -11.24
C ALA D 382 -13.24 -23.45 -11.06
N THR D 383 -12.97 -23.00 -9.84
CA THR D 383 -11.89 -22.05 -9.63
C THR D 383 -10.67 -22.69 -8.97
N HIS D 384 -10.91 -23.60 -8.04
CA HIS D 384 -9.87 -24.43 -7.45
C HIS D 384 -10.24 -25.93 -7.71
N PRO D 385 -9.90 -26.46 -8.94
CA PRO D 385 -10.37 -27.81 -9.39
C PRO D 385 -9.88 -28.98 -8.51
N ASP D 386 -8.99 -28.67 -7.55
CA ASP D 386 -8.41 -29.70 -6.72
C ASP D 386 -8.91 -29.69 -5.31
N TYR D 387 -9.88 -28.83 -5.04
CA TYR D 387 -10.43 -28.82 -3.70
C TYR D 387 -11.28 -30.10 -3.50
N ILE D 388 -11.24 -30.66 -2.30
CA ILE D 388 -11.98 -31.90 -1.99
C ILE D 388 -13.18 -31.62 -1.07
N PHE D 389 -14.35 -32.18 -1.40
CA PHE D 389 -15.58 -31.98 -0.63
C PHE D 389 -15.90 -33.16 0.32
N1 PLP E . -26.45 26.46 3.16
C2 PLP E . -27.01 27.31 2.22
C2A PLP E . -26.24 28.47 1.69
C3 PLP E . -28.29 27.10 1.71
O3 PLP E . -28.79 27.85 0.85
C4 PLP E . -29.03 26.01 2.19
C4A PLP E . -30.42 25.84 1.64
C5 PLP E . -28.44 25.17 3.15
C6 PLP E . -27.15 25.40 3.63
C5A PLP E . -29.20 24.02 3.71
O4P PLP E . -28.50 22.89 4.22
P PLP E . -29.27 21.51 4.30
O1P PLP E . -30.59 21.87 4.75
O2P PLP E . -29.17 20.95 2.95
O3P PLP E . -28.50 20.79 5.34
N1 PLP F . 34.32 -18.93 -15.82
C2 PLP F . 34.63 -20.27 -15.99
C2A PLP F . 35.99 -20.73 -16.45
C3 PLP F . 33.69 -21.27 -15.75
O3 PLP F . 33.93 -22.47 -15.87
C4 PLP F . 32.44 -20.95 -15.32
C4A PLP F . 31.53 -22.12 -15.12
C5 PLP F . 32.09 -19.61 -15.17
C6 PLP F . 33.03 -18.60 -15.42
C5A PLP F . 30.69 -19.27 -14.72
O4P PLP F . 30.43 -17.99 -14.09
P PLP F . 29.11 -17.82 -13.16
O1P PLP F . 28.02 -18.49 -13.87
O2P PLP F . 29.45 -18.47 -11.90
O3P PLP F . 29.04 -16.34 -13.11
CA KY1 G . 23.64 -0.66 6.65
CB KY1 G . 25.05 -1.16 6.50
CG KY1 G . 26.61 -3.12 9.51
CD1 KY1 G . 27.65 -2.97 10.44
CE1 KY1 G . 28.44 -1.81 10.43
CZ KY1 G . 28.24 -0.81 9.50
CE2 KY1 G . 27.21 -0.96 8.58
CD2 KY1 G . 26.39 -2.10 8.55
C KY1 G . 23.46 -0.17 8.07
O KY1 G . 23.41 -1.01 8.99
OXT KY1 G . 23.34 1.05 8.29
C1 KY1 G . 25.30 -2.23 7.51
O2 KY1 G . 24.59 -3.24 7.51
N1 KY1 G . 25.84 -4.26 9.52
CA KY1 H . 28.78 -22.94 -16.52
CB KY1 H . 27.71 -21.91 -16.63
CG KY1 H . 24.06 -23.39 -16.89
CD1 KY1 H . 23.09 -23.51 -17.89
CE1 KY1 H . 23.32 -23.04 -19.20
CZ KY1 H . 24.54 -22.45 -19.50
CE2 KY1 H . 25.49 -22.32 -18.50
CD2 KY1 H . 25.29 -22.79 -17.20
C KY1 H . 28.63 -23.87 -17.69
O KY1 H . 27.53 -24.01 -18.28
OXT KY1 H . 29.65 -24.50 -18.04
C1 KY1 H . 26.42 -22.58 -16.21
O2 KY1 H . 26.36 -22.93 -15.03
N1 KY1 H . 23.73 -23.87 -15.65
N1 PLP I . 20.86 1.49 1.01
C2 PLP I . 20.07 1.79 2.09
C2A PLP I . 19.06 2.87 1.99
C3 PLP I . 20.16 1.08 3.29
O3 PLP I . 19.41 1.33 4.25
C4 PLP I . 21.07 0.04 3.44
C4A PLP I . 21.08 -0.64 4.77
C5 PLP I . 21.91 -0.24 2.37
C6 PLP I . 21.79 0.48 1.17
C5A PLP I . 22.90 -1.35 2.49
O4P PLP I . 23.37 -2.00 1.27
P PLP I . 24.16 -3.37 1.37
O1P PLP I . 24.97 -3.27 2.63
O2P PLP I . 23.02 -4.32 1.43
O3P PLP I . 24.89 -3.42 0.07
CA KY1 J . -33.27 26.30 2.85
CB KY1 J . -33.67 25.46 4.01
CG KY1 J . -37.24 23.88 4.34
CD1 KY1 J . -38.29 23.97 5.27
CE1 KY1 J . -38.18 24.76 6.40
CZ KY1 J . -37.02 25.49 6.64
CE2 KY1 J . -35.97 25.42 5.71
CD2 KY1 J . -36.07 24.64 4.56
C KY1 J . -34.10 27.54 3.00
O KY1 J . -35.25 27.44 3.52
OXT KY1 J . -33.57 28.61 2.61
C1 KY1 J . -34.88 24.65 3.64
O2 KY1 J . -34.86 24.00 2.61
N1 KY1 J . -37.43 23.09 3.25
N1 PLP K . -21.69 -1.21 12.65
C2 PLP K . -22.09 -2.56 12.55
C2A PLP K . -22.33 -3.41 13.76
C3 PLP K . -22.26 -3.14 11.28
O3 PLP K . -22.61 -4.32 11.18
C4 PLP K . -22.06 -2.41 10.12
C4A PLP K . -22.24 -3.16 8.82
C5 PLP K . -21.65 -1.08 10.22
C6 PLP K . -21.48 -0.47 11.48
C5A PLP K . -21.41 -0.25 8.97
O4P PLP K . -21.74 1.17 9.08
P PLP K . -22.04 2.03 7.75
O1P PLP K . -21.11 1.54 6.65
O2P PLP K . -23.50 1.70 7.58
O3P PLP K . -21.63 3.39 8.27
CA KY1 L . -19.38 -3.29 6.52
CB KY1 L . -20.26 -2.50 5.58
CG KY1 L . -18.62 -3.46 2.09
CD1 KY1 L . -17.36 -3.63 1.49
CE1 KY1 L . -16.18 -3.46 2.24
CZ KY1 L . -16.28 -3.12 3.58
CE2 KY1 L . -17.54 -2.94 4.17
CD2 KY1 L . -18.72 -3.10 3.46
C KY1 L . -19.44 -4.74 6.19
O KY1 L . -18.56 -5.28 5.48
OXT KY1 L . -20.40 -5.37 6.65
C1 KY1 L . -20.06 -2.89 4.13
O2 KY1 L . -21.09 -3.01 3.48
N1 KY1 L . -19.72 -3.63 1.32
#